data_8JUN
#
_entry.id   8JUN
#
_cell.length_a   1.00
_cell.length_b   1.00
_cell.length_c   1.00
_cell.angle_alpha   90.00
_cell.angle_beta   90.00
_cell.angle_gamma   90.00
#
_symmetry.space_group_name_H-M   'P 1'
#
loop_
_entity.id
_entity.type
_entity.pdbx_description
1 polymer 'SID1 transmembrane family member 1'
2 non-polymer 'ZINC ION'
3 non-polymer '(2S)-3-(hexadecanoyloxy)-2-[(9Z)-octadec-9-enoyloxy]propyl 2-(trimethylammonio)ethyl phosphate'
#
_entity_poly.entity_id   1
_entity_poly.type   'polypeptide(L)'
_entity_poly.pdbx_seq_one_letter_code
;MRGCLRLALLCALPWLLLAASPGHPAKSPRQPPAPRRDPFDAARGADFDHVYSGVVNLSTENIYSFNYTSQPDQVTAVRV
YVNSSSENLNYPVLVVVRQQKEVLSWQVPLLFQGLYQRSYNYQEVSRTLCPSEATNETGPLQQLIFVDVASMAPLGAQYK
LLVTKLKHFQLRTNVAFHFTASPSQPQYFLYKFPKDVDSVIIKVVSEMAYPCSVVSVQNIMCPVYDLDHNVEFNGVYQSM
TKKAAITLQKKDFPGEQFFVVFVIKPEDYACGGSFFIQEKENQTWNLQRKKNLEVTIVPSIKESVYVKSSLFSVFIFLSF
YLGCLLVGFVHYLRFQRKSIDGSFGSNDGSGNMVASHPIAASTPEGSNYGTIDESSSSPGRQMSSSDGGPPGQSDTDSSV
EESDFDTMPDIESDKNIIRTKMFLYLSDLSRKDRRIVSKKYKIYFWNIITIAVFYALPVIQLVITYQTVVNVTGNQDICY
YNFLCAHPLGVLSAFNNILSNLGHVLLGFLFLLIVLRRDILHRRALEAKDIFAVEYGIPKHFGLFYAMGIALMMQGVLSA
CYHVCPNYSNFQFDTSFMYMIAGLCMLKLYQTRHPDINASAYSAYASFAVVIMVTVLGVVFGKNDVWFWVIFSAIHVLAS
LALSTQIYYMGRFKIDLGIFRRAAMVFYTDCIQQCSRPLYMDRMVLLVVGNLVNWSFALFGLIYRPRDFASYMLGIFICN
LLLYLAFYIIMKLRSSEKVLPVPLFCIVATAVMWAAALYFFFQNLSSWEGTPAESREKNRECILLDFFDDHDIWHFLSAT
ALFFSFLVLLTLDDDLDVVRRDQIPVF
;
_entity_poly.pdbx_strand_id   A,B
#
# COMPACT_ATOMS: atom_id res chain seq x y z
N ALA A 42 26.44 -53.69 4.42
CA ALA A 42 27.32 -52.78 5.12
C ALA A 42 27.52 -51.49 4.32
N ALA A 43 28.53 -50.71 4.72
CA ALA A 43 28.80 -49.44 4.05
C ALA A 43 29.46 -49.69 2.70
N ARG A 44 29.08 -48.88 1.72
CA ARG A 44 29.64 -48.96 0.38
C ARG A 44 30.53 -47.73 0.17
N GLY A 45 31.85 -47.95 0.21
CA GLY A 45 32.78 -46.91 -0.16
C GLY A 45 32.46 -46.67 -1.62
N ALA A 46 32.19 -45.42 -1.99
CA ALA A 46 31.66 -45.09 -3.30
C ALA A 46 32.54 -43.97 -3.85
N ASP A 47 32.50 -43.82 -5.16
CA ASP A 47 33.33 -42.87 -5.88
C ASP A 47 32.49 -41.72 -6.40
N PHE A 48 33.12 -40.55 -6.51
CA PHE A 48 32.46 -39.42 -7.11
C PHE A 48 32.40 -39.57 -8.63
N ASP A 49 31.39 -38.95 -9.24
CA ASP A 49 31.19 -38.96 -10.68
C ASP A 49 31.06 -40.38 -11.23
N HIS A 50 30.49 -41.28 -10.43
CA HIS A 50 30.17 -42.63 -10.86
C HIS A 50 28.68 -42.85 -10.68
N VAL A 51 28.04 -43.45 -11.69
CA VAL A 51 26.59 -43.67 -11.66
C VAL A 51 26.34 -45.06 -11.06
N TYR A 52 25.71 -45.07 -9.89
CA TYR A 52 25.34 -46.30 -9.21
C TYR A 52 23.86 -46.57 -9.45
N SER A 53 23.56 -47.71 -10.05
CA SER A 53 22.17 -48.13 -10.24
C SER A 53 21.82 -49.23 -9.25
N GLY A 54 20.59 -49.20 -8.77
CA GLY A 54 20.20 -50.16 -7.76
C GLY A 54 18.71 -50.30 -7.65
N VAL A 55 18.30 -51.28 -6.84
CA VAL A 55 16.89 -51.56 -6.58
C VAL A 55 16.69 -51.63 -5.08
N VAL A 56 15.67 -50.96 -4.57
CA VAL A 56 15.39 -50.92 -3.13
C VAL A 56 13.95 -51.33 -2.88
N ASN A 57 13.75 -52.32 -2.02
CA ASN A 57 12.42 -52.75 -1.60
C ASN A 57 12.30 -52.57 -0.09
N LEU A 58 11.19 -53.05 0.46
CA LEU A 58 10.97 -52.89 1.90
C LEU A 58 12.04 -53.59 2.71
N SER A 59 12.68 -54.61 2.14
CA SER A 59 13.68 -55.39 2.84
C SER A 59 15.08 -54.80 2.73
N THR A 60 15.50 -54.44 1.52
CA THR A 60 16.87 -54.01 1.27
C THR A 60 16.94 -52.49 1.19
N GLU A 61 17.86 -51.90 1.95
CA GLU A 61 18.16 -50.48 1.90
C GLU A 61 19.62 -50.31 1.51
N ASN A 62 19.91 -49.39 0.62
CA ASN A 62 21.25 -49.25 0.05
C ASN A 62 21.96 -48.05 0.64
N ILE A 63 23.17 -48.26 1.16
CA ILE A 63 23.98 -47.19 1.71
C ILE A 63 25.18 -46.97 0.80
N TYR A 64 25.62 -45.71 0.73
CA TYR A 64 26.80 -45.32 -0.02
C TYR A 64 27.61 -44.36 0.82
N SER A 65 28.90 -44.59 0.90
CA SER A 65 29.81 -43.73 1.65
C SER A 65 30.68 -42.94 0.68
N PHE A 66 30.85 -41.65 0.98
CA PHE A 66 31.63 -40.76 0.13
C PHE A 66 32.61 -40.00 1.02
N ASN A 67 33.90 -40.12 0.74
CA ASN A 67 34.95 -39.56 1.56
C ASN A 67 35.70 -38.53 0.74
N TYR A 68 35.91 -37.34 1.30
CA TYR A 68 36.63 -36.34 0.53
C TYR A 68 37.27 -35.34 1.48
N THR A 69 38.34 -34.70 0.99
CA THR A 69 39.08 -33.72 1.77
C THR A 69 38.87 -32.33 1.18
N SER A 70 38.66 -31.35 2.06
CA SER A 70 38.54 -29.95 1.68
C SER A 70 39.78 -29.21 2.16
N GLN A 71 40.45 -28.56 1.23
CA GLN A 71 41.67 -27.85 1.58
C GLN A 71 41.36 -26.41 2.00
N PRO A 72 42.20 -25.81 2.84
CA PRO A 72 41.97 -24.43 3.25
C PRO A 72 42.05 -23.47 2.08
N ASP A 73 41.40 -22.31 2.24
CA ASP A 73 41.29 -21.30 1.19
C ASP A 73 40.73 -21.89 -0.10
N GLN A 74 39.82 -22.85 0.04
CA GLN A 74 39.19 -23.49 -1.10
C GLN A 74 37.87 -24.10 -0.64
N VAL A 75 36.82 -23.89 -1.42
CA VAL A 75 35.48 -24.35 -1.06
C VAL A 75 35.07 -25.46 -2.03
N THR A 76 34.65 -26.59 -1.47
CA THR A 76 34.18 -27.71 -2.26
C THR A 76 32.71 -27.96 -1.95
N ALA A 77 31.88 -27.92 -2.98
CA ALA A 77 30.49 -28.27 -2.86
C ALA A 77 30.25 -29.62 -3.50
N VAL A 78 29.35 -30.39 -2.92
CA VAL A 78 28.99 -31.70 -3.43
C VAL A 78 27.55 -31.63 -3.93
N ARG A 79 27.29 -32.26 -5.06
CA ARG A 79 25.95 -32.33 -5.63
C ARG A 79 25.53 -33.78 -5.76
N VAL A 80 24.32 -34.08 -5.32
CA VAL A 80 23.75 -35.42 -5.36
C VAL A 80 22.60 -35.41 -6.35
N TYR A 81 22.65 -36.30 -7.33
CA TYR A 81 21.58 -36.52 -8.30
C TYR A 81 21.02 -37.91 -8.05
N VAL A 82 19.71 -38.00 -7.94
CA VAL A 82 19.01 -39.27 -7.91
C VAL A 82 17.88 -39.20 -8.93
N ASN A 83 17.81 -40.18 -9.81
CA ASN A 83 16.62 -40.32 -10.63
C ASN A 83 16.05 -41.71 -10.45
N SER A 84 14.76 -41.86 -10.69
CA SER A 84 14.06 -43.11 -10.47
C SER A 84 13.14 -43.39 -11.65
N SER A 85 13.53 -44.34 -12.50
CA SER A 85 12.66 -44.75 -13.60
C SER A 85 11.34 -45.33 -13.09
N SER A 86 11.33 -45.90 -11.89
CA SER A 86 10.10 -46.45 -11.33
C SER A 86 9.06 -45.36 -11.16
N GLU A 87 7.83 -45.66 -11.57
CA GLU A 87 6.73 -44.71 -11.49
C GLU A 87 5.56 -45.37 -10.75
N ASN A 88 5.62 -45.34 -9.42
CA ASN A 88 4.51 -45.77 -8.58
C ASN A 88 4.48 -44.79 -7.42
N LEU A 89 3.66 -43.76 -7.54
CA LEU A 89 3.71 -42.64 -6.61
C LEU A 89 3.26 -43.02 -5.20
N ASN A 90 2.81 -44.25 -4.99
CA ASN A 90 2.50 -44.76 -3.67
C ASN A 90 3.68 -45.43 -3.00
N TYR A 91 4.76 -45.67 -3.73
CA TYR A 91 5.99 -46.22 -3.17
C TYR A 91 7.18 -45.49 -3.77
N PRO A 92 7.38 -44.23 -3.39
CA PRO A 92 8.52 -43.48 -3.91
C PRO A 92 9.84 -43.99 -3.32
N VAL A 93 10.92 -43.54 -3.94
CA VAL A 93 12.26 -43.79 -3.43
C VAL A 93 12.60 -42.67 -2.46
N LEU A 94 13.05 -43.04 -1.27
CA LEU A 94 13.39 -42.07 -0.23
C LEU A 94 14.91 -41.96 -0.15
N VAL A 95 15.41 -40.73 -0.28
CA VAL A 95 16.84 -40.45 -0.29
C VAL A 95 17.18 -39.65 0.94
N VAL A 96 18.20 -40.09 1.68
CA VAL A 96 18.69 -39.41 2.86
C VAL A 96 20.18 -39.16 2.68
N VAL A 97 20.61 -37.92 2.85
CA VAL A 97 22.01 -37.55 2.78
C VAL A 97 22.43 -37.06 4.16
N ARG A 98 23.29 -37.83 4.81
CA ARG A 98 23.78 -37.51 6.15
C ARG A 98 25.18 -36.94 6.06
N GLN A 99 25.35 -35.75 6.59
CA GLN A 99 26.65 -35.12 6.77
C GLN A 99 26.98 -35.11 8.27
N GLN A 100 28.09 -34.47 8.62
CA GLN A 100 28.48 -34.42 10.02
C GLN A 100 27.52 -33.55 10.83
N LYS A 101 27.14 -32.40 10.29
CA LYS A 101 26.36 -31.42 11.03
C LYS A 101 24.96 -31.24 10.47
N GLU A 102 24.53 -32.10 9.56
CA GLU A 102 23.27 -31.84 8.87
C GLU A 102 22.77 -33.10 8.20
N VAL A 103 21.46 -33.16 8.00
CA VAL A 103 20.81 -34.24 7.29
C VAL A 103 19.83 -33.63 6.30
N LEU A 104 19.71 -34.27 5.15
CA LEU A 104 18.82 -33.85 4.07
C LEU A 104 18.05 -35.07 3.60
N SER A 105 16.82 -34.87 3.14
CA SER A 105 16.06 -36.01 2.65
C SER A 105 15.02 -35.53 1.67
N TRP A 106 14.65 -36.43 0.75
CA TRP A 106 13.63 -36.11 -0.23
C TRP A 106 13.09 -37.39 -0.86
N GLN A 107 12.06 -37.23 -1.68
CA GLN A 107 11.45 -38.33 -2.41
C GLN A 107 11.77 -38.20 -3.89
N VAL A 108 11.89 -39.34 -4.56
CA VAL A 108 11.99 -39.40 -6.01
C VAL A 108 10.93 -40.42 -6.46
N PRO A 109 9.94 -40.04 -7.28
CA PRO A 109 9.72 -38.72 -7.89
C PRO A 109 9.29 -37.62 -6.93
N LEU A 110 9.77 -36.42 -7.18
CA LEU A 110 9.39 -35.26 -6.38
C LEU A 110 8.04 -34.73 -6.83
N LEU A 111 7.11 -34.62 -5.91
CA LEU A 111 5.75 -34.19 -6.23
C LEU A 111 5.56 -32.72 -5.91
N PHE A 112 4.92 -32.01 -6.83
CA PHE A 112 4.49 -30.64 -6.63
C PHE A 112 2.99 -30.56 -6.80
N GLN A 113 2.35 -29.71 -6.02
CA GLN A 113 0.93 -29.46 -6.12
C GLN A 113 0.72 -28.04 -6.63
N GLY A 114 0.05 -27.91 -7.78
CA GLY A 114 -0.21 -26.62 -8.37
C GLY A 114 -1.56 -26.06 -7.96
N LEU A 115 -1.82 -24.85 -8.42
CA LEU A 115 -3.15 -24.28 -8.27
C LEU A 115 -4.17 -25.13 -9.03
N TYR A 116 -5.41 -25.10 -8.56
CA TYR A 116 -6.52 -25.81 -9.19
C TYR A 116 -6.28 -27.32 -9.18
N GLN A 117 -5.61 -27.79 -8.13
CA GLN A 117 -5.42 -29.21 -7.86
C GLN A 117 -4.84 -29.95 -9.07
N ARG A 118 -3.75 -29.40 -9.59
CA ARG A 118 -2.96 -30.06 -10.61
C ARG A 118 -1.66 -30.51 -9.98
N SER A 119 -1.24 -31.73 -10.26
CA SER A 119 -0.08 -32.32 -9.61
C SER A 119 0.97 -32.68 -10.64
N TYR A 120 2.22 -32.41 -10.29
CA TYR A 120 3.37 -32.70 -11.14
C TYR A 120 4.32 -33.63 -10.41
N ASN A 121 5.01 -34.47 -11.16
CA ASN A 121 6.03 -35.34 -10.58
C ASN A 121 7.29 -35.27 -11.43
N TYR A 122 8.43 -35.17 -10.76
CA TYR A 122 9.72 -35.03 -11.42
C TYR A 122 10.57 -36.22 -11.05
N GLN A 123 11.03 -36.96 -12.06
CA GLN A 123 11.78 -38.19 -11.82
C GLN A 123 13.26 -37.96 -11.59
N GLU A 124 13.77 -36.75 -11.81
CA GLU A 124 15.17 -36.42 -11.56
C GLU A 124 15.23 -35.35 -10.49
N VAL A 125 15.89 -35.65 -9.37
CA VAL A 125 16.07 -34.71 -8.28
C VAL A 125 17.56 -34.52 -8.06
N SER A 126 17.96 -33.30 -7.73
CA SER A 126 19.36 -33.01 -7.53
C SER A 126 19.49 -31.87 -6.54
N ARG A 127 20.50 -31.96 -5.67
CA ARG A 127 20.70 -30.95 -4.65
C ARG A 127 22.18 -30.78 -4.34
N THR A 128 22.57 -29.55 -4.06
CA THR A 128 23.90 -29.25 -3.56
C THR A 128 23.87 -29.25 -2.04
N LEU A 129 24.82 -29.92 -1.43
CA LEU A 129 24.93 -29.96 0.02
C LEU A 129 25.67 -28.73 0.51
N CYS A 130 25.14 -28.12 1.57
CA CYS A 130 25.73 -26.91 2.12
C CYS A 130 27.16 -27.17 2.55
N PRO A 131 28.15 -26.45 2.00
CA PRO A 131 29.54 -26.78 2.29
C PRO A 131 30.05 -26.09 3.53
N SER A 132 30.91 -26.79 4.26
CA SER A 132 31.67 -26.22 5.36
C SER A 132 33.06 -25.92 4.82
N GLU A 133 33.40 -24.64 4.72
CA GLU A 133 34.61 -24.23 4.03
C GLU A 133 35.81 -24.34 4.97
N ALA A 134 36.89 -24.90 4.46
CA ALA A 134 38.10 -25.14 5.24
C ALA A 134 38.92 -23.86 5.32
N THR A 135 39.37 -23.53 6.53
CA THR A 135 40.13 -22.33 6.80
C THR A 135 41.43 -22.71 7.50
N ASN A 136 42.24 -21.70 7.83
CA ASN A 136 43.51 -21.96 8.49
C ASN A 136 43.31 -22.34 9.96
N GLU A 137 42.13 -22.10 10.54
CA GLU A 137 41.86 -22.63 11.87
C GLU A 137 41.87 -24.15 11.89
N THR A 138 41.53 -24.77 10.77
CA THR A 138 41.24 -26.20 10.75
C THR A 138 42.24 -27.00 9.93
N GLY A 139 42.75 -26.41 8.85
CA GLY A 139 43.58 -27.15 7.92
C GLY A 139 42.73 -28.02 7.01
N PRO A 140 43.34 -29.05 6.42
CA PRO A 140 42.59 -29.95 5.54
C PRO A 140 41.52 -30.70 6.33
N LEU A 141 40.26 -30.45 5.99
CA LEU A 141 39.13 -31.05 6.67
C LEU A 141 38.72 -32.33 5.96
N GLN A 142 38.73 -33.45 6.69
CA GLN A 142 38.26 -34.71 6.17
C GLN A 142 36.74 -34.80 6.39
N GLN A 143 36.01 -35.08 5.32
CA GLN A 143 34.55 -35.03 5.34
C GLN A 143 34.01 -36.36 4.87
N LEU A 144 33.03 -36.88 5.60
CA LEU A 144 32.33 -38.11 5.24
C LEU A 144 30.88 -37.78 4.95
N ILE A 145 30.30 -38.47 3.98
CA ILE A 145 28.93 -38.25 3.57
C ILE A 145 28.28 -39.60 3.32
N PHE A 146 27.09 -39.80 3.89
CA PHE A 146 26.35 -41.03 3.67
C PHE A 146 25.12 -40.75 2.83
N VAL A 147 24.84 -41.65 1.90
CA VAL A 147 23.62 -41.56 1.09
C VAL A 147 22.85 -42.86 1.27
N ASP A 148 21.67 -42.75 1.86
CA ASP A 148 20.74 -43.86 2.05
C ASP A 148 19.67 -43.78 0.99
N VAL A 149 19.44 -44.89 0.29
CA VAL A 149 18.32 -45.05 -0.62
C VAL A 149 17.43 -46.14 -0.06
N ALA A 150 16.15 -45.85 0.11
CA ALA A 150 15.22 -46.80 0.68
C ALA A 150 13.90 -46.72 -0.07
N SER A 151 13.03 -47.71 0.18
CA SER A 151 11.70 -47.74 -0.40
C SER A 151 10.90 -48.81 0.30
N MET A 152 9.59 -48.62 0.36
CA MET A 152 8.68 -49.60 0.93
C MET A 152 7.94 -50.40 -0.13
N ALA A 153 8.37 -50.32 -1.39
CA ALA A 153 7.72 -51.07 -2.45
C ALA A 153 7.88 -52.56 -2.20
N PRO A 154 6.83 -53.36 -2.42
CA PRO A 154 6.96 -54.82 -2.28
C PRO A 154 8.04 -55.40 -3.17
N LEU A 155 7.95 -55.15 -4.47
CA LEU A 155 9.05 -55.41 -5.39
C LEU A 155 9.71 -54.07 -5.67
N GLY A 156 11.03 -54.03 -5.49
CA GLY A 156 11.72 -52.77 -5.27
C GLY A 156 11.59 -51.76 -6.40
N ALA A 157 11.92 -50.52 -6.09
CA ALA A 157 12.01 -49.47 -7.08
C ALA A 157 13.44 -49.34 -7.58
N GLN A 158 13.57 -49.01 -8.86
CA GLN A 158 14.86 -48.81 -9.51
C GLN A 158 15.30 -47.36 -9.34
N TYR A 159 16.60 -47.15 -9.16
CA TYR A 159 17.13 -45.82 -8.97
C TYR A 159 18.54 -45.73 -9.52
N LYS A 160 18.93 -44.50 -9.87
CA LYS A 160 20.29 -44.16 -10.24
C LYS A 160 20.75 -43.00 -9.37
N LEU A 161 21.99 -43.11 -8.89
CA LEU A 161 22.61 -42.17 -7.97
C LEU A 161 23.94 -41.70 -8.55
N LEU A 162 24.19 -40.39 -8.46
CA LEU A 162 25.45 -39.82 -8.92
C LEU A 162 25.84 -38.69 -7.99
N VAL A 163 27.02 -38.77 -7.41
CA VAL A 163 27.52 -37.75 -6.48
C VAL A 163 28.77 -37.15 -7.09
N THR A 164 28.76 -35.84 -7.28
CA THR A 164 29.86 -35.14 -7.93
C THR A 164 30.34 -33.99 -7.06
N LYS A 165 31.56 -33.53 -7.33
CA LYS A 165 32.07 -32.30 -6.77
C LYS A 165 31.89 -31.18 -7.79
N LEU A 166 31.27 -30.09 -7.36
CA LEU A 166 31.03 -28.96 -8.25
C LEU A 166 32.35 -28.27 -8.57
N LYS A 167 32.69 -28.23 -9.86
CA LYS A 167 33.94 -27.60 -10.27
C LYS A 167 33.87 -26.09 -10.18
N HIS A 168 32.68 -25.52 -10.35
CA HIS A 168 32.50 -24.08 -10.47
C HIS A 168 31.50 -23.58 -9.45
N PHE A 169 31.68 -23.99 -8.19
CA PHE A 169 30.76 -23.55 -7.15
C PHE A 169 30.93 -22.07 -6.84
N GLN A 170 32.14 -21.54 -6.94
CA GLN A 170 32.40 -20.15 -6.62
C GLN A 170 32.32 -19.28 -7.88
N LEU A 171 31.55 -18.22 -7.80
CA LEU A 171 31.43 -17.28 -8.90
C LEU A 171 32.53 -16.23 -8.80
N ARG A 172 33.00 -15.78 -9.97
CA ARG A 172 34.04 -14.78 -10.06
C ARG A 172 33.44 -13.45 -10.50
N THR A 173 34.12 -12.36 -10.13
CA THR A 173 33.63 -11.03 -10.46
C THR A 173 33.75 -10.79 -11.95
N ASN A 174 32.67 -10.31 -12.55
CA ASN A 174 32.55 -9.89 -13.95
C ASN A 174 32.63 -11.05 -14.94
N VAL A 175 32.75 -12.29 -14.47
CA VAL A 175 32.76 -13.45 -15.35
C VAL A 175 31.35 -14.01 -15.41
N ALA A 176 30.81 -14.13 -16.62
CA ALA A 176 29.48 -14.71 -16.79
C ALA A 176 29.56 -16.22 -16.67
N PHE A 177 28.58 -16.79 -15.96
CA PHE A 177 28.53 -18.23 -15.72
C PHE A 177 27.19 -18.75 -16.19
N HIS A 178 27.22 -19.78 -17.04
CA HIS A 178 26.01 -20.39 -17.59
C HIS A 178 25.74 -21.71 -16.89
N PHE A 179 24.48 -21.96 -16.55
CA PHE A 179 24.09 -23.19 -15.90
C PHE A 179 22.63 -23.47 -16.22
N THR A 180 22.13 -24.59 -15.71
CA THR A 180 20.76 -25.00 -15.93
C THR A 180 20.14 -25.39 -14.59
N ALA A 181 18.90 -24.98 -14.37
CA ALA A 181 18.18 -25.34 -13.16
C ALA A 181 16.85 -25.96 -13.55
N SER A 182 16.12 -26.42 -12.54
CA SER A 182 14.89 -27.17 -12.74
C SER A 182 14.09 -27.10 -11.44
N PRO A 183 12.77 -27.31 -11.51
CA PRO A 183 11.99 -27.28 -10.26
C PRO A 183 12.41 -28.34 -9.26
N SER A 184 12.92 -29.48 -9.72
CA SER A 184 13.42 -30.51 -8.84
C SER A 184 14.93 -30.50 -8.73
N GLN A 185 15.61 -29.55 -9.36
CA GLN A 185 17.07 -29.47 -9.33
C GLN A 185 17.48 -28.02 -9.12
N PRO A 186 17.29 -27.48 -7.92
CA PRO A 186 17.72 -26.11 -7.65
C PRO A 186 19.22 -25.99 -7.64
N GLN A 187 19.70 -24.77 -7.84
CA GLN A 187 21.12 -24.52 -7.88
C GLN A 187 21.47 -23.39 -6.92
N TYR A 188 22.73 -23.35 -6.49
CA TYR A 188 23.20 -22.18 -5.77
C TYR A 188 24.72 -22.18 -5.80
N PHE A 189 25.27 -20.97 -5.73
CA PHE A 189 26.70 -20.76 -5.91
C PHE A 189 27.18 -19.77 -4.86
N LEU A 190 28.48 -19.74 -4.66
CA LEU A 190 29.11 -18.90 -3.65
C LEU A 190 29.78 -17.71 -4.31
N TYR A 191 29.67 -16.54 -3.68
CA TYR A 191 30.42 -15.36 -4.09
C TYR A 191 31.07 -14.73 -2.88
N LYS A 192 32.36 -14.44 -3.00
CA LYS A 192 33.11 -13.71 -1.98
C LYS A 192 33.39 -12.31 -2.49
N PHE A 193 33.06 -11.31 -1.70
CA PHE A 193 33.33 -9.93 -2.07
C PHE A 193 34.83 -9.71 -2.17
N PRO A 194 35.33 -9.11 -3.24
CA PRO A 194 36.74 -8.74 -3.29
C PRO A 194 37.06 -7.70 -2.24
N LYS A 195 38.35 -7.51 -1.98
CA LYS A 195 38.77 -6.66 -0.87
C LYS A 195 38.50 -5.18 -1.14
N ASP A 196 38.34 -4.77 -2.39
CA ASP A 196 38.08 -3.38 -2.70
C ASP A 196 36.65 -3.09 -3.10
N VAL A 197 35.92 -4.09 -3.62
CA VAL A 197 34.52 -3.91 -3.98
C VAL A 197 33.67 -3.84 -2.73
N ASP A 198 32.82 -2.83 -2.64
CA ASP A 198 31.94 -2.64 -1.50
C ASP A 198 30.47 -2.86 -1.84
N SER A 199 30.15 -3.14 -3.10
CA SER A 199 28.77 -3.36 -3.51
C SER A 199 28.80 -4.00 -4.88
N VAL A 200 27.86 -4.92 -5.12
CA VAL A 200 27.80 -5.64 -6.38
C VAL A 200 26.35 -5.69 -6.85
N ILE A 201 26.20 -6.04 -8.13
CA ILE A 201 24.90 -6.32 -8.73
C ILE A 201 24.97 -7.71 -9.32
N ILE A 202 24.03 -8.57 -8.93
CA ILE A 202 23.86 -9.88 -9.52
C ILE A 202 22.85 -9.74 -10.65
N LYS A 203 23.32 -9.89 -11.87
CA LYS A 203 22.50 -9.81 -13.07
C LYS A 203 22.31 -11.20 -13.62
N VAL A 204 21.07 -11.66 -13.66
CA VAL A 204 20.72 -13.00 -14.14
C VAL A 204 19.90 -12.84 -15.40
N VAL A 205 20.24 -13.60 -16.42
CA VAL A 205 19.64 -13.47 -17.75
C VAL A 205 19.24 -14.85 -18.24
N SER A 206 18.06 -14.93 -18.83
CA SER A 206 17.62 -16.11 -19.56
C SER A 206 16.93 -15.67 -20.83
N GLU A 207 17.00 -16.49 -21.87
CA GLU A 207 16.43 -16.12 -23.15
C GLU A 207 14.94 -16.40 -23.25
N MET A 208 14.41 -17.33 -22.49
CA MET A 208 12.99 -17.61 -22.48
C MET A 208 12.38 -17.15 -21.16
N ALA A 209 11.15 -16.67 -21.22
CA ALA A 209 10.49 -16.15 -20.03
C ALA A 209 10.10 -17.27 -19.07
N TYR A 210 9.82 -18.45 -19.59
CA TYR A 210 9.35 -19.52 -18.74
C TYR A 210 10.34 -20.67 -18.75
N PRO A 211 10.47 -21.41 -17.65
CA PRO A 211 9.71 -21.36 -16.40
C PRO A 211 9.94 -20.14 -15.53
N CYS A 212 8.92 -19.76 -14.77
CA CYS A 212 9.08 -18.74 -13.74
C CYS A 212 10.08 -19.22 -12.70
N SER A 213 10.88 -18.28 -12.17
CA SER A 213 12.01 -18.63 -11.33
C SER A 213 12.10 -17.66 -10.17
N VAL A 214 12.95 -17.99 -9.20
CA VAL A 214 13.26 -17.12 -8.09
C VAL A 214 14.78 -17.09 -7.92
N VAL A 215 15.33 -15.89 -7.80
CA VAL A 215 16.73 -15.68 -7.49
C VAL A 215 16.82 -15.11 -6.09
N SER A 216 17.53 -15.80 -5.22
CA SER A 216 17.62 -15.42 -3.81
C SER A 216 19.08 -15.22 -3.43
N VAL A 217 19.32 -14.32 -2.50
CA VAL A 217 20.64 -14.07 -1.94
C VAL A 217 20.55 -14.32 -0.45
N GLN A 218 21.35 -15.26 0.03
CA GLN A 218 21.34 -15.70 1.43
C GLN A 218 22.75 -15.66 1.97
N ASN A 219 22.88 -15.67 3.29
CA ASN A 219 24.21 -15.77 3.85
C ASN A 219 24.70 -17.21 3.78
N ILE A 220 25.99 -17.41 4.05
CA ILE A 220 26.63 -18.68 3.75
C ILE A 220 26.51 -19.66 4.90
N MET A 221 25.81 -19.28 5.96
CA MET A 221 25.60 -20.17 7.09
C MET A 221 24.52 -21.18 6.75
N CYS A 222 24.79 -22.45 7.03
CA CYS A 222 23.86 -23.50 6.68
C CYS A 222 22.66 -23.50 7.64
N PRO A 223 21.49 -23.95 7.18
CA PRO A 223 21.20 -24.52 5.86
C PRO A 223 20.92 -23.49 4.78
N VAL A 224 21.00 -23.92 3.53
CA VAL A 224 20.58 -23.11 2.41
C VAL A 224 19.11 -23.41 2.14
N TYR A 225 18.32 -22.37 1.96
CA TYR A 225 16.90 -22.52 1.69
C TYR A 225 16.71 -22.47 0.18
N ASP A 226 16.76 -23.65 -0.44
CA ASP A 226 16.74 -23.77 -1.89
C ASP A 226 15.52 -24.54 -2.38
N LEU A 227 14.44 -24.56 -1.63
CA LEU A 227 13.22 -25.22 -2.03
C LEU A 227 12.14 -24.20 -2.30
N ASP A 228 11.12 -24.63 -3.02
CA ASP A 228 10.02 -23.75 -3.38
C ASP A 228 9.39 -23.12 -2.15
N HIS A 229 9.32 -23.85 -1.04
CA HIS A 229 8.59 -23.42 0.13
C HIS A 229 9.43 -22.66 1.15
N ASN A 230 10.73 -22.46 0.90
CA ASN A 230 11.52 -21.72 1.89
C ASN A 230 12.53 -20.73 1.29
N VAL A 231 12.52 -20.50 -0.02
CA VAL A 231 13.49 -19.55 -0.58
C VAL A 231 13.20 -18.13 -0.13
N GLU A 232 11.94 -17.78 0.06
CA GLU A 232 11.56 -16.43 0.40
C GLU A 232 11.54 -16.18 1.89
N PHE A 233 12.23 -17.01 2.67
CA PHE A 233 12.22 -16.86 4.12
C PHE A 233 13.32 -15.93 4.62
N ASN A 234 14.53 -16.09 4.12
CA ASN A 234 15.66 -15.22 4.45
C ASN A 234 16.22 -14.60 3.19
N GLY A 235 17.19 -13.71 3.39
CA GLY A 235 17.85 -13.07 2.28
C GLY A 235 16.94 -12.16 1.49
N VAL A 236 17.40 -11.82 0.30
CA VAL A 236 16.64 -10.96 -0.61
C VAL A 236 16.38 -11.74 -1.88
N TYR A 237 15.16 -11.66 -2.40
CA TYR A 237 14.81 -12.47 -3.55
C TYR A 237 14.06 -11.64 -4.58
N GLN A 238 14.08 -12.13 -5.81
CA GLN A 238 13.35 -11.55 -6.92
C GLN A 238 12.78 -12.68 -7.75
N SER A 239 11.50 -12.58 -8.10
CA SER A 239 10.93 -13.46 -9.11
C SER A 239 11.45 -13.03 -10.47
N MET A 240 11.69 -14.02 -11.33
CA MET A 240 12.36 -13.75 -12.59
C MET A 240 11.77 -14.61 -13.69
N THR A 241 11.45 -13.99 -14.81
CA THR A 241 11.18 -14.72 -16.05
C THR A 241 12.43 -14.78 -16.91
N LYS A 242 12.96 -13.63 -17.31
CA LYS A 242 14.18 -13.62 -18.10
C LYS A 242 15.18 -12.56 -17.66
N LYS A 243 14.91 -11.80 -16.60
CA LYS A 243 15.85 -10.80 -16.13
C LYS A 243 15.71 -10.65 -14.64
N ALA A 244 16.84 -10.62 -13.93
CA ALA A 244 16.88 -10.27 -12.52
C ALA A 244 18.13 -9.44 -12.28
N ALA A 245 18.07 -8.58 -11.27
CA ALA A 245 19.21 -7.73 -10.93
C ALA A 245 19.08 -7.33 -9.48
N ILE A 246 19.94 -7.88 -8.63
CA ILE A 246 19.90 -7.65 -7.19
C ILE A 246 21.15 -6.89 -6.78
N THR A 247 20.96 -5.77 -6.09
CA THR A 247 22.06 -4.94 -5.62
C THR A 247 22.34 -5.26 -4.16
N LEU A 248 23.61 -5.50 -3.84
CA LEU A 248 24.01 -5.92 -2.50
C LEU A 248 25.18 -5.09 -2.01
N GLN A 249 25.12 -4.70 -0.74
CA GLN A 249 26.20 -4.01 -0.07
C GLN A 249 27.05 -5.00 0.71
N LYS A 250 28.35 -4.80 0.69
CA LYS A 250 29.26 -5.70 1.39
C LYS A 250 29.01 -5.70 2.89
N LYS A 251 28.48 -4.60 3.44
CA LYS A 251 28.30 -4.49 4.88
C LYS A 251 27.13 -5.31 5.40
N ASP A 252 26.26 -5.79 4.51
CA ASP A 252 25.10 -6.57 4.93
C ASP A 252 25.42 -8.03 5.15
N PHE A 253 26.66 -8.45 4.91
CA PHE A 253 27.00 -9.88 4.87
C PHE A 253 28.22 -10.14 5.76
N PRO A 254 28.07 -10.95 6.80
CA PRO A 254 29.22 -11.30 7.64
C PRO A 254 30.13 -12.26 6.91
N GLY A 255 31.42 -11.95 6.91
CA GLY A 255 32.38 -12.75 6.16
C GLY A 255 32.55 -12.35 4.72
N GLU A 256 31.79 -11.36 4.25
CA GLU A 256 31.90 -10.84 2.89
C GLU A 256 31.63 -11.92 1.85
N GLN A 257 30.63 -12.77 2.14
CA GLN A 257 30.28 -13.88 1.29
C GLN A 257 28.77 -14.00 1.23
N PHE A 258 28.27 -14.59 0.15
CA PHE A 258 26.87 -14.96 0.12
C PHE A 258 26.66 -16.10 -0.86
N PHE A 259 25.49 -16.72 -0.74
CA PHE A 259 25.01 -17.71 -1.69
C PHE A 259 23.97 -17.08 -2.59
N VAL A 260 24.08 -17.35 -3.88
CA VAL A 260 23.05 -17.01 -4.86
C VAL A 260 22.32 -18.29 -5.19
N VAL A 261 21.01 -18.31 -4.92
CA VAL A 261 20.19 -19.49 -5.03
C VAL A 261 19.21 -19.28 -6.18
N PHE A 262 19.06 -20.30 -7.02
CA PHE A 262 18.19 -20.28 -8.18
C PHE A 262 17.21 -21.42 -8.04
N VAL A 263 15.93 -21.08 -7.88
CA VAL A 263 14.88 -22.06 -7.63
C VAL A 263 13.79 -21.89 -8.69
N ILE A 264 13.54 -22.94 -9.44
CA ILE A 264 12.56 -22.89 -10.51
C ILE A 264 11.20 -23.30 -9.94
N LYS A 265 10.19 -22.53 -10.28
CA LYS A 265 8.86 -22.79 -9.74
C LYS A 265 8.15 -23.86 -10.58
N PRO A 266 7.25 -24.63 -9.96
CA PRO A 266 6.54 -25.66 -10.71
C PRO A 266 5.47 -25.12 -11.64
N GLU A 267 5.03 -23.88 -11.45
CA GLU A 267 4.05 -23.26 -12.33
C GLU A 267 4.46 -21.83 -12.59
N ASP A 268 3.71 -21.15 -13.46
CA ASP A 268 4.08 -19.82 -13.93
C ASP A 268 3.06 -18.77 -13.51
N TYR A 269 2.25 -19.05 -12.49
CA TYR A 269 1.20 -18.10 -12.10
C TYR A 269 1.79 -16.83 -11.50
N ALA A 270 2.83 -16.96 -10.68
CA ALA A 270 3.41 -15.79 -10.05
C ALA A 270 4.13 -14.88 -11.03
N CYS A 271 4.44 -15.38 -12.23
CA CYS A 271 5.14 -14.60 -13.24
C CYS A 271 4.23 -14.18 -14.38
N GLY A 272 2.93 -14.35 -14.24
CA GLY A 272 1.99 -13.94 -15.26
C GLY A 272 1.63 -15.00 -16.28
N GLY A 273 2.02 -16.25 -16.05
CA GLY A 273 1.68 -17.34 -16.93
C GLY A 273 0.55 -18.18 -16.38
N SER A 274 0.53 -19.46 -16.78
CA SER A 274 -0.53 -20.37 -16.35
C SER A 274 0.05 -21.63 -15.73
N PHE A 275 -0.82 -22.63 -15.52
CA PHE A 275 -0.41 -23.86 -14.85
C PHE A 275 0.81 -24.48 -15.51
N PHE A 276 0.79 -24.61 -16.83
CA PHE A 276 1.93 -25.18 -17.52
C PHE A 276 1.98 -24.52 -18.90
N ILE A 277 2.74 -23.43 -18.99
CA ILE A 277 2.96 -22.71 -20.23
C ILE A 277 4.40 -22.82 -20.70
N GLN A 278 5.20 -23.67 -20.08
CA GLN A 278 6.54 -23.99 -20.54
C GLN A 278 6.50 -25.38 -21.17
N GLU A 279 6.48 -25.41 -22.51
CA GLU A 279 6.53 -26.66 -23.27
C GLU A 279 7.98 -26.97 -23.61
N LYS A 280 8.55 -27.95 -22.90
CA LYS A 280 9.89 -28.45 -23.19
C LYS A 280 9.89 -29.88 -23.67
N GLU A 281 9.16 -30.76 -23.00
CA GLU A 281 9.35 -32.19 -23.10
C GLU A 281 8.05 -32.89 -23.46
N ASN A 282 8.15 -34.21 -23.58
CA ASN A 282 6.99 -35.05 -23.84
C ASN A 282 6.14 -35.16 -22.59
N GLN A 283 4.82 -35.26 -22.76
CA GLN A 283 3.92 -35.50 -21.64
C GLN A 283 3.61 -37.01 -21.51
N THR A 284 4.68 -37.80 -21.45
CA THR A 284 4.62 -39.24 -21.24
C THR A 284 5.62 -39.54 -20.11
N TRP A 285 5.10 -39.62 -18.87
CA TRP A 285 5.81 -40.04 -17.66
C TRP A 285 7.19 -39.41 -17.51
N ASN A 286 7.42 -38.26 -18.12
CA ASN A 286 8.71 -37.58 -18.04
C ASN A 286 8.51 -36.06 -18.10
N LEU A 287 8.98 -35.37 -17.06
CA LEU A 287 8.65 -33.98 -16.83
C LEU A 287 9.89 -33.22 -16.38
N GLN A 288 10.30 -32.23 -17.15
CA GLN A 288 11.36 -31.31 -16.76
C GLN A 288 10.98 -29.90 -17.18
N ARG A 289 11.28 -28.93 -16.33
CA ARG A 289 11.11 -27.53 -16.65
C ARG A 289 12.47 -26.84 -16.65
N LYS A 290 13.41 -27.45 -17.35
CA LYS A 290 14.77 -26.94 -17.42
C LYS A 290 14.77 -25.46 -17.81
N LYS A 291 15.56 -24.68 -17.09
CA LYS A 291 15.74 -23.27 -17.38
C LYS A 291 17.23 -23.00 -17.52
N ASN A 292 17.61 -22.38 -18.64
CA ASN A 292 18.98 -22.00 -18.88
C ASN A 292 19.20 -20.60 -18.32
N LEU A 293 20.20 -20.45 -17.46
CA LEU A 293 20.44 -19.22 -16.74
C LEU A 293 21.89 -18.80 -16.93
N GLU A 294 22.11 -17.49 -16.96
CA GLU A 294 23.45 -16.92 -17.00
C GLU A 294 23.54 -15.86 -15.93
N VAL A 295 24.48 -16.00 -15.03
CA VAL A 295 24.62 -15.07 -13.91
C VAL A 295 25.96 -14.36 -14.02
N THR A 296 25.94 -13.06 -13.78
CA THR A 296 27.15 -12.25 -13.72
C THR A 296 27.08 -11.36 -12.50
N ILE A 297 28.14 -11.33 -11.72
CA ILE A 297 28.20 -10.49 -10.53
C ILE A 297 29.19 -9.38 -10.83
N VAL A 298 28.68 -8.16 -10.98
CA VAL A 298 29.49 -7.04 -11.43
C VAL A 298 29.60 -6.00 -10.33
N PRO A 299 30.74 -5.35 -10.15
CA PRO A 299 30.83 -4.30 -9.13
C PRO A 299 30.01 -3.09 -9.52
N SER A 300 29.48 -2.41 -8.51
CA SER A 300 28.67 -1.23 -8.76
C SER A 300 29.55 -0.01 -9.00
N ILE A 301 28.90 1.09 -9.35
CA ILE A 301 29.59 2.34 -9.57
C ILE A 301 30.14 2.89 -8.25
N LYS A 302 31.22 3.65 -8.34
CA LYS A 302 31.81 4.26 -7.17
C LYS A 302 31.03 5.51 -6.77
N GLU A 303 31.40 6.09 -5.63
CA GLU A 303 30.78 7.35 -5.21
C GLU A 303 31.19 8.50 -6.11
N SER A 304 32.32 8.37 -6.82
CA SER A 304 32.69 9.38 -7.81
C SER A 304 31.59 9.55 -8.85
N VAL A 305 30.95 8.45 -9.24
CA VAL A 305 29.86 8.54 -10.22
C VAL A 305 28.67 9.28 -9.62
N TYR A 306 28.36 9.01 -8.35
CA TYR A 306 27.29 9.76 -7.68
C TYR A 306 27.58 11.25 -7.68
N VAL A 307 28.81 11.62 -7.31
CA VAL A 307 29.17 13.04 -7.23
C VAL A 307 29.09 13.69 -8.60
N LYS A 308 29.67 13.04 -9.61
CA LYS A 308 29.69 13.59 -10.95
C LYS A 308 28.29 13.75 -11.50
N SER A 309 27.41 12.77 -11.23
CA SER A 309 26.06 12.85 -11.76
C SER A 309 25.22 13.91 -11.04
N SER A 310 25.39 14.06 -9.73
CA SER A 310 24.69 15.13 -9.03
C SER A 310 25.17 16.49 -9.50
N LEU A 311 26.48 16.64 -9.73
CA LEU A 311 27.00 17.90 -10.24
C LEU A 311 26.44 18.21 -11.61
N PHE A 312 26.41 17.22 -12.50
CA PHE A 312 25.83 17.41 -13.82
C PHE A 312 24.37 17.83 -13.72
N SER A 313 23.61 17.10 -12.91
CA SER A 313 22.18 17.36 -12.78
C SER A 313 21.90 18.75 -12.23
N VAL A 314 22.76 19.25 -11.34
CA VAL A 314 22.55 20.59 -10.82
C VAL A 314 23.00 21.64 -11.82
N PHE A 315 24.13 21.41 -12.49
CA PHE A 315 24.73 22.46 -13.31
C PHE A 315 24.02 22.64 -14.63
N ILE A 316 23.46 21.59 -15.22
CA ILE A 316 22.75 21.78 -16.49
C ILE A 316 21.56 22.70 -16.30
N PHE A 317 20.94 22.68 -15.12
CA PHE A 317 19.77 23.51 -14.88
C PHE A 317 20.11 24.82 -14.20
N LEU A 318 21.28 24.94 -13.57
CA LEU A 318 21.75 26.26 -13.15
C LEU A 318 22.31 27.04 -14.31
N SER A 319 22.72 26.38 -15.39
CA SER A 319 23.09 27.11 -16.60
C SER A 319 21.90 27.86 -17.16
N PHE A 320 20.68 27.37 -16.91
CA PHE A 320 19.50 28.12 -17.31
C PHE A 320 19.42 29.44 -16.57
N TYR A 321 19.58 29.41 -15.25
CA TYR A 321 19.61 30.64 -14.45
C TYR A 321 20.69 31.58 -14.96
N LEU A 322 21.90 31.04 -15.17
CA LEU A 322 23.01 31.89 -15.60
C LEU A 322 22.72 32.56 -16.93
N GLY A 323 22.33 31.76 -17.93
CA GLY A 323 22.03 32.32 -19.24
C GLY A 323 20.91 33.32 -19.20
N CYS A 324 19.83 33.00 -18.47
CA CYS A 324 18.69 33.91 -18.40
C CYS A 324 19.09 35.24 -17.79
N LEU A 325 19.72 35.23 -16.61
CA LEU A 325 20.08 36.48 -15.97
C LEU A 325 21.07 37.26 -16.83
N LEU A 326 22.05 36.57 -17.43
CA LEU A 326 23.06 37.29 -18.17
C LEU A 326 22.47 37.93 -19.43
N VAL A 327 21.67 37.18 -20.18
CA VAL A 327 21.13 37.75 -21.41
C VAL A 327 20.12 38.85 -21.07
N GLY A 328 19.39 38.71 -19.97
CA GLY A 328 18.47 39.77 -19.58
C GLY A 328 19.19 41.03 -19.20
N PHE A 329 20.34 40.90 -18.53
CA PHE A 329 21.07 42.09 -18.11
C PHE A 329 21.89 42.73 -19.22
N VAL A 330 22.25 41.99 -20.27
CA VAL A 330 22.81 42.72 -21.41
C VAL A 330 21.70 43.32 -22.26
N HIS A 331 20.51 42.70 -22.30
CA HIS A 331 19.39 43.33 -22.98
C HIS A 331 18.99 44.63 -22.28
N TYR A 332 19.08 44.65 -20.95
CA TYR A 332 18.83 45.87 -20.19
C TYR A 332 19.82 46.97 -20.56
N LEU A 333 21.01 46.61 -21.04
CA LEU A 333 21.97 47.60 -21.50
C LEU A 333 21.61 48.19 -22.86
N ARG A 334 20.56 47.69 -23.50
CA ARG A 334 20.13 48.13 -24.82
C ARG A 334 21.27 47.99 -25.84
N LYS A 439 -1.40 42.10 -3.65
CA LYS A 439 -1.40 41.47 -4.96
C LYS A 439 -2.61 40.56 -5.13
N LYS A 440 -3.27 40.69 -6.28
CA LYS A 440 -4.40 39.83 -6.60
C LYS A 440 -3.98 38.39 -6.87
N TYR A 441 -2.68 38.16 -7.13
CA TYR A 441 -2.20 36.85 -7.53
C TYR A 441 -1.92 35.93 -6.35
N LYS A 442 -1.85 36.48 -5.13
CA LYS A 442 -1.47 35.70 -3.96
C LYS A 442 -2.31 34.44 -3.83
N ILE A 443 -3.64 34.59 -3.90
CA ILE A 443 -4.54 33.46 -3.73
C ILE A 443 -4.21 32.35 -4.73
N TYR A 444 -3.79 32.74 -5.95
CA TYR A 444 -3.43 31.74 -6.96
C TYR A 444 -2.41 30.76 -6.43
N PHE A 445 -1.37 31.25 -5.75
CA PHE A 445 -0.45 30.37 -5.04
C PHE A 445 -1.22 29.40 -4.16
N TRP A 446 -1.98 29.95 -3.20
CA TRP A 446 -2.75 29.13 -2.28
C TRP A 446 -3.71 28.19 -3.00
N ASN A 447 -3.98 28.40 -4.29
CA ASN A 447 -4.83 27.47 -5.00
C ASN A 447 -4.08 26.18 -5.29
N ILE A 448 -2.88 26.28 -5.88
CA ILE A 448 -2.23 25.07 -6.36
C ILE A 448 -1.64 24.27 -5.21
N ILE A 449 -0.94 24.95 -4.29
CA ILE A 449 -0.28 24.28 -3.18
C ILE A 449 -1.26 23.38 -2.44
N THR A 450 -2.41 23.94 -2.04
CA THR A 450 -3.44 23.16 -1.37
C THR A 450 -3.81 21.92 -2.18
N ILE A 451 -4.10 22.12 -3.47
CA ILE A 451 -4.44 21.00 -4.34
C ILE A 451 -3.27 20.02 -4.41
N ALA A 452 -2.05 20.55 -4.35
CA ALA A 452 -0.89 19.66 -4.28
C ALA A 452 -0.90 18.87 -2.98
N VAL A 453 -1.19 19.54 -1.85
CA VAL A 453 -1.13 18.87 -0.55
C VAL A 453 -2.10 17.70 -0.51
N PHE A 454 -3.39 17.98 -0.70
CA PHE A 454 -4.39 16.91 -0.76
C PHE A 454 -4.03 15.85 -1.80
N TYR A 455 -3.19 16.19 -2.78
CA TYR A 455 -2.72 15.23 -3.75
C TYR A 455 -1.42 14.56 -3.33
N ALA A 456 -0.51 15.30 -2.70
CA ALA A 456 0.84 14.82 -2.46
C ALA A 456 1.02 14.09 -1.14
N LEU A 457 0.08 14.18 -0.21
CA LEU A 457 0.33 13.53 1.08
C LEU A 457 0.01 12.04 1.10
N PRO A 458 -1.09 11.57 0.51
CA PRO A 458 -1.35 10.13 0.53
C PRO A 458 -0.28 9.31 -0.18
N VAL A 459 0.52 9.91 -1.05
CA VAL A 459 1.58 9.16 -1.71
C VAL A 459 2.82 9.09 -0.82
N ILE A 460 3.22 10.20 -0.21
CA ILE A 460 4.36 10.19 0.70
C ILE A 460 4.15 9.14 1.77
N GLN A 461 3.07 9.28 2.54
CA GLN A 461 2.68 8.32 3.56
C GLN A 461 2.99 6.92 3.04
N LEU A 462 2.53 6.61 1.83
CA LEU A 462 2.77 5.27 1.29
C LEU A 462 4.21 4.85 1.00
N VAL A 463 4.96 5.69 0.29
CA VAL A 463 6.28 5.25 -0.15
C VAL A 463 7.19 5.05 1.05
N ILE A 464 7.14 5.98 2.01
CA ILE A 464 7.80 5.77 3.30
C ILE A 464 7.54 4.37 3.82
N THR A 465 6.28 3.95 3.79
CA THR A 465 5.95 2.60 4.21
C THR A 465 6.60 1.57 3.30
N TYR A 466 6.35 1.67 1.99
CA TYR A 466 6.82 0.64 1.06
C TYR A 466 8.33 0.61 0.96
N GLN A 467 8.97 1.78 1.00
CA GLN A 467 10.43 1.82 1.00
C GLN A 467 11.02 1.15 2.23
N THR A 468 10.22 0.87 3.25
CA THR A 468 10.69 0.21 4.47
C THR A 468 9.98 -1.10 4.75
N VAL A 469 8.64 -1.10 4.71
CA VAL A 469 7.84 -2.21 5.24
C VAL A 469 8.13 -3.51 4.51
N VAL A 470 8.83 -3.47 3.38
CA VAL A 470 9.31 -4.66 2.70
C VAL A 470 10.78 -4.57 2.34
N ASN A 471 11.42 -3.42 2.53
CA ASN A 471 12.87 -3.32 2.45
C ASN A 471 13.53 -4.30 3.41
N VAL A 472 13.09 -4.29 4.67
CA VAL A 472 13.62 -5.20 5.67
C VAL A 472 13.18 -6.64 5.44
N THR A 473 12.19 -6.85 4.60
CA THR A 473 11.69 -8.20 4.31
C THR A 473 12.52 -8.90 3.24
N GLY A 474 13.20 -8.15 2.38
CA GLY A 474 13.97 -8.73 1.30
C GLY A 474 13.18 -9.05 0.06
N ASN A 475 11.86 -8.90 0.10
CA ASN A 475 11.03 -9.10 -1.08
C ASN A 475 11.17 -7.89 -1.99
N GLN A 476 11.90 -8.06 -3.09
CA GLN A 476 12.11 -6.99 -4.05
C GLN A 476 11.11 -7.05 -5.19
N ASP A 477 9.91 -7.54 -4.92
CA ASP A 477 8.81 -7.55 -5.88
C ASP A 477 7.75 -6.52 -5.56
N ILE A 478 8.02 -5.62 -4.62
CA ILE A 478 7.03 -4.62 -4.21
C ILE A 478 7.14 -3.37 -5.05
N CYS A 479 8.34 -2.87 -5.27
CA CYS A 479 8.57 -1.65 -6.03
C CYS A 479 9.07 -2.00 -7.41
N TYR A 480 8.48 -1.38 -8.43
CA TYR A 480 8.82 -1.69 -9.82
C TYR A 480 9.88 -0.73 -10.32
N TYR A 481 11.11 -0.96 -9.85
CA TYR A 481 12.24 -0.17 -10.30
C TYR A 481 12.72 -0.65 -11.66
N ASN A 482 13.58 0.15 -12.27
CA ASN A 482 14.47 -0.32 -13.32
C ASN A 482 15.69 -0.85 -12.59
N PHE A 483 15.67 -2.13 -12.26
CA PHE A 483 16.68 -2.70 -11.38
C PHE A 483 18.06 -2.70 -12.02
N LEU A 484 18.15 -2.51 -13.33
CA LEU A 484 19.46 -2.43 -13.98
C LEU A 484 20.02 -1.01 -13.93
N CYS A 485 19.21 -0.02 -13.64
CA CYS A 485 19.67 1.34 -13.33
C CYS A 485 18.88 1.79 -12.10
N ALA A 486 19.38 1.43 -10.92
CA ALA A 486 18.73 1.80 -9.66
C ALA A 486 19.84 1.87 -8.62
N HIS A 487 20.30 3.09 -8.36
CA HIS A 487 21.48 3.28 -7.54
C HIS A 487 21.07 3.77 -6.16
N PRO A 488 21.42 3.06 -5.10
CA PRO A 488 20.91 3.41 -3.78
C PRO A 488 21.71 4.53 -3.14
N LEU A 489 21.01 5.30 -2.31
CA LEU A 489 21.65 6.31 -1.46
C LEU A 489 20.88 6.35 -0.16
N GLY A 490 21.47 5.85 0.91
CA GLY A 490 20.76 5.78 2.17
C GLY A 490 19.62 4.79 2.06
N VAL A 491 18.42 5.24 2.40
CA VAL A 491 17.24 4.37 2.34
C VAL A 491 16.58 4.35 0.98
N LEU A 492 16.97 5.25 0.07
CA LEU A 492 16.42 5.26 -1.27
C LEU A 492 17.05 4.17 -2.11
N SER A 493 16.23 3.33 -2.72
CA SER A 493 16.76 2.24 -3.52
C SER A 493 17.15 2.69 -4.92
N ALA A 494 16.50 3.73 -5.44
CA ALA A 494 16.82 4.28 -6.76
C ALA A 494 16.96 5.79 -6.59
N PHE A 495 18.16 6.23 -6.21
CA PHE A 495 18.39 7.65 -5.97
C PHE A 495 18.42 8.44 -7.28
N ASN A 496 18.81 7.81 -8.39
CA ASN A 496 18.86 8.52 -9.66
C ASN A 496 17.47 8.93 -10.13
N ASN A 497 16.45 8.13 -9.83
CA ASN A 497 15.10 8.46 -10.25
C ASN A 497 14.55 9.66 -9.50
N ILE A 498 14.98 9.86 -8.25
CA ILE A 498 14.61 11.07 -7.52
C ILE A 498 15.46 12.25 -7.97
N LEU A 499 16.74 12.03 -8.22
CA LEU A 499 17.62 13.13 -8.60
C LEU A 499 17.27 13.69 -9.97
N SER A 500 16.77 12.85 -10.88
CA SER A 500 16.43 13.33 -12.21
C SER A 500 15.23 14.28 -12.21
N ASN A 501 14.49 14.35 -11.12
CA ASN A 501 13.36 15.26 -11.00
C ASN A 501 13.78 16.65 -10.54
N LEU A 502 15.08 16.91 -10.46
CA LEU A 502 15.55 18.21 -10.00
C LEU A 502 15.26 19.30 -11.02
N GLY A 503 15.19 18.94 -12.30
CA GLY A 503 14.96 19.93 -13.32
C GLY A 503 13.58 20.57 -13.22
N HIS A 504 12.58 19.79 -12.84
CA HIS A 504 11.24 20.35 -12.66
C HIS A 504 11.26 21.44 -11.60
N VAL A 505 11.87 21.17 -10.45
CA VAL A 505 11.91 22.14 -9.36
C VAL A 505 12.72 23.37 -9.78
N LEU A 506 13.91 23.15 -10.33
CA LEU A 506 14.77 24.29 -10.66
C LEU A 506 14.15 25.16 -11.76
N LEU A 507 13.58 24.54 -12.79
CA LEU A 507 13.01 25.32 -13.88
C LEU A 507 11.67 25.93 -13.51
N GLY A 508 10.90 25.29 -12.64
CA GLY A 508 9.71 25.93 -12.12
C GLY A 508 10.05 27.18 -11.32
N PHE A 509 11.11 27.11 -10.52
CA PHE A 509 11.54 28.29 -9.79
C PHE A 509 12.06 29.37 -10.73
N LEU A 510 12.81 28.98 -11.77
CA LEU A 510 13.29 29.97 -12.72
C LEU A 510 12.13 30.66 -13.44
N PHE A 511 11.09 29.90 -13.80
CA PHE A 511 9.95 30.52 -14.44
C PHE A 511 9.19 31.42 -13.46
N LEU A 512 9.10 31.02 -12.19
CA LEU A 512 8.49 31.89 -11.20
C LEU A 512 9.25 33.20 -11.08
N LEU A 513 10.59 33.13 -11.13
CA LEU A 513 11.37 34.36 -11.08
C LEU A 513 11.13 35.22 -12.31
N ILE A 514 11.04 34.62 -13.48
CA ILE A 514 10.81 35.39 -14.70
C ILE A 514 9.44 36.06 -14.66
N VAL A 515 8.42 35.33 -14.23
CA VAL A 515 7.08 35.89 -14.14
C VAL A 515 7.03 36.96 -13.06
N LEU A 516 7.77 36.78 -11.97
CA LEU A 516 7.82 37.79 -10.91
C LEU A 516 8.46 39.07 -11.41
N ARG A 517 9.54 38.96 -12.20
CA ARG A 517 10.14 40.18 -12.74
C ARG A 517 9.19 40.88 -13.71
N ARG A 518 8.49 40.11 -14.54
CA ARG A 518 7.53 40.73 -15.46
C ARG A 518 6.40 41.40 -14.71
N ASP A 519 5.89 40.74 -13.66
CA ASP A 519 4.84 41.33 -12.83
C ASP A 519 5.31 42.60 -12.16
N ILE A 520 6.56 42.61 -11.68
CA ILE A 520 7.08 43.78 -10.99
C ILE A 520 7.21 44.94 -11.97
N LEU A 521 7.82 44.71 -13.13
CA LEU A 521 7.98 45.78 -14.10
C LEU A 521 6.63 46.30 -14.58
N HIS A 522 5.65 45.41 -14.75
CA HIS A 522 4.33 45.84 -15.21
C HIS A 522 3.64 46.68 -14.14
N ARG A 523 3.50 46.14 -12.93
CA ARG A 523 2.89 46.89 -11.84
C ARG A 523 3.60 48.22 -11.60
N ARG A 524 4.90 48.28 -11.86
CA ARG A 524 5.62 49.54 -11.76
C ARG A 524 5.24 50.47 -12.89
N ALA A 525 4.98 49.92 -14.08
CA ALA A 525 4.63 50.76 -15.23
C ALA A 525 3.24 51.37 -15.10
N LEU A 526 2.33 50.75 -14.34
CA LEU A 526 1.04 51.37 -14.07
C LEU A 526 1.14 52.44 -13.00
N GLU A 527 2.17 52.35 -12.14
CA GLU A 527 2.31 53.33 -11.07
C GLU A 527 2.80 54.66 -11.62
N ALA A 528 3.66 54.63 -12.63
CA ALA A 528 4.08 55.82 -13.35
C ALA A 528 3.11 56.19 -14.47
N LYS A 529 2.00 55.46 -14.60
CA LYS A 529 1.02 55.66 -15.68
C LYS A 529 1.70 55.75 -17.05
N ASP A 530 2.62 54.84 -17.29
CA ASP A 530 3.17 54.69 -18.63
C ASP A 530 2.04 54.28 -19.58
N ILE A 531 1.79 55.12 -20.59
CA ILE A 531 0.64 54.89 -21.46
C ILE A 531 0.75 53.58 -22.22
N PHE A 532 1.98 53.05 -22.37
CA PHE A 532 2.18 51.76 -23.00
C PHE A 532 1.73 50.59 -22.12
N ALA A 533 1.31 50.85 -20.89
CA ALA A 533 0.89 49.80 -19.98
C ALA A 533 -0.61 49.78 -19.70
N VAL A 534 -1.34 50.84 -20.03
CA VAL A 534 -2.76 50.92 -19.74
C VAL A 534 -3.62 50.81 -21.01
N GLU A 535 -3.14 51.31 -22.15
CA GLU A 535 -3.92 51.27 -23.38
C GLU A 535 -3.16 50.62 -24.53
N TYR A 536 -2.00 50.02 -24.26
CA TYR A 536 -1.25 49.31 -25.28
C TYR A 536 -1.19 47.82 -24.94
N GLY A 537 -1.14 47.00 -25.97
CA GLY A 537 -1.04 45.56 -25.82
C GLY A 537 -2.23 44.91 -25.13
N ILE A 538 -2.18 43.59 -25.01
CA ILE A 538 -3.26 42.85 -24.34
C ILE A 538 -3.16 43.08 -22.84
N PRO A 539 -4.28 43.21 -22.13
CA PRO A 539 -4.22 43.28 -20.67
C PRO A 539 -3.60 42.02 -20.09
N LYS A 540 -2.72 42.21 -19.11
CA LYS A 540 -1.91 41.14 -18.57
C LYS A 540 -2.46 40.66 -17.23
N HIS A 541 -2.39 39.34 -17.02
CA HIS A 541 -2.81 38.73 -15.76
C HIS A 541 -1.85 37.56 -15.50
N PHE A 542 -0.81 37.84 -14.72
CA PHE A 542 0.22 36.85 -14.42
C PHE A 542 -0.20 35.84 -13.38
N GLY A 543 -1.45 35.84 -12.95
CA GLY A 543 -1.86 34.95 -11.89
C GLY A 543 -1.85 33.49 -12.27
N LEU A 544 -1.86 33.19 -13.56
CA LEU A 544 -1.90 31.82 -14.02
C LEU A 544 -0.52 31.29 -14.41
N PHE A 545 0.39 32.18 -14.80
CA PHE A 545 1.78 31.80 -14.98
C PHE A 545 2.42 31.38 -13.67
N TYR A 546 2.06 32.05 -12.58
CA TYR A 546 2.52 31.63 -11.26
C TYR A 546 2.06 30.22 -10.95
N ALA A 547 0.80 29.92 -11.27
CA ALA A 547 0.30 28.56 -11.09
C ALA A 547 1.05 27.57 -11.96
N MET A 548 1.42 27.97 -13.18
CA MET A 548 2.23 27.11 -14.04
C MET A 548 3.56 26.76 -13.38
N GLY A 549 4.28 27.77 -12.89
CA GLY A 549 5.56 27.50 -12.26
C GLY A 549 5.44 26.64 -11.01
N ILE A 550 4.45 26.95 -10.17
CA ILE A 550 4.26 26.18 -8.95
C ILE A 550 3.88 24.75 -9.29
N ALA A 551 3.09 24.56 -10.35
CA ALA A 551 2.70 23.22 -10.75
C ALA A 551 3.86 22.43 -11.32
N LEU A 552 4.79 23.10 -12.01
CA LEU A 552 5.99 22.42 -12.46
C LEU A 552 6.80 21.92 -11.28
N MET A 553 7.01 22.79 -10.28
CA MET A 553 7.72 22.36 -9.08
C MET A 553 7.01 21.19 -8.39
N MET A 554 5.68 21.28 -8.28
CA MET A 554 4.94 20.21 -7.62
C MET A 554 4.97 18.92 -8.42
N GLN A 555 5.07 19.01 -9.75
CA GLN A 555 5.22 17.81 -10.56
C GLN A 555 6.56 17.14 -10.28
N GLY A 556 7.62 17.94 -10.17
CA GLY A 556 8.89 17.37 -9.77
C GLY A 556 8.80 16.66 -8.43
N VAL A 557 8.17 17.31 -7.45
CA VAL A 557 8.06 16.72 -6.12
C VAL A 557 7.25 15.43 -6.16
N LEU A 558 6.12 15.45 -6.87
CA LEU A 558 5.23 14.30 -6.90
C LEU A 558 5.86 13.13 -7.62
N SER A 559 6.58 13.39 -8.71
CA SER A 559 7.22 12.31 -9.44
C SER A 559 8.39 11.73 -8.65
N ALA A 560 9.10 12.56 -7.88
CA ALA A 560 10.13 12.02 -6.99
C ALA A 560 9.50 11.11 -5.93
N CYS A 561 8.43 11.58 -5.30
CA CYS A 561 7.74 10.76 -4.30
C CYS A 561 7.27 9.44 -4.90
N TYR A 562 6.77 9.48 -6.14
CA TYR A 562 6.38 8.25 -6.82
C TYR A 562 7.57 7.32 -7.01
N HIS A 563 8.70 7.87 -7.46
CA HIS A 563 9.86 7.05 -7.74
C HIS A 563 10.55 6.55 -6.49
N VAL A 564 10.14 7.00 -5.31
CA VAL A 564 10.63 6.35 -4.10
C VAL A 564 10.27 4.85 -4.10
N CYS A 565 9.06 4.53 -4.54
CA CYS A 565 8.67 3.13 -4.74
C CYS A 565 7.52 3.03 -5.74
N PRO A 566 7.79 2.80 -7.02
CA PRO A 566 6.72 2.74 -8.02
C PRO A 566 6.01 1.40 -7.97
N ASN A 567 4.68 1.42 -7.91
CA ASN A 567 3.88 0.21 -7.96
C ASN A 567 2.48 0.58 -8.42
N TYR A 568 1.55 -0.34 -8.22
CA TYR A 568 0.21 -0.20 -8.79
C TYR A 568 -0.66 0.79 -8.02
N SER A 569 -0.43 0.94 -6.72
CA SER A 569 -1.20 1.87 -5.91
C SER A 569 -0.66 3.28 -5.98
N ASN A 570 0.16 3.57 -6.99
CA ASN A 570 0.99 4.76 -6.98
C ASN A 570 1.09 5.42 -8.35
N PHE A 571 0.62 4.77 -9.41
CA PHE A 571 1.13 5.06 -10.76
C PHE A 571 0.84 6.49 -11.19
N GLN A 572 -0.36 7.01 -10.88
CA GLN A 572 -0.76 8.29 -11.42
C GLN A 572 0.18 9.40 -11.00
N PHE A 573 0.85 9.27 -9.86
CA PHE A 573 1.72 10.34 -9.40
C PHE A 573 2.97 10.49 -10.24
N ASP A 574 3.19 9.63 -11.22
CA ASP A 574 4.33 9.85 -12.11
C ASP A 574 4.06 10.98 -13.09
N THR A 575 2.86 11.04 -13.65
CA THR A 575 2.56 12.03 -14.69
C THR A 575 1.24 12.75 -14.54
N SER A 576 0.43 12.47 -13.50
CA SER A 576 -0.92 13.02 -13.47
C SER A 576 -0.92 14.53 -13.30
N PHE A 577 0.02 15.08 -12.54
CA PHE A 577 0.02 16.51 -12.34
C PHE A 577 0.34 17.25 -13.63
N MET A 578 0.99 16.59 -14.59
CA MET A 578 1.18 17.19 -15.90
C MET A 578 -0.12 17.40 -16.65
N TYR A 579 -1.19 16.71 -16.27
CA TYR A 579 -2.52 17.10 -16.74
C TYR A 579 -2.83 18.51 -16.28
N MET A 580 -2.72 18.76 -14.97
CA MET A 580 -3.00 20.07 -14.41
C MET A 580 -2.21 21.15 -15.14
N ILE A 581 -0.89 20.97 -15.20
CA ILE A 581 -0.04 21.89 -15.95
C ILE A 581 -0.61 22.12 -17.34
N ALA A 582 -0.87 21.03 -18.07
CA ALA A 582 -1.41 21.17 -19.41
C ALA A 582 -2.69 21.99 -19.40
N GLY A 583 -3.61 21.65 -18.50
CA GLY A 583 -4.82 22.45 -18.37
C GLY A 583 -4.51 23.91 -18.12
N LEU A 584 -3.64 24.19 -17.16
CA LEU A 584 -3.31 25.57 -16.84
C LEU A 584 -2.75 26.31 -18.04
N CYS A 585 -2.09 25.58 -18.95
CA CYS A 585 -1.59 26.23 -20.15
C CYS A 585 -2.72 26.49 -21.13
N MET A 586 -3.59 25.50 -21.36
CA MET A 586 -4.65 25.69 -22.34
C MET A 586 -5.60 26.79 -21.90
N LEU A 587 -5.95 26.82 -20.61
CA LEU A 587 -6.73 27.93 -20.08
C LEU A 587 -6.05 29.26 -20.36
N LYS A 588 -4.73 29.32 -20.20
CA LYS A 588 -4.03 30.57 -20.46
C LYS A 588 -4.04 30.92 -21.94
N LEU A 589 -4.14 29.92 -22.81
CA LEU A 589 -4.32 30.22 -24.22
C LEU A 589 -5.68 30.86 -24.47
N TYR A 590 -6.67 30.50 -23.67
CA TYR A 590 -8.00 31.08 -23.87
C TYR A 590 -8.06 32.50 -23.36
N GLN A 591 -7.69 32.71 -22.09
CA GLN A 591 -7.80 34.00 -21.44
C GLN A 591 -6.84 35.04 -21.98
N THR A 592 -5.96 34.71 -22.91
CA THR A 592 -5.05 35.71 -23.44
C THR A 592 -5.74 36.64 -24.43
N ARG A 593 -6.87 36.23 -24.99
CA ARG A 593 -7.66 37.08 -25.86
C ARG A 593 -9.11 37.22 -25.42
N HIS A 594 -9.55 36.41 -24.47
CA HIS A 594 -10.87 36.52 -23.85
C HIS A 594 -10.68 36.78 -22.35
N PRO A 595 -10.14 37.94 -22.00
CA PRO A 595 -9.59 38.09 -20.63
C PRO A 595 -10.64 38.18 -19.54
N ASP A 596 -11.78 38.81 -19.80
CA ASP A 596 -12.76 39.00 -18.75
C ASP A 596 -13.67 37.78 -18.60
N ILE A 597 -13.05 36.60 -18.46
CA ILE A 597 -13.75 35.35 -18.19
C ILE A 597 -12.87 34.54 -17.24
N ASN A 598 -13.34 34.36 -16.02
CA ASN A 598 -12.52 33.74 -14.98
C ASN A 598 -13.41 33.15 -13.88
N ALA A 599 -13.17 31.89 -13.54
CA ALA A 599 -13.92 31.23 -12.48
C ALA A 599 -12.98 30.45 -11.57
N SER A 600 -11.78 30.98 -11.34
CA SER A 600 -10.71 30.23 -10.69
C SER A 600 -10.97 30.12 -9.19
N ALA A 601 -12.06 29.41 -8.85
CA ALA A 601 -12.27 28.97 -7.49
C ALA A 601 -12.20 27.45 -7.37
N TYR A 602 -13.13 26.72 -8.00
CA TYR A 602 -13.06 25.27 -7.99
C TYR A 602 -13.42 24.60 -9.30
N SER A 603 -14.15 25.24 -10.21
CA SER A 603 -14.43 24.60 -11.48
C SER A 603 -13.15 24.45 -12.30
N ALA A 604 -12.14 25.27 -12.03
CA ALA A 604 -10.86 25.14 -12.72
C ALA A 604 -10.04 23.96 -12.22
N TYR A 605 -10.43 23.34 -11.10
CA TYR A 605 -9.69 22.23 -10.54
C TYR A 605 -10.54 21.02 -10.22
N ALA A 606 -11.87 21.17 -10.10
CA ALA A 606 -12.74 20.01 -10.14
C ALA A 606 -12.61 19.28 -11.47
N SER A 607 -12.20 19.98 -12.52
CA SER A 607 -11.87 19.32 -13.78
C SER A 607 -10.68 18.38 -13.60
N PHE A 608 -9.64 18.82 -12.88
CA PHE A 608 -8.52 17.95 -12.61
C PHE A 608 -8.96 16.74 -11.79
N ALA A 609 -9.82 16.97 -10.81
CA ALA A 609 -10.36 15.86 -10.02
C ALA A 609 -11.10 14.87 -10.91
N VAL A 610 -11.92 15.37 -11.84
CA VAL A 610 -12.67 14.49 -12.73
C VAL A 610 -11.73 13.69 -13.61
N VAL A 611 -10.69 14.33 -14.14
CA VAL A 611 -9.74 13.64 -15.01
C VAL A 611 -8.99 12.56 -14.25
N ILE A 612 -8.60 12.86 -13.00
CA ILE A 612 -7.93 11.85 -12.19
C ILE A 612 -8.86 10.69 -11.91
N MET A 613 -10.13 10.97 -11.60
CA MET A 613 -11.09 9.90 -11.39
C MET A 613 -11.17 9.00 -12.62
N VAL A 614 -11.36 9.61 -13.79
CA VAL A 614 -11.50 8.84 -15.01
C VAL A 614 -10.26 8.00 -15.24
N THR A 615 -9.08 8.59 -15.08
CA THR A 615 -7.84 7.86 -15.33
C THR A 615 -7.69 6.67 -14.39
N VAL A 616 -7.87 6.90 -13.10
CA VAL A 616 -7.64 5.85 -12.12
C VAL A 616 -8.66 4.73 -12.27
N LEU A 617 -9.94 5.09 -12.40
CA LEU A 617 -10.96 4.06 -12.53
C LEU A 617 -10.95 3.39 -13.90
N GLY A 618 -10.31 4.01 -14.90
CA GLY A 618 -10.14 3.34 -16.17
C GLY A 618 -8.95 2.41 -16.19
N VAL A 619 -7.94 2.69 -15.36
CA VAL A 619 -6.85 1.75 -15.19
C VAL A 619 -7.30 0.56 -14.35
N VAL A 620 -8.03 0.81 -13.27
CA VAL A 620 -8.33 -0.22 -12.29
C VAL A 620 -9.46 -1.13 -12.77
N PHE A 621 -10.56 -0.53 -13.27
CA PHE A 621 -11.74 -1.30 -13.61
C PHE A 621 -11.90 -1.55 -15.11
N GLY A 622 -11.04 -0.97 -15.94
CA GLY A 622 -11.19 -1.10 -17.38
C GLY A 622 -9.93 -1.50 -18.12
N LYS A 623 -9.15 -2.42 -17.56
CA LYS A 623 -7.76 -2.66 -17.95
C LYS A 623 -7.57 -2.64 -19.45
N ASN A 624 -8.22 -3.57 -20.14
CA ASN A 624 -8.31 -3.53 -21.60
C ASN A 624 -9.72 -3.84 -22.04
N ASP A 625 -10.66 -3.96 -21.10
CA ASP A 625 -12.03 -4.35 -21.40
C ASP A 625 -12.57 -3.44 -22.50
N VAL A 626 -12.82 -4.02 -23.67
CA VAL A 626 -13.14 -3.23 -24.85
C VAL A 626 -14.42 -2.44 -24.67
N TRP A 627 -15.28 -2.84 -23.73
CA TRP A 627 -16.46 -2.05 -23.44
C TRP A 627 -16.13 -0.77 -22.69
N PHE A 628 -14.97 -0.71 -22.02
CA PHE A 628 -14.53 0.54 -21.43
C PHE A 628 -13.94 1.46 -22.50
N TRP A 629 -13.20 0.88 -23.44
CA TRP A 629 -12.49 1.70 -24.42
C TRP A 629 -13.44 2.36 -25.40
N VAL A 630 -14.51 1.67 -25.79
CA VAL A 630 -15.48 2.30 -26.68
C VAL A 630 -16.21 3.44 -25.97
N ILE A 631 -16.53 3.26 -24.69
CA ILE A 631 -17.21 4.32 -23.94
C ILE A 631 -16.30 5.52 -23.80
N PHE A 632 -15.04 5.29 -23.43
CA PHE A 632 -14.11 6.40 -23.28
C PHE A 632 -13.83 7.08 -24.62
N SER A 633 -13.79 6.30 -25.70
CA SER A 633 -13.56 6.91 -27.02
C SER A 633 -14.74 7.77 -27.43
N ALA A 634 -15.97 7.33 -27.12
CA ALA A 634 -17.13 8.17 -27.37
C ALA A 634 -17.05 9.46 -26.57
N ILE A 635 -16.73 9.36 -25.27
CA ILE A 635 -16.60 10.55 -24.44
C ILE A 635 -15.53 11.48 -25.01
N HIS A 636 -14.39 10.92 -25.42
CA HIS A 636 -13.29 11.71 -25.93
C HIS A 636 -13.70 12.44 -27.20
N VAL A 637 -14.27 11.71 -28.17
CA VAL A 637 -14.67 12.32 -29.43
C VAL A 637 -15.71 13.41 -29.22
N LEU A 638 -16.73 13.14 -28.42
CA LEU A 638 -17.78 14.13 -28.23
C LEU A 638 -17.32 15.33 -27.41
N ALA A 639 -16.50 15.13 -26.38
CA ALA A 639 -15.94 16.26 -25.66
C ALA A 639 -15.07 17.11 -26.58
N SER A 640 -14.20 16.46 -27.36
CA SER A 640 -13.36 17.17 -28.30
C SER A 640 -14.15 17.97 -29.31
N LEU A 641 -15.26 17.44 -29.82
CA LEU A 641 -16.06 18.20 -30.77
C LEU A 641 -16.85 19.32 -30.11
N ALA A 642 -17.57 19.03 -29.03
CA ALA A 642 -18.38 20.04 -28.35
C ALA A 642 -17.52 21.20 -27.86
N LEU A 643 -16.50 20.91 -27.06
CA LEU A 643 -15.72 21.99 -26.46
C LEU A 643 -14.91 22.74 -27.50
N SER A 644 -14.48 22.08 -28.57
CA SER A 644 -13.71 22.79 -29.59
C SER A 644 -14.61 23.71 -30.41
N THR A 645 -15.85 23.29 -30.67
CA THR A 645 -16.77 24.18 -31.36
C THR A 645 -17.31 25.29 -30.45
N GLN A 646 -17.28 25.10 -29.14
CA GLN A 646 -17.83 26.12 -28.26
C GLN A 646 -16.80 27.11 -27.75
N ILE A 647 -15.59 26.65 -27.43
CA ILE A 647 -14.58 27.49 -26.81
C ILE A 647 -13.66 28.05 -27.87
N TYR A 648 -13.02 27.18 -28.65
CA TYR A 648 -12.13 27.65 -29.70
C TYR A 648 -12.93 28.39 -30.77
N TYR A 649 -13.85 27.70 -31.42
CA TYR A 649 -14.87 28.37 -32.20
C TYR A 649 -15.89 28.99 -31.27
N MET A 650 -16.51 30.08 -31.73
CA MET A 650 -17.56 30.81 -31.01
C MET A 650 -17.03 31.59 -29.81
N GLY A 651 -15.78 31.34 -29.42
CA GLY A 651 -15.16 31.98 -28.26
C GLY A 651 -15.93 32.15 -26.97
N ARG A 652 -16.72 31.15 -26.56
CA ARG A 652 -17.46 31.25 -25.30
C ARG A 652 -17.16 30.13 -24.32
N PHE A 653 -16.85 30.49 -23.07
CA PHE A 653 -16.73 29.51 -21.99
C PHE A 653 -18.10 29.34 -21.34
N LYS A 654 -18.93 28.53 -21.98
CA LYS A 654 -20.30 28.28 -21.55
C LYS A 654 -20.62 26.81 -21.76
N ILE A 655 -21.14 26.17 -20.71
CA ILE A 655 -21.17 24.71 -20.60
C ILE A 655 -22.64 24.37 -20.34
N ASP A 656 -23.43 24.33 -21.42
CA ASP A 656 -24.85 24.01 -21.35
C ASP A 656 -25.02 22.60 -21.94
N LEU A 657 -26.28 22.16 -22.04
CA LEU A 657 -26.58 20.97 -22.82
C LEU A 657 -26.74 21.26 -24.30
N GLY A 658 -26.94 22.51 -24.67
CA GLY A 658 -27.19 22.89 -26.05
C GLY A 658 -25.96 23.08 -26.89
N ILE A 659 -24.77 22.83 -26.35
CA ILE A 659 -23.56 22.90 -27.17
C ILE A 659 -23.71 22.04 -28.42
N PHE A 660 -24.23 20.84 -28.26
CA PHE A 660 -24.44 19.97 -29.42
C PHE A 660 -25.29 20.65 -30.47
N ARG A 661 -26.35 21.35 -30.04
CA ARG A 661 -27.18 22.07 -30.99
C ARG A 661 -26.37 23.14 -31.71
N ARG A 662 -25.52 23.85 -30.97
CA ARG A 662 -24.71 24.89 -31.59
C ARG A 662 -23.67 24.26 -32.51
N ALA A 663 -23.24 23.05 -32.17
CA ALA A 663 -22.29 22.32 -33.01
C ALA A 663 -22.98 21.78 -34.26
N ALA A 664 -24.31 21.76 -34.24
CA ALA A 664 -25.04 21.54 -35.49
C ALA A 664 -25.19 22.85 -36.24
N MET A 665 -25.26 23.97 -35.52
CA MET A 665 -25.47 25.27 -36.15
C MET A 665 -24.22 25.77 -36.86
N VAL A 666 -23.04 25.28 -36.49
CA VAL A 666 -21.82 25.83 -37.06
C VAL A 666 -21.68 25.46 -38.53
N PHE A 667 -21.51 24.17 -38.82
CA PHE A 667 -21.08 23.77 -40.16
C PHE A 667 -22.21 23.25 -41.04
N TYR A 668 -23.32 22.79 -40.46
CA TYR A 668 -24.47 22.37 -41.25
C TYR A 668 -25.11 23.69 -41.68
N THR A 669 -24.28 24.47 -42.39
CA THR A 669 -24.60 25.82 -42.82
C THR A 669 -23.79 26.16 -44.07
N ASP A 670 -23.14 25.17 -44.69
CA ASP A 670 -22.50 25.38 -45.99
C ASP A 670 -23.48 26.01 -46.97
N CYS A 671 -24.78 25.72 -46.80
CA CYS A 671 -25.84 26.35 -47.58
C CYS A 671 -26.50 27.47 -46.80
N ILE A 672 -25.84 27.97 -45.75
CA ILE A 672 -26.35 29.09 -44.94
C ILE A 672 -25.32 30.21 -44.84
N GLN A 673 -24.06 29.89 -44.50
CA GLN A 673 -23.05 30.88 -44.20
C GLN A 673 -22.04 31.12 -45.31
N GLN A 674 -21.20 30.14 -45.62
CA GLN A 674 -20.12 30.27 -46.60
C GLN A 674 -20.18 29.17 -47.65
N CYS A 675 -19.50 29.40 -48.78
CA CYS A 675 -19.30 28.40 -49.83
C CYS A 675 -18.12 27.50 -49.49
N SER A 676 -17.66 26.70 -50.45
CA SER A 676 -16.41 25.97 -50.28
C SER A 676 -15.20 26.90 -50.38
N ARG A 677 -15.43 28.18 -50.67
CA ARG A 677 -14.40 29.22 -50.66
C ARG A 677 -14.81 30.28 -49.65
N PRO A 678 -14.74 30.00 -48.35
CA PRO A 678 -15.36 30.86 -47.34
C PRO A 678 -14.56 32.12 -47.08
N LEU A 679 -15.04 32.91 -46.11
CA LEU A 679 -14.42 34.18 -45.74
C LEU A 679 -13.49 34.02 -44.53
N TYR A 680 -14.04 33.65 -43.38
CA TYR A 680 -13.21 33.40 -42.19
C TYR A 680 -13.02 31.89 -42.03
N MET A 681 -12.37 31.30 -43.03
CA MET A 681 -12.14 29.87 -43.05
C MET A 681 -11.06 29.44 -42.07
N ASP A 682 -10.10 30.32 -41.78
CA ASP A 682 -8.92 29.91 -41.03
C ASP A 682 -9.29 29.27 -39.70
N ARG A 683 -10.30 29.78 -39.01
CA ARG A 683 -10.72 29.16 -37.77
C ARG A 683 -11.39 27.81 -38.02
N MET A 684 -12.10 27.68 -39.13
CA MET A 684 -12.86 26.46 -39.41
C MET A 684 -11.93 25.31 -39.78
N VAL A 685 -10.93 25.57 -40.62
CA VAL A 685 -9.96 24.55 -40.97
C VAL A 685 -9.20 24.06 -39.75
N LEU A 686 -8.83 24.97 -38.86
CA LEU A 686 -8.13 24.58 -37.66
C LEU A 686 -9.03 23.81 -36.70
N LEU A 687 -10.32 24.17 -36.64
CA LEU A 687 -11.27 23.37 -35.88
C LEU A 687 -11.37 21.95 -36.43
N VAL A 688 -11.51 21.83 -37.74
CA VAL A 688 -11.62 20.51 -38.35
C VAL A 688 -10.35 19.70 -38.13
N VAL A 689 -9.19 20.36 -38.24
CA VAL A 689 -7.92 19.65 -38.06
C VAL A 689 -7.77 19.18 -36.62
N GLY A 690 -8.12 20.02 -35.65
CA GLY A 690 -8.08 19.59 -34.27
C GLY A 690 -8.98 18.42 -34.00
N ASN A 691 -10.18 18.44 -34.57
CA ASN A 691 -11.09 17.31 -34.36
C ASN A 691 -10.59 16.06 -35.04
N LEU A 692 -9.97 16.19 -36.21
CA LEU A 692 -9.38 15.03 -36.88
C LEU A 692 -8.23 14.44 -36.07
N VAL A 693 -7.39 15.29 -35.48
CA VAL A 693 -6.28 14.80 -34.67
C VAL A 693 -6.82 14.07 -33.44
N ASN A 694 -7.82 14.65 -32.78
CA ASN A 694 -8.37 14.00 -31.60
C ASN A 694 -9.09 12.70 -31.96
N TRP A 695 -9.78 12.65 -33.10
CA TRP A 695 -10.44 11.43 -33.54
C TRP A 695 -9.42 10.34 -33.86
N SER A 696 -8.34 10.70 -34.57
CA SER A 696 -7.28 9.74 -34.83
C SER A 696 -6.65 9.22 -33.56
N PHE A 697 -6.44 10.11 -32.58
CA PHE A 697 -5.91 9.67 -31.29
C PHE A 697 -6.84 8.66 -30.63
N ALA A 698 -8.13 8.99 -30.55
CA ALA A 698 -9.10 8.08 -29.95
C ALA A 698 -9.17 6.76 -30.70
N LEU A 699 -9.03 6.80 -32.03
CA LEU A 699 -9.10 5.57 -32.81
C LEU A 699 -7.89 4.68 -32.52
N PHE A 700 -6.70 5.26 -32.49
CA PHE A 700 -5.52 4.49 -32.12
C PHE A 700 -5.65 3.91 -30.72
N GLY A 701 -6.22 4.67 -29.80
CA GLY A 701 -6.47 4.14 -28.47
C GLY A 701 -7.50 3.02 -28.49
N LEU A 702 -8.42 3.07 -29.45
CA LEU A 702 -9.45 2.05 -29.56
C LEU A 702 -8.88 0.73 -30.04
N ILE A 703 -8.10 0.75 -31.12
CA ILE A 703 -7.53 -0.50 -31.62
C ILE A 703 -6.43 -1.01 -30.71
N TYR A 704 -5.42 -0.17 -30.46
CA TYR A 704 -4.24 -0.66 -29.74
C TYR A 704 -4.52 -0.92 -28.26
N ARG A 705 -5.50 -0.24 -27.68
CA ARG A 705 -5.92 -0.43 -26.29
C ARG A 705 -4.74 -0.46 -25.33
N PRO A 706 -4.07 0.67 -25.09
CA PRO A 706 -2.93 0.67 -24.17
C PRO A 706 -3.38 0.41 -22.75
N ARG A 707 -2.68 -0.51 -22.07
CA ARG A 707 -3.03 -0.81 -20.70
C ARG A 707 -2.60 0.31 -19.75
N ASP A 708 -1.53 1.02 -20.07
CA ASP A 708 -1.14 2.19 -19.30
C ASP A 708 -1.99 3.37 -19.77
N PHE A 709 -3.13 3.55 -19.10
CA PHE A 709 -4.06 4.60 -19.46
C PHE A 709 -3.63 5.97 -18.97
N ALA A 710 -2.78 6.03 -17.94
CA ALA A 710 -2.28 7.32 -17.47
C ALA A 710 -1.38 7.98 -18.51
N SER A 711 -0.49 7.20 -19.12
CA SER A 711 0.34 7.74 -20.20
C SER A 711 -0.51 8.10 -21.41
N TYR A 712 -1.60 7.38 -21.64
CA TYR A 712 -2.50 7.71 -22.74
C TYR A 712 -3.19 9.04 -22.49
N MET A 713 -3.65 9.28 -21.27
CA MET A 713 -4.25 10.58 -20.93
C MET A 713 -3.22 11.68 -21.04
N LEU A 714 -1.99 11.42 -20.60
CA LEU A 714 -0.93 12.40 -20.77
C LEU A 714 -0.70 12.72 -22.24
N GLY A 715 -0.78 11.70 -23.10
CA GLY A 715 -0.67 11.95 -24.52
C GLY A 715 -1.79 12.82 -25.05
N ILE A 716 -3.02 12.55 -24.60
CA ILE A 716 -4.15 13.41 -24.96
C ILE A 716 -3.84 14.85 -24.62
N PHE A 717 -3.41 15.10 -23.39
CA PHE A 717 -3.23 16.46 -22.93
C PHE A 717 -2.07 17.16 -23.64
N ILE A 718 -0.94 16.47 -23.81
CA ILE A 718 0.20 17.05 -24.50
C ILE A 718 -0.14 17.33 -25.95
N CYS A 719 -0.79 16.38 -26.62
CA CYS A 719 -1.18 16.58 -28.01
C CYS A 719 -2.08 17.79 -28.15
N ASN A 720 -3.07 17.93 -27.27
CA ASN A 720 -3.99 19.05 -27.41
C ASN A 720 -3.32 20.38 -27.08
N LEU A 721 -2.46 20.40 -26.06
CA LEU A 721 -1.69 21.60 -25.76
C LEU A 721 -0.89 22.05 -26.97
N LEU A 722 -0.10 21.15 -27.54
CA LEU A 722 0.74 21.52 -28.67
C LEU A 722 -0.10 21.90 -29.88
N LEU A 723 -1.21 21.20 -30.08
CA LEU A 723 -2.07 21.48 -31.23
C LEU A 723 -2.67 22.87 -31.15
N TYR A 724 -3.20 23.25 -29.99
CA TYR A 724 -3.82 24.56 -29.90
C TYR A 724 -2.81 25.68 -29.76
N LEU A 725 -1.62 25.40 -29.24
CA LEU A 725 -0.54 26.36 -29.32
C LEU A 725 -0.15 26.62 -30.76
N ALA A 726 -0.07 25.57 -31.58
CA ALA A 726 0.21 25.73 -32.98
C ALA A 726 -0.89 26.51 -33.69
N PHE A 727 -2.15 26.25 -33.32
CA PHE A 727 -3.26 26.99 -33.92
C PHE A 727 -3.19 28.47 -33.56
N TYR A 728 -2.84 28.78 -32.32
CA TYR A 728 -2.67 30.17 -31.91
C TYR A 728 -1.56 30.84 -32.71
N ILE A 729 -0.42 30.16 -32.89
CA ILE A 729 0.67 30.74 -33.64
C ILE A 729 0.28 30.95 -35.10
N ILE A 730 -0.46 30.00 -35.66
CA ILE A 730 -0.88 30.12 -37.06
C ILE A 730 -1.86 31.26 -37.24
N MET A 731 -2.77 31.45 -36.27
CA MET A 731 -3.66 32.58 -36.32
C MET A 731 -2.91 33.90 -36.19
N LYS A 732 -1.89 33.93 -35.32
CA LYS A 732 -1.06 35.13 -35.23
C LYS A 732 -0.40 35.45 -36.56
N LEU A 733 0.10 34.42 -37.24
CA LEU A 733 0.75 34.65 -38.52
C LEU A 733 -0.24 35.05 -39.60
N ARG A 734 -1.47 34.53 -39.54
CA ARG A 734 -2.47 34.90 -40.53
C ARG A 734 -2.84 36.37 -40.43
N SER A 735 -2.92 36.89 -39.21
CA SER A 735 -3.04 38.33 -39.02
C SER A 735 -1.72 39.00 -39.39
N SER A 736 -1.69 40.32 -39.26
CA SER A 736 -0.46 41.05 -39.52
C SER A 736 0.51 41.04 -38.34
N GLU A 737 0.34 40.12 -37.39
CA GLU A 737 1.18 40.06 -36.22
C GLU A 737 2.45 39.28 -36.50
N LYS A 738 3.51 39.62 -35.78
CA LYS A 738 4.81 39.01 -35.97
C LYS A 738 5.08 38.02 -34.84
N VAL A 739 6.22 37.35 -34.92
CA VAL A 739 6.72 36.51 -33.84
C VAL A 739 8.12 37.02 -33.52
N LEU A 740 8.26 37.67 -32.37
CA LEU A 740 9.51 38.29 -31.97
C LEU A 740 10.60 37.22 -31.82
N PRO A 741 11.88 37.60 -31.78
CA PRO A 741 12.93 36.58 -31.74
C PRO A 741 12.89 35.69 -30.52
N VAL A 742 12.56 36.22 -29.35
CA VAL A 742 12.54 35.42 -28.13
C VAL A 742 11.44 34.37 -28.20
N PRO A 743 10.18 34.72 -28.51
CA PRO A 743 9.18 33.66 -28.65
C PRO A 743 9.44 32.72 -29.81
N LEU A 744 10.12 33.17 -30.86
CA LEU A 744 10.46 32.27 -31.96
C LEU A 744 11.45 31.21 -31.49
N PHE A 745 12.51 31.63 -30.80
CA PHE A 745 13.45 30.66 -30.24
C PHE A 745 12.75 29.74 -29.25
N CYS A 746 11.84 30.28 -28.44
CA CYS A 746 11.14 29.43 -27.48
C CYS A 746 10.22 28.43 -28.18
N ILE A 747 9.64 28.79 -29.32
CA ILE A 747 8.82 27.86 -30.08
C ILE A 747 9.68 26.73 -30.63
N VAL A 748 10.82 27.08 -31.22
CA VAL A 748 11.71 26.05 -31.76
C VAL A 748 12.20 25.13 -30.64
N ALA A 749 12.58 25.71 -29.50
CA ALA A 749 13.03 24.91 -28.37
C ALA A 749 11.92 24.03 -27.84
N THR A 750 10.69 24.53 -27.83
CA THR A 750 9.56 23.73 -27.38
C THR A 750 9.38 22.50 -28.29
N ALA A 751 9.39 22.71 -29.60
CA ALA A 751 9.21 21.60 -30.52
C ALA A 751 10.34 20.57 -30.36
N VAL A 752 11.58 21.05 -30.29
CA VAL A 752 12.72 20.13 -30.20
C VAL A 752 12.68 19.35 -28.89
N MET A 753 12.50 20.06 -27.78
CA MET A 753 12.49 19.39 -26.48
C MET A 753 11.31 18.44 -26.35
N TRP A 754 10.17 18.76 -26.95
CA TRP A 754 9.04 17.84 -26.86
C TRP A 754 9.27 16.60 -27.70
N ALA A 755 9.88 16.74 -28.87
CA ALA A 755 10.22 15.57 -29.66
C ALA A 755 11.18 14.66 -28.91
N ALA A 756 12.24 15.23 -28.34
CA ALA A 756 13.21 14.41 -27.61
C ALA A 756 12.61 13.79 -26.36
N ALA A 757 11.86 14.57 -25.59
CA ALA A 757 11.21 14.05 -24.39
C ALA A 757 10.25 12.94 -24.71
N LEU A 758 9.50 13.06 -25.82
CA LEU A 758 8.55 12.04 -26.15
C LEU A 758 9.24 10.79 -26.69
N TYR A 759 10.38 10.94 -27.34
CA TYR A 759 11.17 9.75 -27.66
C TYR A 759 11.56 9.01 -26.39
N PHE A 760 12.12 9.72 -25.42
CA PHE A 760 12.54 9.04 -24.19
C PHE A 760 11.35 8.61 -23.34
N PHE A 761 10.16 9.12 -23.61
CA PHE A 761 8.96 8.71 -22.87
C PHE A 761 8.48 7.33 -23.30
N PHE A 762 8.70 6.97 -24.57
CA PHE A 762 8.22 5.70 -25.09
C PHE A 762 9.17 4.55 -24.78
N GLN A 763 10.28 4.81 -24.11
CA GLN A 763 11.19 3.75 -23.69
C GLN A 763 10.65 3.16 -22.40
N ASN A 764 10.05 1.98 -22.49
CA ASN A 764 9.40 1.32 -21.37
C ASN A 764 10.45 0.46 -20.66
N LEU A 765 10.87 0.92 -19.48
CA LEU A 765 11.89 0.24 -18.70
C LEU A 765 11.32 -0.52 -17.51
N SER A 766 10.08 -0.26 -17.14
CA SER A 766 9.41 -1.01 -16.08
C SER A 766 7.92 -0.88 -16.31
N SER A 767 7.16 -1.62 -15.52
CA SER A 767 5.72 -1.61 -15.65
C SER A 767 5.11 -1.57 -14.26
N TRP A 768 3.79 -1.51 -14.23
CA TRP A 768 3.03 -1.94 -13.07
C TRP A 768 1.80 -2.70 -13.50
N GLU A 769 1.58 -2.84 -14.81
CA GLU A 769 0.43 -3.59 -15.31
C GLU A 769 0.55 -5.06 -14.95
N GLY A 770 1.69 -5.66 -15.24
CA GLY A 770 1.90 -7.08 -15.03
C GLY A 770 2.53 -7.38 -13.69
N THR A 771 3.21 -8.50 -13.64
CA THR A 771 3.91 -8.99 -12.45
C THR A 771 5.30 -8.37 -12.38
N PRO A 772 5.95 -8.43 -11.21
CA PRO A 772 7.31 -7.89 -11.12
C PRO A 772 8.30 -8.52 -12.08
N ALA A 773 8.18 -9.81 -12.37
CA ALA A 773 9.09 -10.44 -13.32
C ALA A 773 8.85 -9.92 -14.73
N GLU A 774 7.59 -9.71 -15.10
CA GLU A 774 7.30 -9.18 -16.43
C GLU A 774 7.84 -7.77 -16.59
N SER A 775 7.83 -6.98 -15.52
CA SER A 775 8.39 -5.64 -15.60
C SER A 775 9.91 -5.68 -15.62
N ARG A 776 10.51 -6.63 -14.89
CA ARG A 776 11.95 -6.79 -14.96
C ARG A 776 12.43 -7.24 -16.32
N GLU A 777 11.57 -7.90 -17.10
CA GLU A 777 11.93 -8.20 -18.48
C GLU A 777 12.31 -6.94 -19.27
N LYS A 778 11.84 -5.77 -18.84
CA LYS A 778 12.01 -4.53 -19.60
C LYS A 778 13.19 -3.69 -19.14
N ASN A 779 13.88 -4.08 -18.06
CA ASN A 779 14.91 -3.24 -17.49
C ASN A 779 16.08 -3.08 -18.45
N ARG A 780 16.74 -1.92 -18.36
CA ARG A 780 17.89 -1.61 -19.19
C ARG A 780 18.97 -0.95 -18.34
N GLU A 781 20.19 -1.01 -18.83
CA GLU A 781 21.30 -0.34 -18.17
C GLU A 781 21.17 1.17 -18.31
N CYS A 782 21.97 1.89 -17.52
CA CYS A 782 21.96 3.34 -17.57
C CYS A 782 22.53 3.84 -18.89
N ILE A 783 21.89 4.87 -19.44
CA ILE A 783 22.26 5.37 -20.76
C ILE A 783 23.14 6.62 -20.69
N LEU A 784 23.18 7.33 -19.57
CA LEU A 784 23.90 8.58 -19.45
C LEU A 784 24.70 8.59 -18.16
N LEU A 785 26.01 8.80 -18.28
CA LEU A 785 26.91 8.98 -17.14
C LEU A 785 26.95 7.78 -16.20
N ASP A 786 26.53 6.62 -16.68
CA ASP A 786 26.42 5.40 -15.88
C ASP A 786 25.46 5.57 -14.71
N PHE A 787 24.57 6.55 -14.76
CA PHE A 787 23.73 6.86 -13.62
C PHE A 787 22.26 7.00 -14.00
N PHE A 788 21.98 7.44 -15.23
CA PHE A 788 20.63 7.78 -15.65
C PHE A 788 20.18 6.86 -16.78
N ASP A 789 18.94 6.43 -16.71
CA ASP A 789 18.33 5.62 -17.75
C ASP A 789 17.40 6.49 -18.60
N ASP A 790 16.63 5.85 -19.49
CA ASP A 790 15.77 6.58 -20.41
C ASP A 790 14.68 7.36 -19.67
N HIS A 791 14.16 6.82 -18.58
CA HIS A 791 13.12 7.52 -17.84
C HIS A 791 13.65 8.76 -17.14
N ASP A 792 14.90 8.71 -16.68
CA ASP A 792 15.52 9.91 -16.11
C ASP A 792 15.66 11.01 -17.16
N ILE A 793 16.05 10.63 -18.39
CA ILE A 793 16.10 11.62 -19.45
C ILE A 793 14.71 12.13 -19.77
N TRP A 794 13.69 11.28 -19.65
CA TRP A 794 12.33 11.77 -19.81
C TRP A 794 12.02 12.84 -18.78
N HIS A 795 12.42 12.64 -17.53
CA HIS A 795 12.22 13.66 -16.51
C HIS A 795 12.91 14.97 -16.89
N PHE A 796 14.20 14.90 -17.20
CA PHE A 796 14.97 16.09 -17.58
C PHE A 796 14.31 16.82 -18.74
N LEU A 797 14.03 16.10 -19.83
CA LEU A 797 13.59 16.74 -21.05
C LEU A 797 12.14 17.18 -20.97
N SER A 798 11.31 16.51 -20.16
CA SER A 798 9.95 17.00 -19.99
C SER A 798 9.94 18.27 -19.15
N ALA A 799 10.82 18.37 -18.15
CA ALA A 799 10.96 19.64 -17.44
C ALA A 799 11.36 20.74 -18.40
N THR A 800 12.36 20.49 -19.24
CA THR A 800 12.81 21.52 -20.18
C THR A 800 11.73 21.89 -21.19
N ALA A 801 10.99 20.89 -21.69
CA ALA A 801 9.95 21.15 -22.68
C ALA A 801 8.80 21.95 -22.07
N LEU A 802 8.39 21.61 -20.86
CA LEU A 802 7.35 22.39 -20.19
C LEU A 802 7.83 23.81 -19.91
N PHE A 803 9.10 23.97 -19.51
CA PHE A 803 9.63 25.31 -19.29
C PHE A 803 9.56 26.15 -20.56
N PHE A 804 9.96 25.57 -21.69
CA PHE A 804 9.96 26.36 -22.92
C PHE A 804 8.56 26.61 -23.44
N SER A 805 7.61 25.71 -23.16
CA SER A 805 6.22 26.00 -23.51
C SER A 805 5.65 27.11 -22.65
N PHE A 806 5.99 27.13 -21.36
CA PHE A 806 5.64 28.27 -20.52
C PHE A 806 6.20 29.56 -21.09
N LEU A 807 7.44 29.53 -21.55
CA LEU A 807 8.05 30.72 -22.12
C LEU A 807 7.34 31.17 -23.39
N VAL A 808 6.94 30.22 -24.23
CA VAL A 808 6.14 30.58 -25.41
C VAL A 808 4.86 31.29 -24.99
N LEU A 809 4.13 30.69 -24.04
CA LEU A 809 2.89 31.30 -23.59
C LEU A 809 3.12 32.69 -23.03
N LEU A 810 4.24 32.89 -22.33
CA LEU A 810 4.51 34.17 -21.70
C LEU A 810 4.91 35.23 -22.71
N THR A 811 5.69 34.86 -23.72
CA THR A 811 6.36 35.84 -24.56
C THR A 811 5.85 35.87 -25.98
N LEU A 812 4.76 35.16 -26.30
CA LEU A 812 4.29 35.14 -27.68
C LEU A 812 3.74 36.50 -28.10
N ASP A 813 2.94 37.14 -27.26
CA ASP A 813 2.21 38.34 -27.63
C ASP A 813 2.98 39.61 -27.33
N ASP A 814 4.30 39.54 -27.28
CA ASP A 814 5.11 40.73 -27.01
C ASP A 814 5.19 41.66 -28.20
N ASP A 815 4.95 41.17 -29.41
CA ASP A 815 4.93 42.05 -30.59
C ASP A 815 3.82 43.06 -30.53
N LEU A 816 2.89 42.92 -29.60
CA LEU A 816 1.78 43.86 -29.47
C LEU A 816 2.18 45.00 -28.54
N ASP A 817 3.14 45.79 -29.01
CA ASP A 817 3.41 47.11 -28.48
C ASP A 817 2.50 48.16 -29.10
N VAL A 818 1.41 47.73 -29.70
CA VAL A 818 0.50 48.59 -30.42
C VAL A 818 -0.63 48.98 -29.48
N VAL A 819 -1.23 50.14 -29.76
CA VAL A 819 -2.46 50.51 -29.05
C VAL A 819 -3.54 49.50 -29.42
N ARG A 820 -4.47 49.27 -28.49
CA ARG A 820 -5.38 48.14 -28.56
C ARG A 820 -6.41 48.35 -29.66
N ARG A 821 -6.15 47.83 -30.86
CA ARG A 821 -7.23 47.73 -31.83
C ARG A 821 -7.29 46.30 -32.37
N ASP A 822 -7.12 45.33 -31.48
CA ASP A 822 -7.05 43.93 -31.88
C ASP A 822 -8.45 43.35 -31.98
N GLN A 823 -8.54 42.09 -32.38
CA GLN A 823 -9.84 41.43 -32.53
C GLN A 823 -10.49 41.21 -31.17
N ALA B 42 19.98 -55.39 13.11
CA ALA B 42 18.81 -55.60 12.27
C ALA B 42 17.67 -54.69 12.70
N ALA B 43 16.47 -54.98 12.21
CA ALA B 43 15.31 -54.18 12.53
C ALA B 43 14.84 -54.45 13.95
N ARG B 44 14.42 -53.39 14.63
CA ARG B 44 13.90 -53.49 16.00
C ARG B 44 12.40 -53.26 15.95
N GLY B 45 11.63 -54.34 16.10
CA GLY B 45 10.19 -54.22 16.26
C GLY B 45 10.03 -53.47 17.56
N ALA B 46 9.34 -52.34 17.54
CA ALA B 46 9.30 -51.42 18.67
C ALA B 46 7.83 -51.17 18.97
N ASP B 47 7.59 -50.70 20.18
CA ASP B 47 6.24 -50.47 20.69
C ASP B 47 5.96 -48.98 20.80
N PHE B 48 4.68 -48.63 20.64
CA PHE B 48 4.27 -47.25 20.85
C PHE B 48 4.23 -46.93 22.33
N ASP B 49 4.42 -45.65 22.65
CA ASP B 49 4.39 -45.15 24.03
C ASP B 49 5.41 -45.84 24.92
N HIS B 50 6.54 -46.24 24.35
CA HIS B 50 7.66 -46.81 25.09
C HIS B 50 8.88 -45.94 24.84
N VAL B 51 9.62 -45.63 25.90
CA VAL B 51 10.79 -44.76 25.79
C VAL B 51 12.01 -45.64 25.56
N TYR B 52 12.63 -45.51 24.40
CA TYR B 52 13.83 -46.23 24.04
C TYR B 52 15.03 -45.31 24.20
N SER B 53 15.97 -45.69 25.06
CA SER B 53 17.20 -44.94 25.23
C SER B 53 18.34 -45.67 24.54
N GLY B 54 19.25 -44.91 23.96
CA GLY B 54 20.32 -45.53 23.21
C GLY B 54 21.49 -44.60 23.00
N VAL B 55 22.56 -45.15 22.44
CA VAL B 55 23.78 -44.42 22.14
C VAL B 55 24.16 -44.72 20.70
N VAL B 56 24.48 -43.68 19.93
CA VAL B 56 24.83 -43.83 18.53
C VAL B 56 26.15 -43.15 18.25
N ASN B 57 27.10 -43.88 17.68
CA ASN B 57 28.39 -43.34 17.26
C ASN B 57 28.54 -43.52 15.76
N LEU B 58 29.73 -43.19 15.25
CA LEU B 58 29.95 -43.30 13.81
C LEU B 58 29.80 -44.73 13.32
N SER B 59 29.98 -45.70 14.22
CA SER B 59 29.93 -47.11 13.85
C SER B 59 28.52 -47.68 13.93
N THR B 60 27.81 -47.43 15.03
CA THR B 60 26.52 -48.04 15.30
C THR B 60 25.40 -47.07 14.96
N GLU B 61 24.44 -47.53 14.15
CA GLU B 61 23.22 -46.79 13.85
C GLU B 61 22.03 -47.62 14.31
N ASN B 62 21.06 -46.98 14.95
CA ASN B 62 19.95 -47.68 15.58
C ASN B 62 18.68 -47.54 14.76
N ILE B 63 18.06 -48.67 14.43
CA ILE B 63 16.81 -48.69 13.69
C ILE B 63 15.69 -49.15 14.62
N TYR B 64 14.50 -48.60 14.39
CA TYR B 64 13.30 -48.99 15.11
C TYR B 64 12.17 -49.15 14.12
N SER B 65 11.42 -50.23 14.23
CA SER B 65 10.28 -50.50 13.37
C SER B 65 8.99 -50.33 14.17
N PHE B 66 8.01 -49.69 13.56
CA PHE B 66 6.73 -49.43 14.20
C PHE B 66 5.63 -49.84 13.23
N ASN B 67 4.77 -50.76 13.67
CA ASN B 67 3.75 -51.35 12.83
C ASN B 67 2.40 -50.99 13.40
N TYR B 68 1.49 -50.49 12.56
CA TYR B 68 0.17 -50.15 13.10
C TYR B 68 -0.86 -50.19 11.98
N THR B 69 -2.11 -50.39 12.37
CA THR B 69 -3.21 -50.47 11.43
C THR B 69 -4.12 -49.25 11.59
N SER B 70 -4.55 -48.69 10.47
CA SER B 70 -5.48 -47.58 10.45
C SER B 70 -6.81 -48.08 9.91
N GLN B 71 -7.88 -47.90 10.67
CA GLN B 71 -9.19 -48.37 10.27
C GLN B 71 -9.91 -47.31 9.44
N PRO B 72 -10.81 -47.73 8.55
CA PRO B 72 -11.57 -46.76 7.76
C PRO B 72 -12.45 -45.88 8.63
N ASP B 73 -12.78 -44.70 8.11
CA ASP B 73 -13.55 -43.69 8.83
C ASP B 73 -12.90 -43.35 10.17
N GLN B 74 -11.58 -43.38 10.21
CA GLN B 74 -10.83 -43.05 11.41
C GLN B 74 -9.43 -42.66 11.01
N VAL B 75 -8.93 -41.57 11.59
CA VAL B 75 -7.62 -41.02 11.25
C VAL B 75 -6.69 -41.21 12.43
N THR B 76 -5.52 -41.80 12.16
CA THR B 76 -4.51 -42.01 13.19
C THR B 76 -3.26 -41.22 12.82
N ALA B 77 -2.84 -40.34 13.72
CA ALA B 77 -1.61 -39.60 13.55
C ALA B 77 -0.58 -40.17 14.52
N VAL B 78 0.67 -40.19 14.09
CA VAL B 78 1.79 -40.67 14.90
C VAL B 78 2.67 -39.48 15.21
N ARG B 79 3.15 -39.41 16.45
CA ARG B 79 4.07 -38.37 16.87
C ARG B 79 5.36 -39.00 17.37
N VAL B 80 6.48 -38.45 16.90
CA VAL B 80 7.81 -38.93 17.25
C VAL B 80 8.49 -37.85 18.08
N TYR B 81 8.94 -38.23 19.27
CA TYR B 81 9.73 -37.37 20.15
C TYR B 81 11.12 -37.95 20.24
N VAL B 82 12.13 -37.11 20.03
CA VAL B 82 13.52 -37.46 20.28
C VAL B 82 14.13 -36.36 21.12
N ASN B 83 14.75 -36.73 22.22
CA ASN B 83 15.58 -35.77 22.93
C ASN B 83 16.98 -36.34 23.09
N SER B 84 17.95 -35.45 23.24
CA SER B 84 19.35 -35.85 23.30
C SER B 84 20.04 -35.07 24.42
N SER B 85 20.32 -35.76 25.52
CA SER B 85 21.08 -35.13 26.60
C SER B 85 22.47 -34.71 26.14
N SER B 86 23.04 -35.39 25.15
CA SER B 86 24.35 -35.03 24.64
C SER B 86 24.35 -33.62 24.08
N GLU B 87 25.37 -32.84 24.44
CA GLU B 87 25.48 -31.46 24.00
C GLU B 87 26.86 -31.27 23.36
N ASN B 88 26.96 -31.63 22.08
CA ASN B 88 28.15 -31.35 21.29
C ASN B 88 27.63 -30.98 19.91
N LEU B 89 27.47 -29.68 19.67
CA LEU B 89 26.78 -29.22 18.47
C LEU B 89 27.53 -29.52 17.19
N ASN B 90 28.75 -30.07 17.28
CA ASN B 90 29.49 -30.53 16.12
C ASN B 90 29.22 -31.97 15.77
N TYR B 91 28.53 -32.71 16.64
CA TYR B 91 28.13 -34.09 16.37
C TYR B 91 26.70 -34.29 16.87
N PRO B 92 25.72 -33.70 16.19
CA PRO B 92 24.33 -33.87 16.58
C PRO B 92 23.84 -35.28 16.28
N VAL B 93 22.70 -35.59 16.86
CA VAL B 93 21.99 -36.83 16.57
C VAL B 93 21.09 -36.59 15.37
N LEU B 94 21.18 -37.46 14.36
CA LEU B 94 20.41 -37.33 13.15
C LEU B 94 19.27 -38.34 13.19
N VAL B 95 18.04 -37.86 13.02
CA VAL B 95 16.84 -38.68 13.10
C VAL B 95 16.20 -38.70 11.72
N VAL B 96 15.88 -39.91 11.24
CA VAL B 96 15.21 -40.11 9.97
C VAL B 96 13.97 -40.96 10.22
N VAL B 97 12.82 -40.48 9.76
CA VAL B 97 11.57 -41.20 9.86
C VAL B 97 11.12 -41.54 8.45
N ARG B 98 11.13 -42.82 8.11
CA ARG B 98 10.74 -43.30 6.80
C ARG B 98 9.34 -43.89 6.87
N GLN B 99 8.45 -43.36 6.04
CA GLN B 99 7.12 -43.92 5.82
C GLN B 99 7.08 -44.52 4.43
N GLN B 100 5.89 -44.96 4.02
CA GLN B 100 5.77 -45.57 2.70
C GLN B 100 5.94 -44.55 1.60
N LYS B 101 5.33 -43.37 1.76
CA LYS B 101 5.29 -42.36 0.71
C LYS B 101 6.06 -41.11 1.07
N GLU B 102 6.86 -41.14 2.14
CA GLU B 102 7.47 -39.90 2.59
C GLU B 102 8.62 -40.22 3.53
N VAL B 103 9.54 -39.27 3.62
CA VAL B 103 10.67 -39.34 4.54
C VAL B 103 10.82 -37.99 5.22
N LEU B 104 11.20 -38.03 6.49
CA LEU B 104 11.39 -36.85 7.31
C LEU B 104 12.72 -36.99 8.02
N SER B 105 13.38 -35.86 8.29
CA SER B 105 14.65 -35.96 8.99
C SER B 105 14.92 -34.65 9.71
N TRP B 106 15.69 -34.75 10.79
CA TRP B 106 16.05 -33.56 11.56
C TRP B 106 17.25 -33.87 12.45
N GLN B 107 17.76 -32.82 13.09
CA GLN B 107 18.87 -32.94 14.03
C GLN B 107 18.35 -32.68 15.44
N VAL B 108 18.99 -33.35 16.40
CA VAL B 108 18.79 -33.09 17.82
C VAL B 108 20.18 -32.89 18.43
N PRO B 109 20.49 -31.73 19.01
CA PRO B 109 19.65 -30.55 19.22
C PRO B 109 19.30 -29.77 17.96
N LEU B 110 18.09 -29.24 17.91
CA LEU B 110 17.65 -28.44 16.80
C LEU B 110 18.16 -27.01 16.96
N LEU B 111 18.85 -26.51 15.96
CA LEU B 111 19.47 -25.19 16.01
C LEU B 111 18.62 -24.16 15.30
N PHE B 112 18.46 -23.01 15.92
CA PHE B 112 17.81 -21.85 15.31
C PHE B 112 18.79 -20.70 15.31
N GLN B 113 18.73 -19.88 14.27
CA GLN B 113 19.55 -18.69 14.17
C GLN B 113 18.64 -17.47 14.25
N GLY B 114 18.88 -16.62 15.24
CA GLY B 114 18.07 -15.44 15.42
C GLY B 114 18.68 -14.22 14.76
N LEU B 115 17.95 -13.11 14.85
CA LEU B 115 18.52 -11.84 14.42
C LEU B 115 19.72 -11.48 15.28
N TYR B 116 20.63 -10.71 14.70
CA TYR B 116 21.83 -10.24 15.40
C TYR B 116 22.72 -11.39 15.81
N GLN B 117 22.71 -12.46 15.00
CA GLN B 117 23.61 -13.60 15.15
C GLN B 117 23.57 -14.18 16.56
N ARG B 118 22.36 -14.45 17.01
CA ARG B 118 22.13 -15.18 18.25
C ARG B 118 21.60 -16.56 17.89
N SER B 119 22.13 -17.59 18.53
CA SER B 119 21.83 -18.96 18.19
C SER B 119 21.20 -19.68 19.37
N TYR B 120 20.18 -20.48 19.09
CA TYR B 120 19.47 -21.26 20.08
C TYR B 120 19.54 -22.73 19.72
N ASN B 121 19.55 -23.58 20.74
CA ASN B 121 19.52 -25.02 20.52
C ASN B 121 18.48 -25.65 21.43
N TYR B 122 17.68 -26.54 20.87
CA TYR B 122 16.60 -27.21 21.59
C TYR B 122 16.89 -28.69 21.65
N GLN B 123 16.96 -29.24 22.85
CA GLN B 123 17.33 -30.64 23.03
C GLN B 123 16.16 -31.59 22.89
N GLU B 124 14.93 -31.09 22.83
CA GLU B 124 13.75 -31.93 22.63
C GLU B 124 13.09 -31.54 21.32
N VAL B 125 12.98 -32.49 20.40
CA VAL B 125 12.34 -32.28 19.11
C VAL B 125 11.18 -33.27 18.99
N SER B 126 10.09 -32.84 18.39
CA SER B 126 8.92 -33.68 18.25
C SER B 126 8.17 -33.28 17.00
N ARG B 127 7.62 -34.27 16.30
CA ARG B 127 6.90 -34.01 15.05
C ARG B 127 5.80 -35.03 14.86
N THR B 128 4.69 -34.56 14.29
CA THR B 128 3.61 -35.43 13.86
C THR B 128 3.82 -35.79 12.40
N LEU B 129 3.72 -37.08 12.08
CA LEU B 129 3.85 -37.55 10.73
C LEU B 129 2.53 -37.38 9.99
N CYS B 130 2.61 -36.89 8.77
CA CYS B 130 1.42 -36.64 7.97
C CYS B 130 0.65 -37.94 7.76
N PRO B 131 -0.61 -38.02 8.19
CA PRO B 131 -1.32 -39.29 8.13
C PRO B 131 -2.00 -39.52 6.79
N SER B 132 -2.02 -40.77 6.38
CA SER B 132 -2.82 -41.22 5.25
C SER B 132 -4.07 -41.86 5.82
N GLU B 133 -5.22 -41.22 5.60
CA GLU B 133 -6.44 -41.64 6.26
C GLU B 133 -7.09 -42.79 5.51
N ALA B 134 -7.52 -43.80 6.26
CA ALA B 134 -8.10 -45.01 5.68
C ALA B 134 -9.57 -44.77 5.33
N THR B 135 -9.95 -45.19 4.13
CA THR B 135 -11.29 -44.99 3.62
C THR B 135 -11.85 -46.35 3.18
N ASN B 136 -13.08 -46.34 2.67
CA ASN B 136 -13.70 -47.58 2.22
C ASN B 136 -13.11 -48.07 0.91
N GLU B 137 -12.38 -47.22 0.17
CA GLU B 137 -11.65 -47.72 -0.99
C GLU B 137 -10.59 -48.73 -0.59
N THR B 138 -10.06 -48.62 0.63
CA THR B 138 -8.85 -49.35 1.00
C THR B 138 -9.09 -50.37 2.10
N GLY B 139 -10.00 -50.07 3.03
CA GLY B 139 -10.18 -50.90 4.18
C GLY B 139 -9.11 -50.64 5.22
N PRO B 140 -8.89 -51.60 6.12
CA PRO B 140 -7.83 -51.44 7.13
C PRO B 140 -6.46 -51.38 6.47
N LEU B 141 -5.80 -50.23 6.62
CA LEU B 141 -4.49 -50.01 6.01
C LEU B 141 -3.40 -50.38 7.01
N GLN B 142 -2.54 -51.31 6.61
CA GLN B 142 -1.38 -51.67 7.41
C GLN B 142 -0.23 -50.73 7.08
N GLN B 143 0.34 -50.10 8.10
CA GLN B 143 1.33 -49.06 7.93
C GLN B 143 2.59 -49.43 8.70
N LEU B 144 3.74 -49.27 8.05
CA LEU B 144 5.04 -49.50 8.65
C LEU B 144 5.79 -48.18 8.70
N ILE B 145 6.56 -47.98 9.75
CA ILE B 145 7.30 -46.75 9.96
C ILE B 145 8.68 -47.11 10.50
N PHE B 146 9.72 -46.56 9.91
CA PHE B 146 11.08 -46.79 10.36
C PHE B 146 11.64 -45.53 10.98
N VAL B 147 12.34 -45.67 12.09
CA VAL B 147 13.03 -44.56 12.73
C VAL B 147 14.50 -44.91 12.84
N ASP B 148 15.34 -44.16 12.12
CA ASP B 148 16.78 -44.29 12.15
C ASP B 148 17.35 -43.20 13.05
N VAL B 149 18.20 -43.59 13.99
CA VAL B 149 18.98 -42.66 14.80
C VAL B 149 20.44 -42.92 14.49
N ALA B 150 21.16 -41.85 14.11
CA ALA B 150 22.56 -41.97 13.74
C ALA B 150 23.32 -40.79 14.30
N SER B 151 24.65 -40.90 14.25
CA SER B 151 25.53 -39.82 14.68
C SER B 151 26.95 -40.16 14.24
N MET B 152 27.73 -39.11 13.99
CA MET B 152 29.13 -39.27 13.63
C MET B 152 30.08 -38.99 14.79
N ALA B 153 29.55 -38.93 16.01
CA ALA B 153 30.40 -38.69 17.16
C ALA B 153 31.36 -39.85 17.35
N PRO B 154 32.63 -39.57 17.68
CA PRO B 154 33.59 -40.66 17.94
C PRO B 154 33.12 -41.59 19.06
N LEU B 155 32.85 -41.03 20.24
CA LEU B 155 32.14 -41.73 21.29
C LEU B 155 30.69 -41.24 21.26
N GLY B 156 29.75 -42.19 21.21
CA GLY B 156 28.42 -41.90 20.72
C GLY B 156 27.67 -40.86 21.52
N ALA B 157 26.60 -40.35 20.90
CA ALA B 157 25.67 -39.47 21.58
C ALA B 157 24.51 -40.26 22.16
N GLN B 158 24.03 -39.81 23.31
CA GLN B 158 22.90 -40.41 24.00
C GLN B 158 21.60 -39.81 23.49
N TYR B 159 20.57 -40.64 23.39
CA TYR B 159 19.28 -40.18 22.88
C TYR B 159 18.16 -40.97 23.53
N LYS B 160 16.98 -40.35 23.58
CA LYS B 160 15.73 -40.99 23.96
C LYS B 160 14.71 -40.78 22.86
N LEU B 161 13.98 -41.85 22.54
CA LEU B 161 13.01 -41.91 21.47
C LEU B 161 11.67 -42.37 22.03
N LEU B 162 10.60 -41.72 21.61
CA LEU B 162 9.25 -42.11 22.01
C LEU B 162 8.31 -41.88 20.85
N VAL B 163 7.60 -42.92 20.43
CA VAL B 163 6.66 -42.84 19.32
C VAL B 163 5.28 -43.17 19.85
N THR B 164 4.35 -42.24 19.68
CA THR B 164 2.99 -42.39 20.21
C THR B 164 1.97 -42.19 19.12
N LYS B 165 0.76 -42.68 19.38
CA LYS B 165 -0.40 -42.38 18.54
C LYS B 165 -1.18 -41.26 19.20
N LEU B 166 -1.46 -40.20 18.44
CA LEU B 166 -2.19 -39.06 18.96
C LEU B 166 -3.65 -39.46 19.21
N LYS B 167 -4.08 -39.34 20.46
CA LYS B 167 -5.44 -39.71 20.81
C LYS B 167 -6.44 -38.68 20.30
N HIS B 168 -6.03 -37.41 20.19
CA HIS B 168 -6.93 -36.31 19.90
C HIS B 168 -6.44 -35.53 18.69
N PHE B 169 -6.13 -36.25 17.62
CA PHE B 169 -5.65 -35.59 16.41
C PHE B 169 -6.77 -34.81 15.72
N GLN B 170 -8.00 -35.29 15.80
CA GLN B 170 -9.12 -34.64 15.14
C GLN B 170 -9.83 -33.69 16.09
N LEU B 171 -10.03 -32.45 15.66
CA LEU B 171 -10.75 -31.47 16.45
C LEU B 171 -12.24 -31.57 16.17
N ARG B 172 -13.03 -31.32 17.21
CA ARG B 172 -14.48 -31.36 17.12
C ARG B 172 -15.04 -29.95 17.12
N THR B 173 -16.23 -29.81 16.54
CA THR B 173 -16.87 -28.51 16.46
C THR B 173 -17.31 -28.04 17.83
N ASN B 174 -16.96 -26.80 18.17
CA ASN B 174 -17.35 -26.10 19.38
C ASN B 174 -16.73 -26.65 20.65
N VAL B 175 -15.88 -27.67 20.55
CA VAL B 175 -15.19 -28.23 21.71
C VAL B 175 -13.82 -27.58 21.78
N ALA B 176 -13.50 -26.96 22.91
CA ALA B 176 -12.19 -26.37 23.12
C ALA B 176 -11.16 -27.45 23.42
N PHE B 177 -10.00 -27.32 22.80
CA PHE B 177 -8.92 -28.29 22.96
C PHE B 177 -7.67 -27.57 23.43
N HIS B 178 -7.08 -28.05 24.52
CA HIS B 178 -5.88 -27.46 25.08
C HIS B 178 -4.67 -28.32 24.76
N PHE B 179 -3.58 -27.67 24.37
CA PHE B 179 -2.34 -28.39 24.06
C PHE B 179 -1.17 -27.45 24.29
N THR B 180 0.03 -27.97 24.06
CA THR B 180 1.26 -27.22 24.25
C THR B 180 2.13 -27.39 23.01
N ALA B 181 2.73 -26.30 22.56
CA ALA B 181 3.66 -26.34 21.44
C ALA B 181 4.98 -25.71 21.86
N SER B 182 5.94 -25.76 20.95
CA SER B 182 7.30 -25.33 21.21
C SER B 182 7.98 -25.05 19.88
N PRO B 183 9.04 -24.24 19.87
CA PRO B 183 9.73 -23.99 18.59
C PRO B 183 10.30 -25.25 17.97
N SER B 184 10.69 -26.23 18.76
CA SER B 184 11.18 -27.50 18.25
C SER B 184 10.12 -28.60 18.29
N GLN B 185 8.89 -28.28 18.70
CA GLN B 185 7.82 -29.26 18.79
C GLN B 185 6.54 -28.65 18.24
N PRO B 186 6.45 -28.47 16.92
CA PRO B 186 5.23 -27.94 16.33
C PRO B 186 4.09 -28.92 16.43
N GLN B 187 2.87 -28.40 16.33
CA GLN B 187 1.69 -29.24 16.44
C GLN B 187 0.79 -28.98 15.26
N TYR B 188 -0.06 -29.96 14.94
CA TYR B 188 -1.13 -29.69 14.00
C TYR B 188 -2.20 -30.76 14.17
N PHE B 189 -3.43 -30.37 13.83
CA PHE B 189 -4.60 -31.20 14.07
C PHE B 189 -5.50 -31.16 12.85
N LEU B 190 -6.41 -32.12 12.77
CA LEU B 190 -7.31 -32.25 11.64
C LEU B 190 -8.70 -31.77 12.01
N TYR B 191 -9.35 -31.08 11.07
CA TYR B 191 -10.76 -30.73 11.22
C TYR B 191 -11.50 -31.10 9.95
N LYS B 192 -12.63 -31.78 10.11
CA LYS B 192 -13.53 -32.09 9.02
C LYS B 192 -14.78 -31.23 9.15
N PHE B 193 -15.14 -30.54 8.08
CA PHE B 193 -16.35 -29.73 8.08
C PHE B 193 -17.57 -30.62 8.27
N PRO B 194 -18.48 -30.29 9.19
CA PRO B 194 -19.74 -31.05 9.25
C PRO B 194 -20.55 -30.85 8.00
N LYS B 195 -21.56 -31.70 7.83
CA LYS B 195 -22.31 -31.72 6.58
C LYS B 195 -23.18 -30.48 6.40
N ASP B 196 -23.52 -29.78 7.47
CA ASP B 196 -24.35 -28.59 7.38
C ASP B 196 -23.60 -27.29 7.54
N VAL B 197 -22.46 -27.31 8.23
CA VAL B 197 -21.65 -26.11 8.40
C VAL B 197 -20.94 -25.78 7.10
N ASP B 198 -21.04 -24.54 6.65
CA ASP B 198 -20.41 -24.08 5.43
C ASP B 198 -19.27 -23.11 5.67
N SER B 199 -19.01 -22.73 6.92
CA SER B 199 -17.95 -21.80 7.24
C SER B 199 -17.68 -21.90 8.74
N VAL B 200 -16.41 -21.79 9.12
CA VAL B 200 -16.02 -21.88 10.52
C VAL B 200 -15.04 -20.77 10.85
N ILE B 201 -14.85 -20.56 12.15
CA ILE B 201 -13.82 -19.68 12.68
C ILE B 201 -12.96 -20.50 13.63
N ILE B 202 -11.66 -20.49 13.40
CA ILE B 202 -10.70 -21.09 14.30
C ILE B 202 -10.23 -19.99 15.25
N LYS B 203 -10.62 -20.11 16.51
CA LYS B 203 -10.25 -19.16 17.55
C LYS B 203 -9.20 -19.81 18.43
N VAL B 204 -8.02 -19.21 18.49
CA VAL B 204 -6.91 -19.73 19.27
C VAL B 204 -6.60 -18.72 20.35
N VAL B 205 -6.43 -19.20 21.57
CA VAL B 205 -6.28 -18.36 22.75
C VAL B 205 -5.09 -18.85 23.55
N SER B 206 -4.29 -17.92 24.03
CA SER B 206 -3.24 -18.21 25.00
C SER B 206 -3.23 -17.10 26.04
N GLU B 207 -2.83 -17.42 27.26
CA GLU B 207 -2.86 -16.44 28.34
C GLU B 207 -1.63 -15.55 28.37
N MET B 208 -0.50 -15.99 27.84
CA MET B 208 0.68 -15.16 27.77
C MET B 208 0.96 -14.77 26.32
N ALA B 209 1.49 -13.56 26.13
CA ALA B 209 1.73 -13.08 24.78
C ALA B 209 2.91 -13.78 24.14
N TYR B 210 3.87 -14.23 24.93
CA TYR B 210 5.06 -14.83 24.35
C TYR B 210 5.17 -16.28 24.77
N PRO B 211 5.73 -17.15 23.92
CA PRO B 211 6.40 -16.90 22.64
C PRO B 211 5.49 -16.48 21.50
N CYS B 212 6.04 -15.70 20.57
CA CYS B 212 5.34 -15.41 19.32
C CYS B 212 5.10 -16.70 18.55
N SER B 213 3.97 -16.78 17.87
CA SER B 213 3.52 -18.02 17.27
C SER B 213 2.93 -17.75 15.90
N VAL B 214 2.68 -18.82 15.15
CA VAL B 214 2.00 -18.75 13.87
C VAL B 214 0.94 -19.84 13.85
N VAL B 215 -0.27 -19.47 13.47
CA VAL B 215 -1.37 -20.40 13.26
C VAL B 215 -1.64 -20.45 11.77
N SER B 216 -1.55 -21.63 11.17
CA SER B 216 -1.70 -21.81 9.74
C SER B 216 -2.81 -22.81 9.47
N VAL B 217 -3.50 -22.62 8.34
CA VAL B 217 -4.52 -23.54 7.88
C VAL B 217 -4.10 -24.02 6.50
N GLN B 218 -3.93 -25.34 6.38
CA GLN B 218 -3.45 -25.96 5.16
C GLN B 218 -4.39 -27.09 4.76
N ASN B 219 -4.30 -27.52 3.51
CA ASN B 219 -5.10 -28.67 3.13
C ASN B 219 -4.44 -29.95 3.64
N ILE B 220 -5.17 -31.05 3.56
CA ILE B 220 -4.77 -32.27 4.25
C ILE B 220 -3.85 -33.13 3.40
N MET B 221 -3.50 -32.66 2.22
CA MET B 221 -2.58 -33.39 1.36
C MET B 221 -1.15 -33.20 1.86
N CYS B 222 -0.41 -34.30 1.95
CA CYS B 222 0.93 -34.25 2.48
C CYS B 222 1.89 -33.65 1.46
N PRO B 223 2.97 -33.00 1.91
CA PRO B 223 3.40 -32.84 3.30
C PRO B 223 2.74 -31.68 4.02
N VAL B 224 2.83 -31.70 5.34
CA VAL B 224 2.41 -30.57 6.17
C VAL B 224 3.61 -29.67 6.36
N TYR B 225 3.42 -28.38 6.17
CA TYR B 225 4.49 -27.41 6.33
C TYR B 225 4.38 -26.85 7.75
N ASP B 226 5.10 -27.50 8.67
CA ASP B 226 5.01 -27.19 10.09
C ASP B 226 6.35 -26.71 10.65
N LEU B 227 7.21 -26.16 9.82
CA LEU B 227 8.48 -25.63 10.28
C LEU B 227 8.48 -24.12 10.15
N ASP B 228 9.43 -23.50 10.86
CA ASP B 228 9.52 -22.05 10.85
C ASP B 228 9.68 -21.51 9.45
N HIS B 229 10.39 -22.23 8.58
CA HIS B 229 10.74 -21.72 7.27
C HIS B 229 9.75 -22.08 6.18
N ASN B 230 8.67 -22.80 6.48
CA ASN B 230 7.73 -23.13 5.42
C ASN B 230 6.26 -23.04 5.80
N VAL B 231 5.92 -22.53 7.00
CA VAL B 231 4.51 -22.46 7.36
C VAL B 231 3.77 -21.43 6.53
N GLU B 232 4.45 -20.36 6.12
CA GLU B 232 3.80 -19.28 5.40
C GLU B 232 3.82 -19.49 3.90
N PHE B 233 4.03 -20.72 3.44
CA PHE B 233 4.12 -21.00 2.02
C PHE B 233 2.76 -21.29 1.39
N ASN B 234 1.95 -22.13 2.03
CA ASN B 234 0.60 -22.43 1.59
C ASN B 234 -0.40 -22.09 2.68
N GLY B 235 -1.68 -22.23 2.34
CA GLY B 235 -2.73 -22.00 3.29
C GLY B 235 -2.82 -20.55 3.71
N VAL B 236 -3.55 -20.34 4.80
CA VAL B 236 -3.73 -19.01 5.36
C VAL B 236 -3.16 -19.01 6.78
N TYR B 237 -2.44 -17.95 7.13
CA TYR B 237 -1.76 -17.95 8.41
C TYR B 237 -1.95 -16.61 9.10
N GLN B 238 -1.78 -16.63 10.42
CA GLN B 238 -1.82 -15.44 11.26
C GLN B 238 -0.73 -15.56 12.30
N SER B 239 0.05 -14.50 12.48
CA SER B 239 0.93 -14.43 13.63
C SER B 239 0.10 -14.17 14.87
N MET B 240 0.51 -14.76 15.98
CA MET B 240 -0.31 -14.73 17.18
C MET B 240 0.57 -14.60 18.42
N THR B 241 0.21 -13.66 19.29
CA THR B 241 0.75 -13.64 20.64
C THR B 241 -0.19 -14.35 21.61
N LYS B 242 -1.42 -13.85 21.73
CA LYS B 242 -2.39 -14.50 22.60
C LYS B 242 -3.77 -14.63 21.99
N LYS B 243 -3.97 -14.20 20.75
CA LYS B 243 -5.28 -14.34 20.12
C LYS B 243 -5.10 -14.51 18.62
N ALA B 244 -5.81 -15.49 18.05
CA ALA B 244 -5.92 -15.64 16.61
C ALA B 244 -7.33 -16.05 16.27
N ALA B 245 -7.77 -15.69 15.07
CA ALA B 245 -9.12 -16.03 14.63
C ALA B 245 -9.12 -16.04 13.11
N ILE B 246 -9.23 -17.24 12.53
CA ILE B 246 -9.18 -17.42 11.09
C ILE B 246 -10.54 -17.91 10.61
N THR B 247 -11.10 -17.21 9.62
CA THR B 247 -12.39 -17.57 9.05
C THR B 247 -12.18 -18.36 7.76
N LEU B 248 -12.86 -19.49 7.65
CA LEU B 248 -12.68 -20.39 6.52
C LEU B 248 -14.02 -20.79 5.94
N GLN B 249 -14.08 -20.83 4.61
CA GLN B 249 -15.24 -21.31 3.89
C GLN B 249 -15.03 -22.76 3.49
N LYS B 250 -16.11 -23.54 3.57
CA LYS B 250 -16.02 -24.96 3.23
C LYS B 250 -15.64 -25.17 1.77
N LYS B 251 -15.97 -24.21 0.90
CA LYS B 251 -15.73 -24.38 -0.53
C LYS B 251 -14.27 -24.24 -0.91
N ASP B 252 -13.45 -23.70 -0.02
CA ASP B 252 -12.04 -23.50 -0.32
C ASP B 252 -11.21 -24.76 -0.10
N PHE B 253 -11.81 -25.85 0.38
CA PHE B 253 -11.06 -27.02 0.83
C PHE B 253 -11.61 -28.28 0.16
N PRO B 254 -10.80 -28.98 -0.63
CA PRO B 254 -11.27 -30.23 -1.23
C PRO B 254 -11.32 -31.32 -0.17
N GLY B 255 -12.44 -32.03 -0.14
CA GLY B 255 -12.65 -33.04 0.87
C GLY B 255 -13.23 -32.53 2.17
N GLU B 256 -13.45 -31.21 2.28
CA GLU B 256 -14.08 -30.61 3.45
C GLU B 256 -13.25 -30.86 4.71
N GLN B 257 -11.93 -30.78 4.57
CA GLN B 257 -11.01 -31.04 5.66
C GLN B 257 -9.87 -30.04 5.60
N PHE B 258 -9.26 -29.81 6.74
CA PHE B 258 -8.01 -29.05 6.74
C PHE B 258 -7.19 -29.41 7.97
N PHE B 259 -5.92 -29.02 7.91
CA PHE B 259 -5.01 -29.09 9.04
C PHE B 259 -4.84 -27.70 9.63
N VAL B 260 -4.89 -27.62 10.95
CA VAL B 260 -4.53 -26.42 11.69
C VAL B 260 -3.16 -26.66 12.29
N VAL B 261 -2.20 -25.83 11.92
CA VAL B 261 -0.80 -25.99 12.27
C VAL B 261 -0.41 -24.87 13.22
N PHE B 262 0.29 -25.22 14.28
CA PHE B 262 0.75 -24.29 15.30
C PHE B 262 2.26 -24.38 15.37
N VAL B 263 2.93 -23.30 15.01
CA VAL B 263 4.39 -23.27 14.94
C VAL B 263 4.89 -22.12 15.79
N ILE B 264 5.70 -22.43 16.78
CA ILE B 264 6.22 -21.43 17.70
C ILE B 264 7.53 -20.89 17.14
N LYS B 265 7.67 -19.58 17.15
CA LYS B 265 8.84 -18.96 16.58
C LYS B 265 9.98 -18.94 17.60
N PRO B 266 11.23 -18.97 17.12
CA PRO B 266 12.36 -18.97 18.07
C PRO B 266 12.62 -17.62 18.70
N GLU B 267 12.08 -16.54 18.15
CA GLU B 267 12.22 -15.21 18.72
C GLU B 267 10.89 -14.48 18.63
N ASP B 268 10.83 -13.29 19.20
CA ASP B 268 9.60 -12.53 19.32
C ASP B 268 9.61 -11.24 18.53
N TYR B 269 10.51 -11.12 17.55
CA TYR B 269 10.63 -9.86 16.83
C TYR B 269 9.41 -9.58 15.97
N ALA B 270 8.87 -10.62 15.32
CA ALA B 270 7.73 -10.42 14.45
C ALA B 270 6.46 -10.07 15.21
N CYS B 271 6.44 -10.30 16.51
CA CYS B 271 5.27 -10.03 17.35
C CYS B 271 5.47 -8.82 18.24
N GLY B 272 6.52 -8.04 18.02
CA GLY B 272 6.76 -6.85 18.80
C GLY B 272 7.62 -7.03 20.02
N GLY B 273 8.25 -8.18 20.19
CA GLY B 273 9.15 -8.44 21.29
C GLY B 273 10.60 -8.34 20.89
N SER B 274 11.46 -9.05 21.61
CA SER B 274 12.89 -9.02 21.35
C SER B 274 13.45 -10.42 21.15
N PHE B 275 14.79 -10.52 21.14
CA PHE B 275 15.45 -11.80 20.87
C PHE B 275 14.94 -12.90 21.78
N PHE B 276 14.89 -12.63 23.07
CA PHE B 276 14.38 -13.63 24.01
C PHE B 276 13.71 -12.88 25.15
N ILE B 277 12.40 -12.67 25.02
CA ILE B 277 11.59 -12.03 26.04
C ILE B 277 10.59 -13.00 26.65
N GLN B 278 10.72 -14.29 26.36
CA GLN B 278 9.93 -15.33 27.02
C GLN B 278 10.85 -16.04 27.99
N GLU B 279 10.71 -15.71 29.28
CA GLU B 279 11.45 -16.38 30.35
C GLU B 279 10.62 -17.52 30.91
N LYS B 280 10.98 -18.74 30.55
CA LYS B 280 10.36 -19.95 31.09
C LYS B 280 11.32 -20.77 31.94
N GLU B 281 12.52 -21.01 31.46
CA GLU B 281 13.38 -22.06 31.97
C GLU B 281 14.73 -21.50 32.39
N ASN B 282 15.58 -22.42 32.86
CA ASN B 282 16.95 -22.08 33.23
C ASN B 282 17.78 -21.88 31.97
N GLN B 283 18.76 -20.97 32.05
CA GLN B 283 19.70 -20.79 30.95
C GLN B 283 20.98 -21.59 31.21
N THR B 284 20.79 -22.88 31.46
CA THR B 284 21.88 -23.85 31.65
C THR B 284 21.53 -25.04 30.74
N TRP B 285 22.11 -25.04 29.53
CA TRP B 285 22.06 -26.14 28.56
C TRP B 285 20.67 -26.74 28.37
N ASN B 286 19.62 -25.98 28.66
CA ASN B 286 18.25 -26.46 28.53
C ASN B 286 17.32 -25.30 28.15
N LEU B 287 16.64 -25.45 27.02
CA LEU B 287 15.93 -24.35 26.39
C LEU B 287 14.58 -24.86 25.86
N GLN B 288 13.50 -24.28 26.37
CA GLN B 288 12.16 -24.53 25.85
C GLN B 288 11.39 -23.22 25.84
N ARG B 289 10.61 -23.01 24.79
CA ARG B 289 9.70 -21.87 24.70
C ARG B 289 8.27 -22.40 24.64
N LYS B 290 7.95 -23.29 25.56
CA LYS B 290 6.62 -23.88 25.62
C LYS B 290 5.54 -22.81 25.60
N LYS B 291 4.53 -23.04 24.77
CA LYS B 291 3.38 -22.17 24.68
C LYS B 291 2.12 -23.00 24.89
N ASN B 292 1.29 -22.57 25.83
CA ASN B 292 0.01 -23.22 26.09
C ASN B 292 -1.05 -22.59 25.19
N LEU B 293 -1.73 -23.43 24.42
CA LEU B 293 -2.68 -22.97 23.43
C LEU B 293 -4.01 -23.66 23.64
N GLU B 294 -5.09 -22.95 23.32
CA GLU B 294 -6.43 -23.51 23.35
C GLU B 294 -7.10 -23.14 22.03
N VAL B 295 -7.55 -24.14 21.29
CA VAL B 295 -8.15 -23.92 19.98
C VAL B 295 -9.60 -24.36 20.03
N THR B 296 -10.48 -23.56 19.44
CA THR B 296 -11.88 -23.89 19.29
C THR B 296 -12.30 -23.56 17.87
N ILE B 297 -12.95 -24.50 17.20
CA ILE B 297 -13.45 -24.30 15.86
C ILE B 297 -14.95 -24.19 15.94
N VAL B 298 -15.47 -22.98 15.70
CA VAL B 298 -16.88 -22.70 15.90
C VAL B 298 -17.55 -22.37 14.57
N PRO B 299 -18.78 -22.79 14.34
CA PRO B 299 -19.45 -22.43 13.08
C PRO B 299 -19.77 -20.94 13.04
N SER B 300 -19.74 -20.38 11.85
CA SER B 300 -20.03 -18.97 11.69
C SER B 300 -21.54 -18.73 11.67
N ILE B 301 -21.90 -17.45 11.64
CA ILE B 301 -23.30 -17.06 11.58
C ILE B 301 -23.88 -17.43 10.22
N LYS B 302 -25.18 -17.67 10.20
CA LYS B 302 -25.88 -17.98 8.97
C LYS B 302 -26.16 -16.71 8.18
N GLU B 303 -26.67 -16.88 6.95
CA GLU B 303 -27.07 -15.73 6.16
C GLU B 303 -28.29 -15.02 6.75
N SER B 304 -29.08 -15.71 7.57
CA SER B 304 -30.17 -15.06 8.29
C SER B 304 -29.65 -13.90 9.12
N VAL B 305 -28.47 -14.07 9.73
CA VAL B 305 -27.90 -12.99 10.54
C VAL B 305 -27.51 -11.82 9.65
N TYR B 306 -26.95 -12.10 8.48
CA TYR B 306 -26.62 -11.04 7.53
C TYR B 306 -27.88 -10.25 7.15
N VAL B 307 -28.95 -10.97 6.82
CA VAL B 307 -30.18 -10.30 6.39
C VAL B 307 -30.76 -9.47 7.53
N LYS B 308 -30.85 -10.06 8.72
CA LYS B 308 -31.42 -9.34 9.85
C LYS B 308 -30.61 -8.11 10.21
N SER B 309 -29.28 -8.20 10.12
CA SER B 309 -28.44 -7.07 10.48
C SER B 309 -28.51 -5.97 9.43
N SER B 310 -28.57 -6.33 8.14
CA SER B 310 -28.73 -5.31 7.12
C SER B 310 -30.09 -4.62 7.24
N LEU B 311 -31.14 -5.39 7.55
CA LEU B 311 -32.45 -4.78 7.73
C LEU B 311 -32.46 -3.84 8.92
N PHE B 312 -31.85 -4.25 10.03
CA PHE B 312 -31.76 -3.37 11.20
C PHE B 312 -31.01 -2.09 10.85
N SER B 313 -29.85 -2.23 10.20
CA SER B 313 -29.02 -1.08 9.86
C SER B 313 -29.72 -0.11 8.93
N VAL B 314 -30.57 -0.62 8.03
CA VAL B 314 -31.29 0.27 7.14
C VAL B 314 -32.48 0.91 7.86
N PHE B 315 -33.20 0.13 8.67
CA PHE B 315 -34.45 0.60 9.21
C PHE B 315 -34.26 1.57 10.37
N ILE B 316 -33.19 1.43 11.17
CA ILE B 316 -33.00 2.38 12.26
C ILE B 316 -32.78 3.78 11.72
N PHE B 317 -32.18 3.89 10.54
CA PHE B 317 -31.91 5.21 9.96
C PHE B 317 -33.00 5.66 9.00
N LEU B 318 -33.80 4.75 8.47
CA LEU B 318 -35.00 5.18 7.75
C LEU B 318 -36.10 5.60 8.70
N SER B 319 -36.06 5.14 9.96
CA SER B 319 -36.99 5.68 10.95
C SER B 319 -36.75 7.17 11.18
N PHE B 320 -35.52 7.64 10.96
CA PHE B 320 -35.26 9.08 11.01
C PHE B 320 -36.04 9.81 9.93
N TYR B 321 -35.97 9.33 8.69
CA TYR B 321 -36.73 9.92 7.61
C TYR B 321 -38.22 9.90 7.94
N LEU B 322 -38.72 8.76 8.41
CA LEU B 322 -40.15 8.63 8.69
C LEU B 322 -40.58 9.62 9.76
N GLY B 323 -39.88 9.63 10.89
CA GLY B 323 -40.24 10.54 11.96
C GLY B 323 -40.14 12.00 11.55
N CYS B 324 -39.07 12.36 10.84
CA CYS B 324 -38.89 13.73 10.40
C CYS B 324 -40.04 14.18 9.51
N LEU B 325 -40.31 13.42 8.44
CA LEU B 325 -41.36 13.83 7.52
C LEU B 325 -42.71 13.86 8.22
N LEU B 326 -42.99 12.87 9.08
CA LEU B 326 -44.31 12.82 9.70
C LEU B 326 -44.50 13.99 10.66
N VAL B 327 -43.51 14.25 11.51
CA VAL B 327 -43.68 15.33 12.47
C VAL B 327 -43.71 16.67 11.76
N GLY B 328 -42.95 16.83 10.68
CA GLY B 328 -43.00 18.06 9.92
C GLY B 328 -44.34 18.29 9.29
N PHE B 329 -44.97 17.23 8.80
CA PHE B 329 -46.26 17.39 8.12
C PHE B 329 -47.43 17.51 9.10
N VAL B 330 -47.30 17.04 10.34
CA VAL B 330 -48.34 17.42 11.29
C VAL B 330 -48.09 18.82 11.83
N HIS B 331 -46.83 19.26 11.93
CA HIS B 331 -46.58 20.65 12.30
C HIS B 331 -47.12 21.60 11.24
N TYR B 332 -47.02 21.20 9.97
CA TYR B 332 -47.61 21.99 8.89
C TYR B 332 -49.12 22.11 9.03
N LEU B 333 -49.76 21.16 9.71
CA LEU B 333 -51.19 21.25 9.97
C LEU B 333 -51.52 22.25 11.08
N ARG B 334 -50.52 22.83 11.72
CA ARG B 334 -50.71 23.75 12.83
C ARG B 334 -51.52 23.12 13.95
N LYS B 439 -28.64 29.52 -7.88
CA LYS B 439 -28.37 29.44 -6.45
C LYS B 439 -26.91 29.74 -6.15
N LYS B 440 -26.68 30.59 -5.15
CA LYS B 440 -25.32 30.90 -4.71
C LYS B 440 -24.65 29.71 -4.03
N TYR B 441 -25.43 28.72 -3.60
CA TYR B 441 -24.90 27.62 -2.81
C TYR B 441 -24.30 26.52 -3.67
N LYS B 442 -24.58 26.52 -4.97
CA LYS B 442 -24.15 25.42 -5.85
C LYS B 442 -22.66 25.16 -5.71
N ILE B 443 -21.84 26.21 -5.82
CA ILE B 443 -20.39 26.05 -5.75
C ILE B 443 -19.98 25.35 -4.46
N TYR B 444 -20.69 25.63 -3.36
CA TYR B 444 -20.38 24.98 -2.09
C TYR B 444 -20.34 23.46 -2.23
N PHE B 445 -21.33 22.89 -2.92
CA PHE B 445 -21.27 21.47 -3.26
C PHE B 445 -19.94 21.14 -3.93
N TRP B 446 -19.66 21.79 -5.06
CA TRP B 446 -18.43 21.55 -5.79
C TRP B 446 -17.19 21.80 -4.95
N ASN B 447 -17.32 22.47 -3.80
CA ASN B 447 -16.15 22.64 -2.94
C ASN B 447 -15.81 21.33 -2.23
N ILE B 448 -16.80 20.70 -1.59
CA ILE B 448 -16.47 19.56 -0.73
C ILE B 448 -16.18 18.32 -1.56
N ILE B 449 -17.02 18.05 -2.55
CA ILE B 449 -16.88 16.85 -3.37
C ILE B 449 -15.47 16.76 -3.94
N THR B 450 -15.01 17.83 -4.57
CA THR B 450 -13.64 17.87 -5.10
C THR B 450 -12.62 17.53 -4.02
N ILE B 451 -12.72 18.21 -2.87
CA ILE B 451 -11.81 17.92 -1.77
C ILE B 451 -11.95 16.47 -1.33
N ALA B 452 -13.17 15.93 -1.40
CA ALA B 452 -13.36 14.52 -1.13
C ALA B 452 -12.63 13.67 -2.16
N VAL B 453 -12.75 14.02 -3.45
CA VAL B 453 -12.16 13.20 -4.50
C VAL B 453 -10.65 13.10 -4.31
N PHE B 454 -9.96 14.25 -4.33
CA PHE B 454 -8.52 14.26 -4.08
C PHE B 454 -8.17 13.59 -2.77
N TYR B 455 -9.12 13.47 -1.84
CA TYR B 455 -8.91 12.75 -0.60
C TYR B 455 -9.29 11.28 -0.70
N ALA B 456 -10.36 10.97 -1.43
CA ALA B 456 -10.94 9.64 -1.39
C ALA B 456 -10.38 8.69 -2.43
N LEU B 457 -9.68 9.17 -3.44
CA LEU B 457 -9.23 8.24 -4.47
C LEU B 457 -7.96 7.47 -4.11
N PRO B 458 -6.93 8.09 -3.54
CA PRO B 458 -5.73 7.31 -3.19
C PRO B 458 -6.00 6.20 -2.18
N VAL B 459 -7.10 6.26 -1.43
CA VAL B 459 -7.40 5.19 -0.49
C VAL B 459 -8.12 4.03 -1.20
N ILE B 460 -9.09 4.33 -2.06
CA ILE B 460 -9.77 3.28 -2.82
C ILE B 460 -8.74 2.45 -3.58
N GLN B 461 -7.98 3.12 -4.45
CA GLN B 461 -6.91 2.49 -5.21
C GLN B 461 -6.19 1.50 -4.30
N LEU B 462 -5.85 1.90 -3.09
CA LEU B 462 -5.13 1.01 -2.19
C LEU B 462 -5.88 -0.20 -1.66
N VAL B 463 -7.09 -0.01 -1.14
CA VAL B 463 -7.76 -1.11 -0.48
C VAL B 463 -8.10 -2.20 -1.48
N ILE B 464 -8.59 -1.81 -2.66
CA ILE B 464 -8.75 -2.74 -3.78
C ILE B 464 -7.52 -3.61 -3.92
N THR B 465 -6.34 -2.99 -3.89
CA THR B 465 -5.10 -3.75 -3.96
C THR B 465 -4.97 -4.66 -2.74
N TYR B 466 -5.02 -4.08 -1.54
CA TYR B 466 -4.75 -4.85 -0.33
C TYR B 466 -5.81 -5.92 -0.09
N GLN B 467 -7.08 -5.60 -0.37
CA GLN B 467 -8.12 -6.60 -0.25
C GLN B 467 -7.90 -7.79 -1.18
N THR B 468 -7.02 -7.67 -2.16
CA THR B 468 -6.73 -8.74 -3.11
C THR B 468 -5.27 -9.18 -3.09
N VAL B 469 -4.34 -8.22 -3.18
CA VAL B 469 -2.94 -8.52 -3.45
C VAL B 469 -2.31 -9.40 -2.38
N VAL B 470 -3.00 -9.57 -1.24
CA VAL B 470 -2.56 -10.53 -0.23
C VAL B 470 -3.72 -11.42 0.24
N ASN B 471 -4.94 -11.16 -0.19
CA ASN B 471 -6.04 -12.09 0.00
C ASN B 471 -5.70 -13.45 -0.60
N VAL B 472 -5.23 -13.46 -1.85
CA VAL B 472 -4.85 -14.70 -2.50
C VAL B 472 -3.55 -15.27 -1.93
N THR B 473 -2.81 -14.48 -1.16
CA THR B 473 -1.56 -14.95 -0.57
C THR B 473 -1.79 -15.73 0.73
N GLY B 474 -2.90 -15.50 1.42
CA GLY B 474 -3.17 -16.14 2.67
C GLY B 474 -2.55 -15.47 3.87
N ASN B 475 -1.73 -14.45 3.68
CA ASN B 475 -1.15 -13.69 4.77
C ASN B 475 -2.22 -12.76 5.33
N GLN B 476 -2.75 -13.11 6.50
CA GLN B 476 -3.77 -12.29 7.15
C GLN B 476 -3.17 -11.32 8.16
N ASP B 477 -1.95 -10.87 7.92
CA ASP B 477 -1.30 -9.87 8.75
C ASP B 477 -1.23 -8.52 8.04
N ILE B 478 -1.93 -8.36 6.93
CA ILE B 478 -1.89 -7.12 6.16
C ILE B 478 -2.95 -6.14 6.65
N CYS B 479 -4.17 -6.61 6.83
CA CYS B 479 -5.29 -5.76 7.24
C CYS B 479 -5.57 -6.00 8.72
N TYR B 480 -5.72 -4.91 9.47
CA TYR B 480 -5.92 -4.98 10.91
C TYR B 480 -7.40 -4.98 11.24
N TYR B 481 -8.04 -6.11 10.97
CA TYR B 481 -9.45 -6.28 11.29
C TYR B 481 -9.62 -6.59 12.77
N ASN B 482 -10.87 -6.50 13.21
CA ASN B 482 -11.30 -7.17 14.45
C ASN B 482 -11.69 -8.57 14.00
N PHE B 483 -10.72 -9.48 14.04
CA PHE B 483 -10.93 -10.79 13.44
C PHE B 483 -11.98 -11.61 14.19
N LEU B 484 -12.34 -11.22 15.40
CA LEU B 484 -13.40 -11.91 16.12
C LEU B 484 -14.78 -11.40 15.75
N CYS B 485 -14.87 -10.23 15.11
CA CYS B 485 -16.10 -9.75 14.49
C CYS B 485 -15.72 -9.22 13.12
N ALA B 486 -15.65 -10.10 12.14
CA ALA B 486 -15.30 -9.73 10.78
C ALA B 486 -15.99 -10.72 9.86
N HIS B 487 -17.13 -10.32 9.32
CA HIS B 487 -17.99 -11.23 8.60
C HIS B 487 -17.87 -10.98 7.11
N PRO B 488 -17.47 -11.97 6.32
CA PRO B 488 -17.20 -11.72 4.91
C PRO B 488 -18.46 -11.71 4.06
N LEU B 489 -18.41 -10.92 3.00
CA LEU B 489 -19.45 -10.94 1.97
C LEU B 489 -18.77 -10.68 0.64
N GLY B 490 -18.70 -11.72 -0.19
CA GLY B 490 -17.99 -11.58 -1.45
C GLY B 490 -16.51 -11.41 -1.18
N VAL B 491 -15.94 -10.35 -1.75
CA VAL B 491 -14.51 -10.07 -1.57
C VAL B 491 -14.21 -9.27 -0.31
N LEU B 492 -15.23 -8.72 0.34
CA LEU B 492 -15.02 -7.96 1.57
C LEU B 492 -14.82 -8.92 2.73
N SER B 493 -13.73 -8.74 3.46
CA SER B 493 -13.44 -9.63 4.58
C SER B 493 -14.21 -9.25 5.83
N ALA B 494 -14.55 -7.97 5.99
CA ALA B 494 -15.33 -7.48 7.12
C ALA B 494 -16.47 -6.63 6.58
N PHE B 495 -17.56 -7.29 6.20
CA PHE B 495 -18.69 -6.57 5.61
C PHE B 495 -19.43 -5.74 6.65
N ASN B 496 -19.40 -6.15 7.92
CA ASN B 496 -20.10 -5.39 8.95
C ASN B 496 -19.47 -4.03 9.16
N ASN B 497 -18.16 -3.90 9.00
CA ASN B 497 -17.50 -2.62 9.18
C ASN B 497 -17.85 -1.64 8.07
N ILE B 498 -18.14 -2.12 6.87
CA ILE B 498 -18.62 -1.26 5.81
C ILE B 498 -20.10 -0.95 5.99
N LEU B 499 -20.88 -1.94 6.42
CA LEU B 499 -22.32 -1.74 6.57
C LEU B 499 -22.65 -0.78 7.69
N SER B 500 -21.82 -0.74 8.74
CA SER B 500 -22.09 0.16 9.86
C SER B 500 -21.91 1.63 9.48
N ASN B 501 -21.30 1.93 8.35
CA ASN B 501 -21.14 3.30 7.88
C ASN B 501 -22.34 3.79 7.09
N LEU B 502 -23.43 3.02 7.07
CA LEU B 502 -24.61 3.43 6.33
C LEU B 502 -25.30 4.62 6.98
N GLY B 503 -25.16 4.76 8.29
CA GLY B 503 -25.82 5.85 8.99
C GLY B 503 -25.30 7.20 8.58
N HIS B 504 -23.99 7.31 8.33
CA HIS B 504 -23.42 8.57 7.87
C HIS B 504 -24.07 9.00 6.57
N VAL B 505 -24.16 8.09 5.61
CA VAL B 505 -24.73 8.43 4.30
C VAL B 505 -26.21 8.78 4.44
N LEU B 506 -26.97 7.94 5.14
CA LEU B 506 -28.40 8.17 5.23
C LEU B 506 -28.73 9.45 5.99
N LEU B 507 -28.02 9.72 7.09
CA LEU B 507 -28.30 10.91 7.87
C LEU B 507 -27.75 12.17 7.22
N GLY B 508 -26.64 12.07 6.49
CA GLY B 508 -26.20 13.20 5.70
C GLY B 508 -27.20 13.57 4.63
N PHE B 509 -27.79 12.57 3.99
CA PHE B 509 -28.83 12.86 3.00
C PHE B 509 -30.08 13.44 3.66
N LEU B 510 -30.45 12.94 4.83
CA LEU B 510 -31.61 13.50 5.52
C LEU B 510 -31.38 14.94 5.91
N PHE B 511 -30.17 15.27 6.36
CA PHE B 511 -29.88 16.66 6.69
C PHE B 511 -29.85 17.53 5.45
N LEU B 512 -29.34 17.00 4.33
CA LEU B 512 -29.39 17.75 3.08
C LEU B 512 -30.83 18.04 2.68
N LEU B 513 -31.73 17.08 2.88
CA LEU B 513 -33.14 17.31 2.57
C LEU B 513 -33.74 18.37 3.49
N ILE B 514 -33.39 18.34 4.77
CA ILE B 514 -33.93 19.33 5.71
C ILE B 514 -33.44 20.72 5.35
N VAL B 515 -32.15 20.84 5.04
CA VAL B 515 -31.59 22.15 4.67
C VAL B 515 -32.17 22.61 3.34
N LEU B 516 -32.42 21.68 2.42
CA LEU B 516 -33.03 22.04 1.14
C LEU B 516 -34.44 22.57 1.33
N ARG B 517 -35.21 21.94 2.21
CA ARG B 517 -36.56 22.45 2.47
C ARG B 517 -36.50 23.82 3.11
N ARG B 518 -35.59 24.03 4.05
CA ARG B 518 -35.46 25.35 4.67
C ARG B 518 -35.05 26.40 3.65
N ASP B 519 -34.10 26.06 2.79
CA ASP B 519 -33.66 26.98 1.73
C ASP B 519 -34.79 27.31 0.79
N ILE B 520 -35.61 26.31 0.43
CA ILE B 520 -36.71 26.54 -0.48
C ILE B 520 -37.74 27.47 0.15
N LEU B 521 -38.15 27.17 1.38
CA LEU B 521 -39.14 28.02 2.03
C LEU B 521 -38.62 29.44 2.23
N HIS B 522 -37.33 29.58 2.54
CA HIS B 522 -36.77 30.91 2.72
C HIS B 522 -36.73 31.68 1.41
N ARG B 523 -36.10 31.11 0.38
CA ARG B 523 -36.06 31.75 -0.93
C ARG B 523 -37.45 32.07 -1.45
N ARG B 524 -38.45 31.25 -1.09
CA ARG B 524 -39.83 31.55 -1.46
C ARG B 524 -40.36 32.74 -0.65
N ALA B 525 -39.94 32.87 0.61
CA ALA B 525 -40.42 33.96 1.44
C ALA B 525 -39.86 35.32 1.02
N LEU B 526 -38.69 35.35 0.38
CA LEU B 526 -38.20 36.60 -0.18
C LEU B 526 -38.87 36.95 -1.48
N GLU B 527 -39.42 35.95 -2.18
CA GLU B 527 -40.07 36.22 -3.46
C GLU B 527 -41.41 36.89 -3.25
N ALA B 528 -42.12 36.52 -2.19
CA ALA B 528 -43.35 37.21 -1.79
C ALA B 528 -43.07 38.42 -0.91
N LYS B 529 -41.79 38.75 -0.69
CA LYS B 529 -41.39 39.86 0.19
C LYS B 529 -42.10 39.79 1.54
N ASP B 530 -42.14 38.60 2.12
CA ASP B 530 -42.60 38.46 3.49
C ASP B 530 -41.65 39.23 4.40
N ILE B 531 -42.18 40.22 5.12
CA ILE B 531 -41.33 41.11 5.90
C ILE B 531 -40.58 40.36 7.00
N PHE B 532 -41.08 39.19 7.41
CA PHE B 532 -40.40 38.34 8.38
C PHE B 532 -39.17 37.67 7.80
N ALA B 533 -38.89 37.83 6.51
CA ALA B 533 -37.74 37.20 5.89
C ALA B 533 -36.64 38.16 5.49
N VAL B 534 -36.93 39.46 5.44
CA VAL B 534 -35.94 40.45 5.02
C VAL B 534 -35.42 41.30 6.16
N GLU B 535 -36.24 41.60 7.16
CA GLU B 535 -35.83 42.43 8.28
C GLU B 535 -36.06 41.77 9.63
N TYR B 536 -36.41 40.49 9.65
CA TYR B 536 -36.58 39.75 10.89
C TYR B 536 -35.53 38.64 10.97
N GLY B 537 -35.12 38.33 12.20
CA GLY B 537 -34.16 37.26 12.45
C GLY B 537 -32.79 37.50 11.85
N ILE B 538 -31.88 36.56 12.10
CA ILE B 538 -30.52 36.66 11.56
C ILE B 538 -30.55 36.36 10.06
N PRO B 539 -29.76 37.05 9.24
CA PRO B 539 -29.67 36.68 7.83
C PRO B 539 -29.15 35.26 7.68
N LYS B 540 -29.77 34.51 6.77
CA LYS B 540 -29.52 33.09 6.63
C LYS B 540 -28.63 32.82 5.43
N HIS B 541 -27.74 31.85 5.58
CA HIS B 541 -26.84 31.42 4.51
C HIS B 541 -26.67 29.90 4.67
N PHE B 542 -27.48 29.15 3.94
CA PHE B 542 -27.49 27.69 4.02
C PHE B 542 -26.35 27.06 3.25
N GLY B 543 -25.41 27.83 2.74
CA GLY B 543 -24.36 27.25 1.92
C GLY B 543 -23.40 26.38 2.67
N LEU B 544 -23.35 26.52 3.99
CA LEU B 544 -22.41 25.76 4.80
C LEU B 544 -23.06 24.55 5.46
N PHE B 545 -24.38 24.59 5.67
CA PHE B 545 -25.11 23.40 6.08
C PHE B 545 -25.10 22.33 4.99
N TYR B 546 -25.17 22.75 3.73
CA TYR B 546 -25.03 21.81 2.63
C TYR B 546 -23.67 21.12 2.67
N ALA B 547 -22.63 21.89 2.95
CA ALA B 547 -21.29 21.31 3.09
C ALA B 547 -21.25 20.35 4.26
N MET B 548 -21.95 20.67 5.35
CA MET B 548 -22.03 19.75 6.49
C MET B 548 -22.62 18.41 6.08
N GLY B 549 -23.77 18.44 5.42
CA GLY B 549 -24.40 17.19 5.01
C GLY B 549 -23.56 16.39 4.03
N ILE B 550 -22.98 17.08 3.04
CA ILE B 550 -22.14 16.39 2.07
C ILE B 550 -20.91 15.80 2.75
N ALA B 551 -20.37 16.50 3.74
CA ALA B 551 -19.20 16.00 4.44
C ALA B 551 -19.54 14.81 5.32
N LEU B 552 -20.74 14.77 5.89
CA LEU B 552 -21.17 13.60 6.63
C LEU B 552 -21.24 12.38 5.70
N MET B 553 -21.87 12.55 4.53
CA MET B 553 -21.90 11.46 3.57
C MET B 553 -20.51 11.02 3.16
N MET B 554 -19.61 11.97 2.90
CA MET B 554 -18.26 11.63 2.49
C MET B 554 -17.48 10.97 3.61
N GLN B 555 -17.78 11.30 4.86
CA GLN B 555 -17.14 10.60 5.98
C GLN B 555 -17.58 9.15 6.03
N GLY B 556 -18.87 8.90 5.80
CA GLY B 556 -19.32 7.51 5.69
C GLY B 556 -18.59 6.77 4.60
N VAL B 557 -18.47 7.38 3.42
CA VAL B 557 -17.81 6.74 2.29
C VAL B 557 -16.34 6.47 2.61
N LEU B 558 -15.66 7.46 3.16
CA LEU B 558 -14.23 7.33 3.42
C LEU B 558 -13.95 6.31 4.51
N SER B 559 -14.78 6.26 5.55
CA SER B 559 -14.55 5.27 6.59
C SER B 559 -14.88 3.87 6.10
N ALA B 560 -15.85 3.71 5.21
CA ALA B 560 -16.08 2.40 4.60
C ALA B 560 -14.86 1.98 3.78
N CYS B 561 -14.36 2.87 2.94
CA CYS B 561 -13.18 2.57 2.14
C CYS B 561 -12.00 2.18 3.03
N TYR B 562 -11.83 2.88 4.16
CA TYR B 562 -10.79 2.51 5.10
C TYR B 562 -11.00 1.11 5.66
N HIS B 563 -12.23 0.79 6.04
CA HIS B 563 -12.50 -0.49 6.65
C HIS B 563 -12.48 -1.64 5.66
N VAL B 564 -12.35 -1.35 4.36
CA VAL B 564 -12.08 -2.45 3.42
C VAL B 564 -10.79 -3.16 3.80
N CYS B 565 -9.76 -2.42 4.19
CA CYS B 565 -8.54 -3.02 4.73
C CYS B 565 -7.80 -2.02 5.60
N PRO B 566 -7.99 -2.03 6.92
CA PRO B 566 -7.31 -1.05 7.78
C PRO B 566 -5.87 -1.45 8.03
N ASN B 567 -4.96 -0.51 7.84
CA ASN B 567 -3.55 -0.72 8.15
C ASN B 567 -2.89 0.63 8.35
N TYR B 568 -1.55 0.62 8.33
CA TYR B 568 -0.79 1.81 8.69
C TYR B 568 -0.77 2.87 7.60
N SER B 569 -0.87 2.47 6.34
CA SER B 569 -0.88 3.42 5.24
C SER B 569 -2.26 4.00 4.98
N ASN B 570 -3.16 3.87 5.94
CA ASN B 570 -4.57 4.06 5.70
C ASN B 570 -5.29 4.78 6.83
N PHE B 571 -4.65 4.95 7.98
CA PHE B 571 -5.37 5.14 9.24
C PHE B 571 -6.23 6.40 9.24
N GLN B 572 -5.71 7.49 8.68
CA GLN B 572 -6.40 8.77 8.82
C GLN B 572 -7.79 8.73 8.20
N PHE B 573 -8.01 7.87 7.21
CA PHE B 573 -9.31 7.85 6.56
C PHE B 573 -10.40 7.29 7.44
N ASP B 574 -10.08 6.81 8.65
CA ASP B 574 -11.15 6.38 9.55
C ASP B 574 -11.88 7.57 10.14
N THR B 575 -11.15 8.60 10.55
CA THR B 575 -11.76 9.73 11.25
C THR B 575 -11.31 11.10 10.78
N SER B 576 -10.43 11.22 9.79
CA SER B 576 -9.87 12.53 9.48
C SER B 576 -10.89 13.48 8.90
N PHE B 577 -11.84 12.98 8.12
CA PHE B 577 -12.82 13.88 7.54
C PHE B 577 -13.72 14.48 8.61
N MET B 578 -13.84 13.84 9.76
CA MET B 578 -14.57 14.42 10.88
C MET B 578 -13.90 15.68 11.40
N TYR B 579 -12.61 15.87 11.13
CA TYR B 579 -12.02 17.19 11.34
C TYR B 579 -12.73 18.23 10.49
N MET B 580 -12.81 17.98 9.18
CA MET B 580 -13.46 18.89 8.26
C MET B 580 -14.86 19.23 8.75
N ILE B 581 -15.68 18.20 8.98
CA ILE B 581 -17.01 18.40 9.52
C ILE B 581 -16.96 19.32 10.73
N ALA B 582 -16.10 18.97 11.71
CA ALA B 582 -15.99 19.79 12.91
C ALA B 582 -15.67 21.23 12.55
N GLY B 583 -14.66 21.43 11.68
CA GLY B 583 -14.36 22.77 11.22
C GLY B 583 -15.57 23.46 10.64
N LEU B 584 -16.26 22.78 9.71
CA LEU B 584 -17.42 23.36 9.06
C LEU B 584 -18.47 23.76 10.07
N CYS B 585 -18.53 23.06 11.20
CA CYS B 585 -19.50 23.44 12.22
C CYS B 585 -19.02 24.67 12.98
N MET B 586 -17.76 24.68 13.39
CA MET B 586 -17.25 25.80 14.16
C MET B 586 -17.31 27.09 13.36
N LEU B 587 -16.91 27.03 12.09
CA LEU B 587 -17.08 28.17 11.20
C LEU B 587 -18.52 28.64 11.17
N LYS B 588 -19.47 27.71 11.12
CA LYS B 588 -20.88 28.10 11.10
C LYS B 588 -21.30 28.73 12.42
N LEU B 589 -20.65 28.36 13.52
CA LEU B 589 -20.91 29.05 14.77
C LEU B 589 -20.43 30.49 14.72
N TYR B 590 -19.38 30.76 13.95
CA TYR B 590 -18.87 32.12 13.84
C TYR B 590 -19.77 32.97 12.96
N GLN B 591 -20.01 32.52 11.74
CA GLN B 591 -20.75 33.29 10.74
C GLN B 591 -22.23 33.43 11.07
N THR B 592 -22.73 32.83 12.14
CA THR B 592 -24.14 32.98 12.46
C THR B 592 -24.44 34.35 13.08
N ARG B 593 -23.43 35.02 13.63
CA ARG B 593 -23.58 36.36 14.16
C ARG B 593 -22.61 37.36 13.55
N HIS B 594 -21.61 36.88 12.81
CA HIS B 594 -20.68 37.74 12.07
C HIS B 594 -20.80 37.39 10.59
N PRO B 595 -21.96 37.67 9.99
CA PRO B 595 -22.28 37.04 8.69
C PRO B 595 -21.45 37.56 7.52
N ASP B 596 -21.13 38.85 7.49
CA ASP B 596 -20.42 39.39 6.33
C ASP B 596 -18.92 39.18 6.43
N ILE B 597 -18.52 37.93 6.68
CA ILE B 597 -17.12 37.54 6.70
C ILE B 597 -17.04 36.14 6.09
N ASN B 598 -16.42 36.03 4.92
CA ASN B 598 -16.43 34.78 4.18
C ASN B 598 -15.26 34.73 3.20
N ALA B 599 -14.50 33.65 3.23
CA ALA B 599 -13.37 33.46 2.33
C ALA B 599 -13.37 32.05 1.77
N SER B 600 -14.55 31.50 1.51
CA SER B 600 -14.70 30.08 1.20
C SER B 600 -14.24 29.80 -0.24
N ALA B 601 -12.94 30.02 -0.47
CA ALA B 601 -12.30 29.52 -1.67
C ALA B 601 -11.27 28.44 -1.36
N TYR B 602 -10.19 28.78 -0.66
CA TYR B 602 -9.22 27.76 -0.27
C TYR B 602 -8.66 27.92 1.14
N SER B 603 -8.72 29.09 1.76
CA SER B 603 -8.24 29.19 3.12
C SER B 603 -9.14 28.40 4.08
N ALA B 604 -10.39 28.16 3.69
CA ALA B 604 -11.28 27.35 4.51
C ALA B 604 -10.96 25.86 4.43
N TYR B 605 -10.12 25.44 3.50
CA TYR B 605 -9.78 24.04 3.32
C TYR B 605 -8.29 23.77 3.27
N ALA B 606 -7.46 24.77 2.98
CA ALA B 606 -6.03 24.62 3.26
C ALA B 606 -5.78 24.40 4.74
N SER B 607 -6.70 24.84 5.59
CA SER B 607 -6.63 24.49 7.01
C SER B 607 -6.78 22.98 7.20
N PHE B 608 -7.73 22.37 6.50
CA PHE B 608 -7.87 20.92 6.58
C PHE B 608 -6.62 20.22 6.09
N ALA B 609 -6.04 20.74 4.99
CA ALA B 609 -4.79 20.18 4.49
C ALA B 609 -3.69 20.28 5.54
N VAL B 610 -3.58 21.42 6.22
CA VAL B 610 -2.54 21.60 7.24
C VAL B 610 -2.76 20.64 8.39
N VAL B 611 -4.01 20.47 8.82
CA VAL B 611 -4.31 19.56 9.93
C VAL B 611 -3.98 18.12 9.57
N ILE B 612 -4.30 17.73 8.34
CA ILE B 612 -3.96 16.37 7.89
C ILE B 612 -2.45 16.19 7.84
N MET B 613 -1.73 17.20 7.35
CA MET B 613 -0.26 17.11 7.36
C MET B 613 0.26 16.90 8.76
N VAL B 614 -0.19 17.74 9.69
CA VAL B 614 0.29 17.65 11.07
C VAL B 614 -0.01 16.26 11.64
N THR B 615 -1.24 15.78 11.44
CA THR B 615 -1.62 14.49 12.00
C THR B 615 -0.78 13.36 11.43
N VAL B 616 -0.64 13.31 10.11
CA VAL B 616 0.05 12.19 9.49
C VAL B 616 1.53 12.22 9.83
N LEU B 617 2.17 13.39 9.74
CA LEU B 617 3.59 13.46 10.05
C LEU B 617 3.86 13.37 11.54
N GLY B 618 2.86 13.59 12.39
CA GLY B 618 3.05 13.35 13.81
C GLY B 618 2.85 11.91 14.19
N VAL B 619 2.06 11.17 13.42
CA VAL B 619 1.98 9.72 13.61
C VAL B 619 3.23 9.04 13.09
N VAL B 620 3.70 9.45 11.91
CA VAL B 620 4.77 8.72 11.23
C VAL B 620 6.13 9.06 11.84
N PHE B 621 6.42 10.34 12.04
CA PHE B 621 7.75 10.75 12.46
C PHE B 621 7.84 11.10 13.94
N GLY B 622 6.73 11.08 14.68
CA GLY B 622 6.74 11.47 16.07
C GLY B 622 6.04 10.51 17.00
N LYS B 623 6.21 9.20 16.79
CA LYS B 623 5.35 8.17 17.37
C LYS B 623 5.01 8.44 18.82
N ASN B 624 6.03 8.45 19.68
CA ASN B 624 5.88 8.92 21.04
C ASN B 624 7.03 9.83 21.42
N ASP B 625 7.89 10.18 20.47
CA ASP B 625 9.09 10.97 20.72
C ASP B 625 8.69 12.23 21.47
N VAL B 626 9.12 12.32 22.73
CA VAL B 626 8.65 13.37 23.62
C VAL B 626 9.01 14.76 23.10
N TRP B 627 10.01 14.84 22.23
CA TRP B 627 10.33 16.13 21.63
C TRP B 627 9.29 16.55 20.59
N PHE B 628 8.53 15.60 20.04
CA PHE B 628 7.41 15.96 19.18
C PHE B 628 6.22 16.42 20.01
N TRP B 629 5.97 15.76 21.15
CA TRP B 629 4.78 16.05 21.93
C TRP B 629 4.86 17.42 22.60
N VAL B 630 6.05 17.83 23.05
CA VAL B 630 6.17 19.15 23.65
C VAL B 630 5.97 20.23 22.58
N ILE B 631 6.50 20.01 21.37
CA ILE B 631 6.33 20.99 20.30
C ILE B 631 4.85 21.10 19.92
N PHE B 632 4.19 19.97 19.76
CA PHE B 632 2.78 20.00 19.40
C PHE B 632 1.94 20.60 20.52
N SER B 633 2.31 20.35 21.78
CA SER B 633 1.55 20.92 22.89
C SER B 633 1.73 22.43 22.94
N ALA B 634 2.94 22.92 22.64
CA ALA B 634 3.13 24.36 22.54
C ALA B 634 2.27 24.95 21.44
N ILE B 635 2.28 24.32 20.26
CA ILE B 635 1.45 24.80 19.15
C ILE B 635 -0.01 24.80 19.54
N HIS B 636 -0.47 23.73 20.19
CA HIS B 636 -1.87 23.61 20.58
C HIS B 636 -2.25 24.72 21.56
N VAL B 637 -1.46 24.88 22.62
CA VAL B 637 -1.78 25.90 23.63
C VAL B 637 -1.78 27.29 23.03
N LEU B 638 -0.77 27.63 22.24
CA LEU B 638 -0.71 28.98 21.69
C LEU B 638 -1.76 29.23 20.62
N ALA B 639 -2.06 28.26 19.77
CA ALA B 639 -3.16 28.42 18.83
C ALA B 639 -4.48 28.60 19.55
N SER B 640 -4.74 27.75 20.55
CA SER B 640 -5.94 27.87 21.36
C SER B 640 -6.07 29.22 22.02
N LEU B 641 -5.00 29.79 22.56
CA LEU B 641 -5.09 31.11 23.18
C LEU B 641 -5.23 32.23 22.17
N ALA B 642 -4.39 32.26 21.14
CA ALA B 642 -4.44 33.32 20.15
C ALA B 642 -5.79 33.36 19.44
N LEU B 643 -6.19 32.24 18.84
CA LEU B 643 -7.42 32.24 18.06
C LEU B 643 -8.65 32.44 18.93
N SER B 644 -8.63 31.97 20.17
CA SER B 644 -9.81 32.17 21.02
C SER B 644 -9.92 33.61 21.47
N THR B 645 -8.79 34.28 21.72
CA THR B 645 -8.85 35.70 22.05
C THR B 645 -9.13 36.57 20.83
N GLN B 646 -8.85 36.09 19.63
CA GLN B 646 -9.07 36.93 18.45
C GLN B 646 -10.43 36.72 17.79
N ILE B 647 -10.90 35.49 17.74
CA ILE B 647 -12.12 35.16 17.01
C ILE B 647 -13.31 35.16 17.96
N TYR B 648 -13.24 34.33 19.00
CA TYR B 648 -14.33 34.28 19.97
C TYR B 648 -14.43 35.62 20.72
N TYR B 649 -13.38 35.97 21.43
CA TYR B 649 -13.23 37.33 21.90
C TYR B 649 -12.83 38.23 20.74
N MET B 650 -13.22 39.50 20.83
CA MET B 650 -12.91 40.53 19.84
C MET B 650 -13.66 40.36 18.52
N GLY B 651 -14.32 39.22 18.35
CA GLY B 651 -15.05 38.91 17.13
C GLY B 651 -14.46 39.23 15.76
N ARG B 652 -13.16 39.02 15.56
CA ARG B 652 -12.55 39.28 14.26
C ARG B 652 -11.84 38.08 13.65
N PHE B 653 -12.15 37.78 12.39
CA PHE B 653 -11.41 36.77 11.64
C PHE B 653 -10.25 37.45 10.93
N LYS B 654 -9.19 37.68 11.69
CA LYS B 654 -8.00 38.37 11.21
C LYS B 654 -6.76 37.67 11.77
N ILE B 655 -5.82 37.35 10.89
CA ILE B 655 -4.77 36.38 11.18
C ILE B 655 -3.49 37.18 10.87
N ASP B 656 -2.99 37.89 11.86
CA ASP B 656 -1.78 38.70 11.73
C ASP B 656 -0.76 38.05 12.66
N LEU B 657 0.42 38.67 12.77
CA LEU B 657 1.37 38.30 13.80
C LEU B 657 1.10 38.98 15.13
N GLY B 658 0.30 40.05 15.13
CA GLY B 658 0.05 40.83 16.32
C GLY B 658 -1.05 40.31 17.19
N ILE B 659 -1.65 39.16 16.85
CA ILE B 659 -2.66 38.57 17.74
C ILE B 659 -2.11 38.43 19.14
N PHE B 660 -0.87 37.95 19.28
CA PHE B 660 -0.27 37.83 20.60
C PHE B 660 -0.30 39.16 21.34
N ARG B 661 0.02 40.24 20.64
CA ARG B 661 -0.02 41.56 21.26
C ARG B 661 -1.43 41.89 21.74
N ARG B 662 -2.44 41.56 20.92
CA ARG B 662 -3.80 41.83 21.32
C ARG B 662 -4.21 40.93 22.47
N ALA B 663 -3.63 39.72 22.51
CA ALA B 663 -3.89 38.79 23.60
C ALA B 663 -3.20 39.25 24.88
N ALA B 664 -2.24 40.16 24.75
CA ALA B 664 -1.74 40.86 25.92
C ALA B 664 -2.64 42.02 26.28
N MET B 665 -3.29 42.63 25.27
CA MET B 665 -4.12 43.79 25.51
C MET B 665 -5.45 43.42 26.17
N VAL B 666 -5.88 42.17 26.07
CA VAL B 666 -7.20 41.81 26.58
C VAL B 666 -7.22 41.86 28.10
N PHE B 667 -6.47 40.96 28.75
CA PHE B 667 -6.66 40.74 30.17
C PHE B 667 -5.63 41.42 31.05
N TYR B 668 -4.45 41.75 30.51
CA TYR B 668 -3.45 42.49 31.27
C TYR B 668 -3.99 43.92 31.27
N THR B 669 -5.20 44.04 31.81
CA THR B 669 -5.99 45.26 31.83
C THR B 669 -6.95 45.24 33.01
N ASP B 670 -6.79 44.28 33.93
CA ASP B 670 -7.55 44.31 35.18
C ASP B 670 -7.43 45.67 35.86
N CYS B 671 -6.30 46.35 35.64
CA CYS B 671 -6.09 47.72 36.12
C CYS B 671 -6.32 48.72 35.00
N ILE B 672 -7.00 48.31 33.93
CA ILE B 672 -7.32 49.20 32.80
C ILE B 672 -8.81 49.18 32.49
N GLN B 673 -9.41 47.99 32.38
CA GLN B 673 -10.79 47.87 31.92
C GLN B 673 -11.81 47.60 33.02
N GLN B 674 -11.75 46.43 33.66
CA GLN B 674 -12.74 46.01 34.67
C GLN B 674 -12.05 45.61 35.97
N CYS B 675 -12.84 45.56 37.04
CA CYS B 675 -12.41 45.04 38.34
C CYS B 675 -12.56 43.52 38.37
N SER B 676 -12.43 42.92 39.56
CA SER B 676 -12.79 41.51 39.72
C SER B 676 -14.30 41.29 39.67
N ARG B 677 -15.08 42.37 39.57
CA ARG B 677 -16.53 42.32 39.38
C ARG B 677 -16.85 43.06 38.09
N PRO B 678 -16.54 42.48 36.94
CA PRO B 678 -16.58 43.24 35.68
C PRO B 678 -17.99 43.44 35.16
N LEU B 679 -18.08 44.04 33.97
CA LEU B 679 -19.36 44.34 33.34
C LEU B 679 -19.75 43.28 32.31
N TYR B 680 -18.95 43.11 31.25
CA TYR B 680 -19.20 42.06 30.27
C TYR B 680 -18.25 40.89 30.53
N MET B 681 -18.44 40.29 31.71
CA MET B 681 -17.58 39.20 32.14
C MET B 681 -17.92 37.90 31.43
N ASP B 682 -19.17 37.73 31.00
CA ASP B 682 -19.62 36.43 30.51
C ASP B 682 -18.74 35.92 29.38
N ARG B 683 -18.31 36.80 28.48
CA ARG B 683 -17.41 36.37 27.42
C ARG B 683 -16.04 36.01 27.95
N MET B 684 -15.58 36.72 29.00
CA MET B 684 -14.23 36.52 29.51
C MET B 684 -14.13 35.20 30.27
N VAL B 685 -15.12 34.89 31.10
CA VAL B 685 -15.13 33.61 31.81
C VAL B 685 -15.16 32.44 30.84
N LEU B 686 -15.95 32.55 29.78
CA LEU B 686 -16.01 31.48 28.80
C LEU B 686 -14.71 31.37 28.02
N LEU B 687 -14.05 32.50 27.73
CA LEU B 687 -12.73 32.46 27.12
C LEU B 687 -11.73 31.73 28.03
N VAL B 688 -11.72 32.08 29.31
CA VAL B 688 -10.79 31.45 30.24
C VAL B 688 -11.10 29.96 30.37
N VAL B 689 -12.38 29.59 30.41
CA VAL B 689 -12.76 28.19 30.55
C VAL B 689 -12.35 27.40 29.31
N GLY B 690 -12.56 27.96 28.12
CA GLY B 690 -12.12 27.28 26.92
C GLY B 690 -10.62 27.08 26.90
N ASN B 691 -9.87 28.10 27.32
CA ASN B 691 -8.41 27.94 27.33
C ASN B 691 -7.97 26.92 28.37
N LEU B 692 -8.65 26.87 29.52
CA LEU B 692 -8.34 25.87 30.54
C LEU B 692 -8.62 24.47 30.03
N VAL B 693 -9.74 24.28 29.32
CA VAL B 693 -10.07 22.96 28.78
C VAL B 693 -9.03 22.54 27.75
N ASN B 694 -8.65 23.46 26.86
CA ASN B 694 -7.64 23.12 25.86
C ASN B 694 -6.27 22.86 26.49
N TRP B 695 -5.90 23.61 27.52
CA TRP B 695 -4.64 23.37 28.21
C TRP B 695 -4.64 22.03 28.91
N SER B 696 -5.73 21.68 29.59
CA SER B 696 -5.83 20.38 30.22
C SER B 696 -5.75 19.26 29.19
N PHE B 697 -6.39 19.43 28.03
CA PHE B 697 -6.31 18.44 26.97
C PHE B 697 -4.86 18.27 26.52
N ALA B 698 -4.17 19.36 26.23
CA ALA B 698 -2.77 19.29 25.82
C ALA B 698 -1.90 18.67 26.89
N LEU B 699 -2.19 18.95 28.16
CA LEU B 699 -1.39 18.38 29.24
C LEU B 699 -1.57 16.87 29.32
N PHE B 700 -2.82 16.40 29.25
CA PHE B 700 -3.06 14.96 29.21
C PHE B 700 -2.37 14.32 28.02
N GLY B 701 -2.39 14.97 26.87
CA GLY B 701 -1.67 14.47 25.72
C GLY B 701 -0.16 14.45 25.94
N LEU B 702 0.32 15.39 26.76
CA LEU B 702 1.75 15.47 27.04
C LEU B 702 2.21 14.32 27.92
N ILE B 703 1.50 14.06 29.02
CA ILE B 703 1.92 12.97 29.90
C ILE B 703 1.62 11.62 29.26
N TYR B 704 0.36 11.39 28.90
CA TYR B 704 -0.03 10.05 28.45
C TYR B 704 0.53 9.70 27.09
N ARG B 705 0.82 10.69 26.24
CA ARG B 705 1.43 10.50 24.93
C ARG B 705 0.74 9.40 24.14
N PRO B 706 -0.48 9.60 23.66
CA PRO B 706 -1.17 8.57 22.89
C PRO B 706 -0.49 8.35 21.55
N ARG B 707 -0.26 7.07 21.22
CA ARG B 707 0.38 6.77 19.94
C ARG B 707 -0.57 6.95 18.78
N ASP B 708 -1.87 6.74 19.00
CA ASP B 708 -2.87 7.05 17.98
C ASP B 708 -3.15 8.54 18.03
N PHE B 709 -2.41 9.29 17.23
CA PHE B 709 -2.52 10.74 17.20
C PHE B 709 -3.73 11.20 16.40
N ALA B 710 -4.24 10.38 15.48
CA ALA B 710 -5.42 10.76 14.72
C ALA B 710 -6.65 10.83 15.63
N SER B 711 -6.81 9.84 16.51
CA SER B 711 -7.90 9.90 17.47
C SER B 711 -7.72 11.04 18.45
N TYR B 712 -6.48 11.39 18.77
CA TYR B 712 -6.23 12.53 19.64
C TYR B 712 -6.64 13.84 18.98
N MET B 713 -6.32 14.01 17.69
CA MET B 713 -6.77 15.19 16.97
C MET B 713 -8.29 15.23 16.88
N LEU B 714 -8.90 14.07 16.63
CA LEU B 714 -10.36 14.00 16.63
C LEU B 714 -10.92 14.44 17.98
N GLY B 715 -10.27 14.05 19.07
CA GLY B 715 -10.71 14.50 20.38
C GLY B 715 -10.59 15.99 20.54
N ILE B 716 -9.48 16.58 20.05
CA ILE B 716 -9.34 18.03 20.06
C ILE B 716 -10.53 18.69 19.38
N PHE B 717 -10.85 18.21 18.17
CA PHE B 717 -11.88 18.87 17.38
C PHE B 717 -13.26 18.69 17.97
N ILE B 718 -13.58 17.48 18.44
CA ILE B 718 -14.89 17.24 19.05
C ILE B 718 -15.04 18.05 20.33
N CYS B 719 -14.00 18.05 21.17
CA CYS B 719 -14.04 18.81 22.41
C CYS B 719 -14.27 20.29 22.13
N ASN B 720 -13.57 20.85 21.15
CA ASN B 720 -13.73 22.28 20.88
C ASN B 720 -15.08 22.59 20.28
N LEU B 721 -15.58 21.73 19.38
CA LEU B 721 -16.91 21.91 18.84
C LEU B 721 -17.94 21.95 19.95
N LEU B 722 -17.95 20.94 20.82
CA LEU B 722 -18.94 20.89 21.88
C LEU B 722 -18.77 22.04 22.86
N LEU B 723 -17.52 22.42 23.13
CA LEU B 723 -17.26 23.50 24.07
C LEU B 723 -17.81 24.83 23.56
N TYR B 724 -17.56 25.14 22.30
CA TYR B 724 -18.01 26.44 21.79
C TYR B 724 -19.50 26.42 21.45
N LEU B 725 -20.06 25.25 21.14
CA LEU B 725 -21.51 25.15 21.06
C LEU B 725 -22.15 25.43 22.42
N ALA B 726 -21.57 24.87 23.49
CA ALA B 726 -22.07 25.16 24.82
C ALA B 726 -21.93 26.62 25.17
N PHE B 727 -20.83 27.24 24.76
CA PHE B 727 -20.64 28.67 25.04
C PHE B 727 -21.67 29.50 24.30
N TYR B 728 -21.98 29.14 23.06
CA TYR B 728 -23.02 29.84 22.31
C TYR B 728 -24.37 29.70 22.99
N ILE B 729 -24.71 28.50 23.46
CA ILE B 729 -25.99 28.30 24.12
C ILE B 729 -26.05 29.10 25.42
N ILE B 730 -24.93 29.13 26.16
CA ILE B 730 -24.90 29.87 27.43
C ILE B 730 -25.04 31.36 27.19
N MET B 731 -24.40 31.87 26.12
CA MET B 731 -24.58 33.27 25.77
C MET B 731 -26.01 33.56 25.37
N LYS B 732 -26.64 32.65 24.62
CA LYS B 732 -28.05 32.83 24.29
C LYS B 732 -28.91 32.92 25.54
N LEU B 733 -28.63 32.07 26.53
CA LEU B 733 -29.41 32.09 27.75
C LEU B 733 -29.13 33.32 28.59
N ARG B 734 -27.89 33.84 28.54
CA ARG B 734 -27.57 35.04 29.30
C ARG B 734 -28.34 36.25 28.76
N SER B 735 -28.49 36.33 27.45
CA SER B 735 -29.38 37.32 26.87
C SER B 735 -30.83 36.92 27.16
N SER B 736 -31.77 37.73 26.67
CA SER B 736 -33.17 37.42 26.85
C SER B 736 -33.69 36.42 25.82
N GLU B 737 -32.81 35.70 25.15
CA GLU B 737 -33.20 34.75 24.11
C GLU B 737 -33.59 33.41 24.73
N LYS B 738 -34.48 32.71 24.04
CA LYS B 738 -34.98 31.43 24.51
C LYS B 738 -34.33 30.30 23.73
N VAL B 739 -34.68 29.08 24.09
CA VAL B 739 -34.30 27.89 23.33
C VAL B 739 -35.59 27.15 23.02
N LEU B 740 -36.01 27.19 21.76
CA LEU B 740 -37.26 26.60 21.32
C LEU B 740 -37.26 25.10 21.59
N PRO B 741 -38.43 24.44 21.56
CA PRO B 741 -38.44 23.01 21.91
C PRO B 741 -37.62 22.13 20.97
N VAL B 742 -37.62 22.42 19.68
CA VAL B 742 -36.88 21.58 18.72
C VAL B 742 -35.38 21.69 18.97
N PRO B 743 -34.79 22.90 19.05
CA PRO B 743 -33.36 22.94 19.38
C PRO B 743 -33.03 22.42 20.76
N LEU B 744 -33.96 22.51 21.71
CA LEU B 744 -33.72 21.96 23.04
C LEU B 744 -33.61 20.45 22.99
N PHE B 745 -34.55 19.79 22.31
CA PHE B 745 -34.45 18.35 22.12
C PHE B 745 -33.19 17.97 21.36
N CYS B 746 -32.84 18.77 20.35
CA CYS B 746 -31.62 18.45 19.60
C CYS B 746 -30.37 18.62 20.45
N ILE B 747 -30.36 19.57 21.38
CA ILE B 747 -29.23 19.72 22.29
C ILE B 747 -29.11 18.52 23.21
N VAL B 748 -30.24 18.09 23.79
CA VAL B 748 -30.20 16.92 24.66
C VAL B 748 -29.75 15.69 23.89
N ALA B 749 -30.29 15.52 22.67
CA ALA B 749 -29.90 14.37 21.86
C ALA B 749 -28.43 14.43 21.47
N THR B 750 -27.91 15.63 21.21
CA THR B 750 -26.50 15.80 20.90
C THR B 750 -25.64 15.34 22.07
N ALA B 751 -25.96 15.82 23.28
CA ALA B 751 -25.18 15.44 24.45
C ALA B 751 -25.22 13.92 24.68
N VAL B 752 -26.42 13.34 24.61
CA VAL B 752 -26.56 11.91 24.88
C VAL B 752 -25.82 11.09 23.83
N MET B 753 -26.04 11.39 22.55
CA MET B 753 -25.41 10.62 21.50
C MET B 753 -23.90 10.79 21.52
N TRP B 754 -23.39 11.97 21.90
CA TRP B 754 -21.95 12.14 21.94
C TRP B 754 -21.35 11.37 23.10
N ALA B 755 -22.03 11.34 24.25
CA ALA B 755 -21.54 10.53 25.37
C ALA B 755 -21.48 9.05 24.97
N ALA B 756 -22.55 8.54 24.38
CA ALA B 756 -22.57 7.13 24.00
C ALA B 756 -21.55 6.82 22.92
N ALA B 757 -21.47 7.66 21.89
CA ALA B 757 -20.50 7.47 20.82
C ALA B 757 -19.08 7.50 21.34
N LEU B 758 -18.80 8.39 22.29
CA LEU B 758 -17.44 8.47 22.81
C LEU B 758 -17.11 7.30 23.71
N TYR B 759 -18.11 6.76 24.40
CA TYR B 759 -17.87 5.50 25.12
C TYR B 759 -17.46 4.41 24.14
N PHE B 760 -18.24 4.23 23.07
CA PHE B 760 -17.89 3.18 22.11
C PHE B 760 -16.65 3.51 21.30
N PHE B 761 -16.20 4.75 21.31
CA PHE B 761 -14.98 5.14 20.61
C PHE B 761 -13.74 4.68 21.35
N PHE B 762 -13.79 4.62 22.67
CA PHE B 762 -12.63 4.24 23.47
C PHE B 762 -12.46 2.74 23.58
N GLN B 763 -13.34 1.95 22.97
CA GLN B 763 -13.17 0.50 22.95
C GLN B 763 -12.21 0.16 21.82
N ASN B 764 -10.98 -0.17 22.18
CA ASN B 764 -9.92 -0.44 21.21
C ASN B 764 -9.96 -1.92 20.86
N LEU B 765 -10.43 -2.22 19.65
CA LEU B 765 -10.56 -3.59 19.19
C LEU B 765 -9.49 -4.00 18.20
N SER B 766 -8.75 -3.05 17.66
CA SER B 766 -7.62 -3.34 16.79
C SER B 766 -6.69 -2.15 16.82
N SER B 767 -5.54 -2.30 16.19
CA SER B 767 -4.54 -1.24 16.18
C SER B 767 -3.97 -1.14 14.78
N TRP B 768 -3.09 -0.19 14.61
CA TRP B 768 -2.11 -0.23 13.54
C TRP B 768 -0.76 0.24 14.04
N GLU B 769 -0.67 0.65 15.31
CA GLU B 769 0.59 1.10 15.88
C GLU B 769 1.59 -0.05 15.95
N GLY B 770 1.17 -1.18 16.50
CA GLY B 770 2.04 -2.32 16.70
C GLY B 770 1.98 -3.31 15.56
N THR B 771 2.31 -4.55 15.88
CA THR B 771 2.30 -5.64 14.95
C THR B 771 0.91 -6.25 14.84
N PRO B 772 0.64 -7.05 13.81
CA PRO B 772 -0.68 -7.68 13.69
C PRO B 772 -1.06 -8.55 14.89
N ALA B 773 -0.10 -9.24 15.50
CA ALA B 773 -0.42 -10.05 16.67
C ALA B 773 -0.80 -9.18 17.86
N GLU B 774 -0.11 -8.05 18.05
CA GLU B 774 -0.45 -7.15 19.14
C GLU B 774 -1.84 -6.56 18.95
N SER B 775 -2.25 -6.31 17.72
CA SER B 775 -3.59 -5.80 17.48
C SER B 775 -4.63 -6.89 17.66
N ARG B 776 -4.30 -8.13 17.28
CA ARG B 776 -5.20 -9.24 17.52
C ARG B 776 -5.39 -9.52 18.99
N GLU B 777 -4.43 -9.15 19.83
CA GLU B 777 -4.65 -9.23 21.28
C GLU B 777 -5.90 -8.48 21.72
N LYS B 778 -6.34 -7.49 20.95
CA LYS B 778 -7.42 -6.60 21.36
C LYS B 778 -8.78 -7.00 20.80
N ASN B 779 -8.85 -8.00 19.94
CA ASN B 779 -10.09 -8.33 19.27
C ASN B 779 -11.15 -8.80 20.25
N ARG B 780 -12.41 -8.53 19.91
CA ARG B 780 -13.55 -8.92 20.74
C ARG B 780 -14.65 -9.46 19.85
N GLU B 781 -15.54 -10.25 20.44
CA GLU B 781 -16.69 -10.76 19.74
C GLU B 781 -17.68 -9.63 19.45
N CYS B 782 -18.64 -9.92 18.59
CA CYS B 782 -19.65 -8.95 18.23
C CYS B 782 -20.58 -8.68 19.41
N ILE B 783 -20.92 -7.41 19.60
CA ILE B 783 -21.70 -6.99 20.76
C ILE B 783 -23.19 -6.82 20.45
N LEU B 784 -23.56 -6.67 19.18
CA LEU B 784 -24.93 -6.38 18.79
C LEU B 784 -25.34 -7.27 17.63
N LEU B 785 -26.42 -8.02 17.81
CA LEU B 785 -27.04 -8.83 16.76
C LEU B 785 -26.10 -9.89 16.21
N ASP B 786 -25.05 -10.25 16.94
CA ASP B 786 -24.02 -11.18 16.48
C ASP B 786 -23.31 -10.69 15.23
N PHE B 787 -23.39 -9.40 14.93
CA PHE B 787 -22.87 -8.89 13.67
C PHE B 787 -21.98 -7.66 13.85
N PHE B 788 -22.26 -6.86 14.88
CA PHE B 788 -21.59 -5.57 15.06
C PHE B 788 -20.78 -5.57 16.34
N ASP B 789 -19.59 -5.00 16.28
CA ASP B 789 -18.73 -4.82 17.44
C ASP B 789 -18.80 -3.39 17.93
N ASP B 790 -17.93 -3.04 18.87
CA ASP B 790 -17.95 -1.70 19.47
C ASP B 790 -17.64 -0.61 18.46
N HIS B 791 -16.75 -0.89 17.50
CA HIS B 791 -16.42 0.12 16.51
C HIS B 791 -17.57 0.38 15.55
N ASP B 792 -18.36 -0.65 15.25
CA ASP B 792 -19.56 -0.45 14.44
C ASP B 792 -20.55 0.45 15.15
N ILE B 793 -20.72 0.25 16.46
CA ILE B 793 -21.59 1.13 17.22
C ILE B 793 -21.02 2.53 17.26
N TRP B 794 -19.69 2.67 17.28
CA TRP B 794 -19.10 3.99 17.16
C TRP B 794 -19.50 4.66 15.86
N HIS B 795 -19.47 3.91 14.75
CA HIS B 795 -19.93 4.47 13.48
C HIS B 795 -21.37 4.94 13.56
N PHE B 796 -22.26 4.06 14.00
CA PHE B 796 -23.68 4.40 14.11
C PHE B 796 -23.89 5.65 14.96
N LEU B 797 -23.34 5.64 16.16
CA LEU B 797 -23.62 6.70 17.12
C LEU B 797 -22.90 7.98 16.79
N SER B 798 -21.76 7.94 16.11
CA SER B 798 -21.12 9.16 15.68
C SER B 798 -21.89 9.80 14.53
N ALA B 799 -22.44 8.98 13.64
CA ALA B 799 -23.34 9.53 12.63
C ALA B 799 -24.53 10.22 13.28
N THR B 800 -25.16 9.57 14.25
CA THR B 800 -26.32 10.18 14.91
C THR B 800 -25.94 11.44 15.68
N ALA B 801 -24.79 11.43 16.36
CA ALA B 801 -24.37 12.60 17.13
C ALA B 801 -24.05 13.77 16.23
N LEU B 802 -23.36 13.54 15.11
CA LEU B 802 -23.09 14.61 14.16
C LEU B 802 -24.38 15.14 13.55
N PHE B 803 -25.34 14.25 13.26
CA PHE B 803 -26.63 14.68 12.73
C PHE B 803 -27.32 15.62 13.70
N PHE B 804 -27.35 15.25 14.99
CA PHE B 804 -28.06 16.09 15.95
C PHE B 804 -27.31 17.39 16.24
N SER B 805 -25.99 17.38 16.13
CA SER B 805 -25.25 18.64 16.25
C SER B 805 -25.53 19.56 15.07
N PHE B 806 -25.61 19.00 13.86
CA PHE B 806 -26.05 19.77 12.71
C PHE B 806 -27.42 20.38 12.97
N LEU B 807 -28.33 19.60 13.54
CA LEU B 807 -29.67 20.10 13.81
C LEU B 807 -29.65 21.23 14.83
N VAL B 808 -28.81 21.11 15.86
CA VAL B 808 -28.67 22.21 16.82
C VAL B 808 -28.21 23.46 16.10
N LEU B 809 -27.15 23.35 15.28
CA LEU B 809 -26.64 24.52 14.57
C LEU B 809 -27.71 25.12 13.68
N LEU B 810 -28.55 24.28 13.06
CA LEU B 810 -29.54 24.78 12.13
C LEU B 810 -30.70 25.46 12.85
N THR B 811 -31.12 24.91 13.99
CA THR B 811 -32.38 25.29 14.60
C THR B 811 -32.23 26.06 15.90
N LEU B 812 -31.01 26.43 16.29
CA LEU B 812 -30.85 27.11 17.57
C LEU B 812 -31.46 28.50 17.56
N ASP B 813 -31.24 29.27 16.50
CA ASP B 813 -31.62 30.68 16.46
C ASP B 813 -33.01 30.89 15.89
N ASP B 814 -33.89 29.90 15.99
CA ASP B 814 -35.24 30.05 15.49
C ASP B 814 -36.11 30.91 16.39
N ASP B 815 -35.76 31.07 17.66
CA ASP B 815 -36.51 31.95 18.54
C ASP B 815 -36.43 33.40 18.11
N LEU B 816 -35.56 33.73 17.16
CA LEU B 816 -35.42 35.09 16.68
C LEU B 816 -36.38 35.32 15.51
N ASP B 817 -37.67 35.29 15.85
CA ASP B 817 -38.72 35.84 15.00
C ASP B 817 -38.90 37.33 15.23
N VAL B 818 -37.90 37.97 15.81
CA VAL B 818 -37.96 39.36 16.17
C VAL B 818 -37.32 40.19 15.07
N VAL B 819 -37.74 41.45 14.96
CA VAL B 819 -37.05 42.36 14.07
C VAL B 819 -35.63 42.56 14.59
N ARG B 820 -34.71 42.82 13.68
CA ARG B 820 -33.27 42.74 13.97
C ARG B 820 -32.84 43.90 14.85
N ARG B 821 -32.82 43.68 16.16
CA ARG B 821 -32.11 44.62 17.02
C ARG B 821 -31.14 43.86 17.92
N ASP B 822 -30.46 42.86 17.35
CA ASP B 822 -29.59 42.00 18.11
C ASP B 822 -28.21 42.63 18.24
N GLN B 823 -27.31 41.96 18.95
CA GLN B 823 -25.95 42.48 19.15
C GLN B 823 -25.18 42.45 17.85
#